data_4FVB
# 
_entry.id   4FVB 
# 
_audit_conform.dict_name       mmcif_pdbx.dic 
_audit_conform.dict_version    5.399 
_audit_conform.dict_location   http://mmcif.pdb.org/dictionaries/ascii/mmcif_pdbx.dic 
# 
loop_
_database_2.database_id 
_database_2.database_code 
_database_2.pdbx_database_accession 
_database_2.pdbx_DOI 
PDB   4FVB         pdb_00004fvb 10.2210/pdb4fvb/pdb 
RCSB  RCSB073400   ?            ?                   
WWPDB D_1000073400 ?            ?                   
# 
loop_
_pdbx_audit_revision_history.ordinal 
_pdbx_audit_revision_history.data_content_type 
_pdbx_audit_revision_history.major_revision 
_pdbx_audit_revision_history.minor_revision 
_pdbx_audit_revision_history.revision_date 
1 'Structure model' 1 0 2013-06-19 
2 'Structure model' 1 1 2023-11-08 
3 'Structure model' 1 2 2024-11-20 
# 
_pdbx_audit_revision_details.ordinal             1 
_pdbx_audit_revision_details.revision_ordinal    1 
_pdbx_audit_revision_details.data_content_type   'Structure model' 
_pdbx_audit_revision_details.provider            repository 
_pdbx_audit_revision_details.type                'Initial release' 
_pdbx_audit_revision_details.description         ? 
_pdbx_audit_revision_details.details             ? 
# 
loop_
_pdbx_audit_revision_group.ordinal 
_pdbx_audit_revision_group.revision_ordinal 
_pdbx_audit_revision_group.data_content_type 
_pdbx_audit_revision_group.group 
1 2 'Structure model' 'Data collection'        
2 2 'Structure model' 'Database references'    
3 2 'Structure model' 'Derived calculations'   
4 2 'Structure model' 'Refinement description' 
5 3 'Structure model' 'Structure summary'      
# 
loop_
_pdbx_audit_revision_category.ordinal 
_pdbx_audit_revision_category.revision_ordinal 
_pdbx_audit_revision_category.data_content_type 
_pdbx_audit_revision_category.category 
1  2 'Structure model' chem_comp_atom                
2  2 'Structure model' chem_comp_bond                
3  2 'Structure model' database_2                    
4  2 'Structure model' pdbx_initial_refinement_model 
5  2 'Structure model' pdbx_struct_conn_angle        
6  2 'Structure model' struct_conn                   
7  2 'Structure model' struct_ref_seq_dif            
8  2 'Structure model' struct_site                   
9  3 'Structure model' pdbx_entry_details            
10 3 'Structure model' pdbx_modification_feature     
# 
loop_
_pdbx_audit_revision_item.ordinal 
_pdbx_audit_revision_item.revision_ordinal 
_pdbx_audit_revision_item.data_content_type 
_pdbx_audit_revision_item.item 
1  2 'Structure model' '_database_2.pdbx_DOI'                        
2  2 'Structure model' '_database_2.pdbx_database_accession'         
3  2 'Structure model' '_pdbx_struct_conn_angle.ptnr1_auth_comp_id'  
4  2 'Structure model' '_pdbx_struct_conn_angle.ptnr1_auth_seq_id'   
5  2 'Structure model' '_pdbx_struct_conn_angle.ptnr1_label_atom_id' 
6  2 'Structure model' '_pdbx_struct_conn_angle.ptnr1_label_comp_id' 
7  2 'Structure model' '_pdbx_struct_conn_angle.ptnr1_label_seq_id'  
8  2 'Structure model' '_pdbx_struct_conn_angle.ptnr3_auth_comp_id'  
9  2 'Structure model' '_pdbx_struct_conn_angle.ptnr3_auth_seq_id'   
10 2 'Structure model' '_pdbx_struct_conn_angle.ptnr3_label_atom_id' 
11 2 'Structure model' '_pdbx_struct_conn_angle.ptnr3_label_comp_id' 
12 2 'Structure model' '_pdbx_struct_conn_angle.ptnr3_label_seq_id'  
13 2 'Structure model' '_pdbx_struct_conn_angle.value'               
14 2 'Structure model' '_struct_conn.pdbx_dist_value'                
15 2 'Structure model' '_struct_conn.ptnr1_auth_comp_id'             
16 2 'Structure model' '_struct_conn.ptnr1_auth_seq_id'              
17 2 'Structure model' '_struct_conn.ptnr1_label_atom_id'            
18 2 'Structure model' '_struct_conn.ptnr1_label_comp_id'            
19 2 'Structure model' '_struct_conn.ptnr1_label_seq_id'             
20 2 'Structure model' '_struct_ref_seq_dif.details'                 
21 2 'Structure model' '_struct_site.pdbx_auth_asym_id'              
22 2 'Structure model' '_struct_site.pdbx_auth_comp_id'              
23 2 'Structure model' '_struct_site.pdbx_auth_seq_id'               
# 
_pdbx_database_status.entry_id                        4FVB 
_pdbx_database_status.status_code                     REL 
_pdbx_database_status.methods_development_category    ? 
_pdbx_database_status.deposit_site                    RCSB 
_pdbx_database_status.process_site                    PDBJ 
_pdbx_database_status.recvd_initial_deposition_date   2012-06-29 
_pdbx_database_status.status_code_sf                  REL 
_pdbx_database_status.status_code_mr                  ? 
_pdbx_database_status.SG_entry                        ? 
_pdbx_database_status.status_code_cs                  ? 
_pdbx_database_status.pdb_format_compatible           Y 
_pdbx_database_status.status_code_nmr_data            ? 
# 
loop_
_audit_author.name 
_audit_author.pdbx_ordinal 
'Cai, Q.'      1  
'Muhammad, Y.' 2  
'Liu, W.'      3  
'Gao, Z.'      4  
'Peng, X.'     5  
'Cai, Y.'      6  
'Wu, C.'       7  
'Zheng, Q.'    8  
'Li, J.'       9  
'Lin, T.'      10 
# 
_citation.id                        primary 
_citation.title                     'Conformational Plasticity of 2A Proteinase from Enterovirus 71' 
_citation.journal_abbrev            J.Virol. 
_citation.journal_volume            87 
_citation.page_first                7348 
_citation.page_last                 7356 
_citation.year                      2013 
_citation.journal_id_ASTM           JOVIAM 
_citation.country                   US 
_citation.journal_id_ISSN           0022-538X 
_citation.journal_id_CSD            0825 
_citation.book_publisher            ? 
_citation.pdbx_database_id_PubMed   23616646 
_citation.pdbx_database_id_DOI      10.1128/JVI.03541-12 
# 
loop_
_citation_author.citation_id 
_citation_author.name 
_citation_author.ordinal 
_citation_author.identifier_ORCID 
primary 'Cai, Q.'    1  ? 
primary 'Yameen, M.' 2  ? 
primary 'Liu, W.'    3  ? 
primary 'Gao, Z.'    4  ? 
primary 'Li, Y.'     5  ? 
primary 'Peng, X.'   6  ? 
primary 'Cai, Y.'    7  ? 
primary 'Wu, C.'     8  ? 
primary 'Zheng, Q.'  9  ? 
primary 'Li, J.'     10 ? 
primary 'Lin, T.'    11 ? 
# 
loop_
_entity.id 
_entity.type 
_entity.src_method 
_entity.pdbx_description 
_entity.formula_weight 
_entity.pdbx_number_of_molecules 
_entity.pdbx_ec 
_entity.pdbx_mutation 
_entity.pdbx_fragment 
_entity.details 
1 polymer     man '2A proteinase' 16706.549 1   3.4.22.29 C110A ? ? 
2 non-polymer syn 'ZINC ION'      65.409    1   ?         ?     ? ? 
3 water       nat water           18.015    115 ?         ?     ? ? 
# 
_entity_poly.entity_id                      1 
_entity_poly.type                           'polypeptide(L)' 
_entity_poly.nstd_linkage                   no 
_entity_poly.nstd_monomer                   no 
_entity_poly.pdbx_seq_one_letter_code       
;GSGKFGQQSGAIYVGNFRVVNRHLATHNDWANLVWEDSSRDLLVSSTTAQGCDTIARCNCQTGVYYCNSRRKHYPVSFSK
PSLIYVEASEYYPARYQSHLMLAQGHSEPGDAGGILRCQHGVVGIVSTGGNGLVGFADVRDLLWLDEEAMEQ
;
_entity_poly.pdbx_seq_one_letter_code_can   
;GSGKFGQQSGAIYVGNFRVVNRHLATHNDWANLVWEDSSRDLLVSSTTAQGCDTIARCNCQTGVYYCNSRRKHYPVSFSK
PSLIYVEASEYYPARYQSHLMLAQGHSEPGDAGGILRCQHGVVGIVSTGGNGLVGFADVRDLLWLDEEAMEQ
;
_entity_poly.pdbx_strand_id                 A 
_entity_poly.pdbx_target_identifier         ? 
# 
loop_
_pdbx_entity_nonpoly.entity_id 
_pdbx_entity_nonpoly.name 
_pdbx_entity_nonpoly.comp_id 
2 'ZINC ION' ZN  
3 water      HOH 
# 
loop_
_entity_poly_seq.entity_id 
_entity_poly_seq.num 
_entity_poly_seq.mon_id 
_entity_poly_seq.hetero 
1 1   GLY n 
1 2   SER n 
1 3   GLY n 
1 4   LYS n 
1 5   PHE n 
1 6   GLY n 
1 7   GLN n 
1 8   GLN n 
1 9   SER n 
1 10  GLY n 
1 11  ALA n 
1 12  ILE n 
1 13  TYR n 
1 14  VAL n 
1 15  GLY n 
1 16  ASN n 
1 17  PHE n 
1 18  ARG n 
1 19  VAL n 
1 20  VAL n 
1 21  ASN n 
1 22  ARG n 
1 23  HIS n 
1 24  LEU n 
1 25  ALA n 
1 26  THR n 
1 27  HIS n 
1 28  ASN n 
1 29  ASP n 
1 30  TRP n 
1 31  ALA n 
1 32  ASN n 
1 33  LEU n 
1 34  VAL n 
1 35  TRP n 
1 36  GLU n 
1 37  ASP n 
1 38  SER n 
1 39  SER n 
1 40  ARG n 
1 41  ASP n 
1 42  LEU n 
1 43  LEU n 
1 44  VAL n 
1 45  SER n 
1 46  SER n 
1 47  THR n 
1 48  THR n 
1 49  ALA n 
1 50  GLN n 
1 51  GLY n 
1 52  CYS n 
1 53  ASP n 
1 54  THR n 
1 55  ILE n 
1 56  ALA n 
1 57  ARG n 
1 58  CYS n 
1 59  ASN n 
1 60  CYS n 
1 61  GLN n 
1 62  THR n 
1 63  GLY n 
1 64  VAL n 
1 65  TYR n 
1 66  TYR n 
1 67  CYS n 
1 68  ASN n 
1 69  SER n 
1 70  ARG n 
1 71  ARG n 
1 72  LYS n 
1 73  HIS n 
1 74  TYR n 
1 75  PRO n 
1 76  VAL n 
1 77  SER n 
1 78  PHE n 
1 79  SER n 
1 80  LYS n 
1 81  PRO n 
1 82  SER n 
1 83  LEU n 
1 84  ILE n 
1 85  TYR n 
1 86  VAL n 
1 87  GLU n 
1 88  ALA n 
1 89  SER n 
1 90  GLU n 
1 91  TYR n 
1 92  TYR n 
1 93  PRO n 
1 94  ALA n 
1 95  ARG n 
1 96  TYR n 
1 97  GLN n 
1 98  SER n 
1 99  HIS n 
1 100 LEU n 
1 101 MET n 
1 102 LEU n 
1 103 ALA n 
1 104 GLN n 
1 105 GLY n 
1 106 HIS n 
1 107 SER n 
1 108 GLU n 
1 109 PRO n 
1 110 GLY n 
1 111 ASP n 
1 112 ALA n 
1 113 GLY n 
1 114 GLY n 
1 115 ILE n 
1 116 LEU n 
1 117 ARG n 
1 118 CYS n 
1 119 GLN n 
1 120 HIS n 
1 121 GLY n 
1 122 VAL n 
1 123 VAL n 
1 124 GLY n 
1 125 ILE n 
1 126 VAL n 
1 127 SER n 
1 128 THR n 
1 129 GLY n 
1 130 GLY n 
1 131 ASN n 
1 132 GLY n 
1 133 LEU n 
1 134 VAL n 
1 135 GLY n 
1 136 PHE n 
1 137 ALA n 
1 138 ASP n 
1 139 VAL n 
1 140 ARG n 
1 141 ASP n 
1 142 LEU n 
1 143 LEU n 
1 144 TRP n 
1 145 LEU n 
1 146 ASP n 
1 147 GLU n 
1 148 GLU n 
1 149 ALA n 
1 150 MET n 
1 151 GLU n 
1 152 GLN n 
# 
_entity_src_gen.entity_id                          1 
_entity_src_gen.pdbx_src_id                        1 
_entity_src_gen.pdbx_alt_source_flag               sample 
_entity_src_gen.pdbx_seq_type                      ? 
_entity_src_gen.pdbx_beg_seq_num                   ? 
_entity_src_gen.pdbx_end_seq_num                   ? 
_entity_src_gen.gene_src_common_name               ? 
_entity_src_gen.gene_src_genus                     ? 
_entity_src_gen.pdbx_gene_src_gene                 ? 
_entity_src_gen.gene_src_species                   ? 
_entity_src_gen.gene_src_strain                    E2004104-TW-CDC 
_entity_src_gen.gene_src_tissue                    ? 
_entity_src_gen.gene_src_tissue_fraction           ? 
_entity_src_gen.gene_src_details                   ? 
_entity_src_gen.pdbx_gene_src_fragment             ? 
_entity_src_gen.pdbx_gene_src_scientific_name      'Human enterovirus 71' 
_entity_src_gen.pdbx_gene_src_ncbi_taxonomy_id     39054 
_entity_src_gen.pdbx_gene_src_variant              ? 
_entity_src_gen.pdbx_gene_src_cell_line            ? 
_entity_src_gen.pdbx_gene_src_atcc                 ? 
_entity_src_gen.pdbx_gene_src_organ                ? 
_entity_src_gen.pdbx_gene_src_organelle            ? 
_entity_src_gen.pdbx_gene_src_cell                 ? 
_entity_src_gen.pdbx_gene_src_cellular_location    ? 
_entity_src_gen.host_org_common_name               ? 
_entity_src_gen.pdbx_host_org_scientific_name      'Escherichia coli' 
_entity_src_gen.pdbx_host_org_ncbi_taxonomy_id     562 
_entity_src_gen.host_org_genus                     ? 
_entity_src_gen.pdbx_host_org_gene                 ? 
_entity_src_gen.pdbx_host_org_organ                ? 
_entity_src_gen.host_org_species                   ? 
_entity_src_gen.pdbx_host_org_tissue               ? 
_entity_src_gen.pdbx_host_org_tissue_fraction      ? 
_entity_src_gen.pdbx_host_org_strain               'BL21(DE3)pLysS' 
_entity_src_gen.pdbx_host_org_variant              ? 
_entity_src_gen.pdbx_host_org_cell_line            ? 
_entity_src_gen.pdbx_host_org_atcc                 ? 
_entity_src_gen.pdbx_host_org_culture_collection   ? 
_entity_src_gen.pdbx_host_org_cell                 ? 
_entity_src_gen.pdbx_host_org_organelle            ? 
_entity_src_gen.pdbx_host_org_cellular_location    ? 
_entity_src_gen.pdbx_host_org_vector_type          plasmid 
_entity_src_gen.pdbx_host_org_vector               ? 
_entity_src_gen.host_org_details                   ? 
_entity_src_gen.expression_system_id               ? 
_entity_src_gen.plasmid_name                       pGEX-4T-1 
_entity_src_gen.plasmid_details                    ? 
_entity_src_gen.pdbx_description                   ? 
# 
loop_
_chem_comp.id 
_chem_comp.type 
_chem_comp.mon_nstd_flag 
_chem_comp.name 
_chem_comp.pdbx_synonyms 
_chem_comp.formula 
_chem_comp.formula_weight 
ALA 'L-peptide linking' y ALANINE         ? 'C3 H7 N O2'     89.093  
ARG 'L-peptide linking' y ARGININE        ? 'C6 H15 N4 O2 1' 175.209 
ASN 'L-peptide linking' y ASPARAGINE      ? 'C4 H8 N2 O3'    132.118 
ASP 'L-peptide linking' y 'ASPARTIC ACID' ? 'C4 H7 N O4'     133.103 
CYS 'L-peptide linking' y CYSTEINE        ? 'C3 H7 N O2 S'   121.158 
GLN 'L-peptide linking' y GLUTAMINE       ? 'C5 H10 N2 O3'   146.144 
GLU 'L-peptide linking' y 'GLUTAMIC ACID' ? 'C5 H9 N O4'     147.129 
GLY 'peptide linking'   y GLYCINE         ? 'C2 H5 N O2'     75.067  
HIS 'L-peptide linking' y HISTIDINE       ? 'C6 H10 N3 O2 1' 156.162 
HOH non-polymer         . WATER           ? 'H2 O'           18.015  
ILE 'L-peptide linking' y ISOLEUCINE      ? 'C6 H13 N O2'    131.173 
LEU 'L-peptide linking' y LEUCINE         ? 'C6 H13 N O2'    131.173 
LYS 'L-peptide linking' y LYSINE          ? 'C6 H15 N2 O2 1' 147.195 
MET 'L-peptide linking' y METHIONINE      ? 'C5 H11 N O2 S'  149.211 
PHE 'L-peptide linking' y PHENYLALANINE   ? 'C9 H11 N O2'    165.189 
PRO 'L-peptide linking' y PROLINE         ? 'C5 H9 N O2'     115.130 
SER 'L-peptide linking' y SERINE          ? 'C3 H7 N O3'     105.093 
THR 'L-peptide linking' y THREONINE       ? 'C4 H9 N O3'     119.119 
TRP 'L-peptide linking' y TRYPTOPHAN      ? 'C11 H12 N2 O2'  204.225 
TYR 'L-peptide linking' y TYROSINE        ? 'C9 H11 N O3'    181.189 
VAL 'L-peptide linking' y VALINE          ? 'C5 H11 N O2'    117.146 
ZN  non-polymer         . 'ZINC ION'      ? 'Zn 2'           65.409  
# 
loop_
_pdbx_poly_seq_scheme.asym_id 
_pdbx_poly_seq_scheme.entity_id 
_pdbx_poly_seq_scheme.seq_id 
_pdbx_poly_seq_scheme.mon_id 
_pdbx_poly_seq_scheme.ndb_seq_num 
_pdbx_poly_seq_scheme.pdb_seq_num 
_pdbx_poly_seq_scheme.auth_seq_num 
_pdbx_poly_seq_scheme.pdb_mon_id 
_pdbx_poly_seq_scheme.auth_mon_id 
_pdbx_poly_seq_scheme.pdb_strand_id 
_pdbx_poly_seq_scheme.pdb_ins_code 
_pdbx_poly_seq_scheme.hetero 
A 1 1   GLY 1   -1  ?   ?   ?   A . n 
A 1 2   SER 2   0   ?   ?   ?   A . n 
A 1 3   GLY 3   1   ?   ?   ?   A . n 
A 1 4   LYS 4   2   ?   ?   ?   A . n 
A 1 5   PHE 5   3   ?   ?   ?   A . n 
A 1 6   GLY 6   4   ?   ?   ?   A . n 
A 1 7   GLN 7   5   ?   ?   ?   A . n 
A 1 8   GLN 8   6   ?   ?   ?   A . n 
A 1 9   SER 9   7   7   SER SER A . n 
A 1 10  GLY 10  8   8   GLY GLY A . n 
A 1 11  ALA 11  9   9   ALA ALA A . n 
A 1 12  ILE 12  10  10  ILE ILE A . n 
A 1 13  TYR 13  11  11  TYR TYR A . n 
A 1 14  VAL 14  12  12  VAL VAL A . n 
A 1 15  GLY 15  13  13  GLY GLY A . n 
A 1 16  ASN 16  14  14  ASN ASN A . n 
A 1 17  PHE 17  15  15  PHE PHE A . n 
A 1 18  ARG 18  16  16  ARG ARG A . n 
A 1 19  VAL 19  17  17  VAL VAL A . n 
A 1 20  VAL 20  18  18  VAL VAL A . n 
A 1 21  ASN 21  19  19  ASN ASN A . n 
A 1 22  ARG 22  20  20  ARG ARG A . n 
A 1 23  HIS 23  21  21  HIS HIS A . n 
A 1 24  LEU 24  22  22  LEU LEU A . n 
A 1 25  ALA 25  23  23  ALA ALA A . n 
A 1 26  THR 26  24  24  THR THR A . n 
A 1 27  HIS 27  25  25  HIS HIS A . n 
A 1 28  ASN 28  26  26  ASN ASN A . n 
A 1 29  ASP 29  27  27  ASP ASP A . n 
A 1 30  TRP 30  28  28  TRP TRP A . n 
A 1 31  ALA 31  29  29  ALA ALA A . n 
A 1 32  ASN 32  30  30  ASN ASN A . n 
A 1 33  LEU 33  31  31  LEU LEU A . n 
A 1 34  VAL 34  32  32  VAL VAL A . n 
A 1 35  TRP 35  33  33  TRP TRP A . n 
A 1 36  GLU 36  34  34  GLU GLU A . n 
A 1 37  ASP 37  35  35  ASP ASP A . n 
A 1 38  SER 38  36  36  SER SER A . n 
A 1 39  SER 39  37  37  SER SER A . n 
A 1 40  ARG 40  38  38  ARG ARG A . n 
A 1 41  ASP 41  39  39  ASP ASP A . n 
A 1 42  LEU 42  40  40  LEU LEU A . n 
A 1 43  LEU 43  41  41  LEU LEU A . n 
A 1 44  VAL 44  42  42  VAL VAL A . n 
A 1 45  SER 45  43  43  SER SER A . n 
A 1 46  SER 46  44  44  SER SER A . n 
A 1 47  THR 47  45  45  THR THR A . n 
A 1 48  THR 48  46  46  THR THR A . n 
A 1 49  ALA 49  47  47  ALA ALA A . n 
A 1 50  GLN 50  48  48  GLN GLN A . n 
A 1 51  GLY 51  49  49  GLY GLY A . n 
A 1 52  CYS 52  50  50  CYS CYS A . n 
A 1 53  ASP 53  51  51  ASP ASP A . n 
A 1 54  THR 54  52  52  THR THR A . n 
A 1 55  ILE 55  53  53  ILE ILE A . n 
A 1 56  ALA 56  54  54  ALA ALA A . n 
A 1 57  ARG 57  55  55  ARG ARG A . n 
A 1 58  CYS 58  56  56  CYS CYS A . n 
A 1 59  ASN 59  57  57  ASN ASN A . n 
A 1 60  CYS 60  58  58  CYS CYS A . n 
A 1 61  GLN 61  59  59  GLN GLN A . n 
A 1 62  THR 62  60  60  THR THR A . n 
A 1 63  GLY 63  61  61  GLY GLY A . n 
A 1 64  VAL 64  62  62  VAL VAL A . n 
A 1 65  TYR 65  63  63  TYR TYR A . n 
A 1 66  TYR 66  64  64  TYR TYR A . n 
A 1 67  CYS 67  65  65  CYS CYS A . n 
A 1 68  ASN 68  66  66  ASN ASN A . n 
A 1 69  SER 69  67  67  SER SER A . n 
A 1 70  ARG 70  68  68  ARG ARG A . n 
A 1 71  ARG 71  69  69  ARG ARG A . n 
A 1 72  LYS 72  70  70  LYS LYS A . n 
A 1 73  HIS 73  71  71  HIS HIS A . n 
A 1 74  TYR 74  72  72  TYR TYR A . n 
A 1 75  PRO 75  73  73  PRO PRO A . n 
A 1 76  VAL 76  74  74  VAL VAL A . n 
A 1 77  SER 77  75  75  SER SER A . n 
A 1 78  PHE 78  76  76  PHE PHE A . n 
A 1 79  SER 79  77  77  SER SER A . n 
A 1 80  LYS 80  78  78  LYS LYS A . n 
A 1 81  PRO 81  79  79  PRO PRO A . n 
A 1 82  SER 82  80  80  SER SER A . n 
A 1 83  LEU 83  81  81  LEU LEU A . n 
A 1 84  ILE 84  82  82  ILE ILE A . n 
A 1 85  TYR 85  83  83  TYR TYR A . n 
A 1 86  VAL 86  84  84  VAL VAL A . n 
A 1 87  GLU 87  85  85  GLU GLU A . n 
A 1 88  ALA 88  86  86  ALA ALA A . n 
A 1 89  SER 89  87  87  SER SER A . n 
A 1 90  GLU 90  88  88  GLU GLU A . n 
A 1 91  TYR 91  89  89  TYR TYR A . n 
A 1 92  TYR 92  90  90  TYR TYR A . n 
A 1 93  PRO 93  91  91  PRO PRO A . n 
A 1 94  ALA 94  92  92  ALA ALA A . n 
A 1 95  ARG 95  93  93  ARG ARG A . n 
A 1 96  TYR 96  94  94  TYR TYR A . n 
A 1 97  GLN 97  95  95  GLN GLN A . n 
A 1 98  SER 98  96  96  SER SER A . n 
A 1 99  HIS 99  97  97  HIS HIS A . n 
A 1 100 LEU 100 98  98  LEU LEU A . n 
A 1 101 MET 101 99  99  MET MET A . n 
A 1 102 LEU 102 100 100 LEU LEU A . n 
A 1 103 ALA 103 101 101 ALA ALA A . n 
A 1 104 GLN 104 102 102 GLN GLN A . n 
A 1 105 GLY 105 103 103 GLY GLY A . n 
A 1 106 HIS 106 104 104 HIS HIS A . n 
A 1 107 SER 107 105 105 SER SER A . n 
A 1 108 GLU 108 106 106 GLU GLU A . n 
A 1 109 PRO 109 107 107 PRO PRO A . n 
A 1 110 GLY 110 108 108 GLY GLY A . n 
A 1 111 ASP 111 109 109 ASP ASP A . n 
A 1 112 ALA 112 110 110 ALA ALA A . n 
A 1 113 GLY 113 111 111 GLY GLY A . n 
A 1 114 GLY 114 112 112 GLY GLY A . n 
A 1 115 ILE 115 113 113 ILE ILE A . n 
A 1 116 LEU 116 114 114 LEU LEU A . n 
A 1 117 ARG 117 115 115 ARG ARG A . n 
A 1 118 CYS 118 116 116 CYS CYS A . n 
A 1 119 GLN 119 117 117 GLN GLN A . n 
A 1 120 HIS 120 118 118 HIS HIS A . n 
A 1 121 GLY 121 119 119 GLY GLY A . n 
A 1 122 VAL 122 120 120 VAL VAL A . n 
A 1 123 VAL 123 121 121 VAL VAL A . n 
A 1 124 GLY 124 122 122 GLY GLY A . n 
A 1 125 ILE 125 123 123 ILE ILE A . n 
A 1 126 VAL 126 124 124 VAL VAL A . n 
A 1 127 SER 127 125 125 SER SER A . n 
A 1 128 THR 128 126 126 THR THR A . n 
A 1 129 GLY 129 127 127 GLY GLY A . n 
A 1 130 GLY 130 128 128 GLY GLY A . n 
A 1 131 ASN 131 129 129 ASN ASN A . n 
A 1 132 GLY 132 130 130 GLY GLY A . n 
A 1 133 LEU 133 131 131 LEU LEU A . n 
A 1 134 VAL 134 132 132 VAL VAL A . n 
A 1 135 GLY 135 133 133 GLY GLY A . n 
A 1 136 PHE 136 134 134 PHE PHE A . n 
A 1 137 ALA 137 135 135 ALA ALA A . n 
A 1 138 ASP 138 136 136 ASP ASP A . n 
A 1 139 VAL 139 137 137 VAL VAL A . n 
A 1 140 ARG 140 138 138 ARG ARG A . n 
A 1 141 ASP 141 139 139 ASP ASP A . n 
A 1 142 LEU 142 140 140 LEU LEU A . n 
A 1 143 LEU 143 141 141 LEU LEU A . n 
A 1 144 TRP 144 142 142 TRP TRP A . n 
A 1 145 LEU 145 143 143 LEU LEU A . n 
A 1 146 ASP 146 144 144 ASP ASP A . n 
A 1 147 GLU 147 145 ?   ?   ?   A . n 
A 1 148 GLU 148 146 ?   ?   ?   A . n 
A 1 149 ALA 149 147 ?   ?   ?   A . n 
A 1 150 MET 150 148 ?   ?   ?   A . n 
A 1 151 GLU 151 149 ?   ?   ?   A . n 
A 1 152 GLN 152 150 ?   ?   ?   A . n 
# 
loop_
_pdbx_nonpoly_scheme.asym_id 
_pdbx_nonpoly_scheme.entity_id 
_pdbx_nonpoly_scheme.mon_id 
_pdbx_nonpoly_scheme.ndb_seq_num 
_pdbx_nonpoly_scheme.pdb_seq_num 
_pdbx_nonpoly_scheme.auth_seq_num 
_pdbx_nonpoly_scheme.pdb_mon_id 
_pdbx_nonpoly_scheme.auth_mon_id 
_pdbx_nonpoly_scheme.pdb_strand_id 
_pdbx_nonpoly_scheme.pdb_ins_code 
B 2 ZN  1   201 1   ZN  ZN  A . 
C 3 HOH 1   301 1   HOH HOH A . 
C 3 HOH 2   302 2   HOH HOH A . 
C 3 HOH 3   303 3   HOH HOH A . 
C 3 HOH 4   304 4   HOH HOH A . 
C 3 HOH 5   305 5   HOH HOH A . 
C 3 HOH 6   306 6   HOH HOH A . 
C 3 HOH 7   307 7   HOH HOH A . 
C 3 HOH 8   308 8   HOH HOH A . 
C 3 HOH 9   309 9   HOH HOH A . 
C 3 HOH 10  310 10  HOH HOH A . 
C 3 HOH 11  311 11  HOH HOH A . 
C 3 HOH 12  312 12  HOH HOH A . 
C 3 HOH 13  313 13  HOH HOH A . 
C 3 HOH 14  314 14  HOH HOH A . 
C 3 HOH 15  315 15  HOH HOH A . 
C 3 HOH 16  316 16  HOH HOH A . 
C 3 HOH 17  317 17  HOH HOH A . 
C 3 HOH 18  318 18  HOH HOH A . 
C 3 HOH 19  319 19  HOH HOH A . 
C 3 HOH 20  320 20  HOH HOH A . 
C 3 HOH 21  321 21  HOH HOH A . 
C 3 HOH 22  322 22  HOH HOH A . 
C 3 HOH 23  323 23  HOH HOH A . 
C 3 HOH 24  324 24  HOH HOH A . 
C 3 HOH 25  325 25  HOH HOH A . 
C 3 HOH 26  326 26  HOH HOH A . 
C 3 HOH 27  327 27  HOH HOH A . 
C 3 HOH 28  328 28  HOH HOH A . 
C 3 HOH 29  329 29  HOH HOH A . 
C 3 HOH 30  330 30  HOH HOH A . 
C 3 HOH 31  331 31  HOH HOH A . 
C 3 HOH 32  332 32  HOH HOH A . 
C 3 HOH 33  333 33  HOH HOH A . 
C 3 HOH 34  334 34  HOH HOH A . 
C 3 HOH 35  335 35  HOH HOH A . 
C 3 HOH 36  336 36  HOH HOH A . 
C 3 HOH 37  337 37  HOH HOH A . 
C 3 HOH 38  338 38  HOH HOH A . 
C 3 HOH 39  339 39  HOH HOH A . 
C 3 HOH 40  340 40  HOH HOH A . 
C 3 HOH 41  341 41  HOH HOH A . 
C 3 HOH 42  342 42  HOH HOH A . 
C 3 HOH 43  343 43  HOH HOH A . 
C 3 HOH 44  344 44  HOH HOH A . 
C 3 HOH 45  345 45  HOH HOH A . 
C 3 HOH 46  346 46  HOH HOH A . 
C 3 HOH 47  347 47  HOH HOH A . 
C 3 HOH 48  348 48  HOH HOH A . 
C 3 HOH 49  349 49  HOH HOH A . 
C 3 HOH 50  350 50  HOH HOH A . 
C 3 HOH 51  351 51  HOH HOH A . 
C 3 HOH 52  352 52  HOH HOH A . 
C 3 HOH 53  353 53  HOH HOH A . 
C 3 HOH 54  354 54  HOH HOH A . 
C 3 HOH 55  355 55  HOH HOH A . 
C 3 HOH 56  356 56  HOH HOH A . 
C 3 HOH 57  357 57  HOH HOH A . 
C 3 HOH 58  358 58  HOH HOH A . 
C 3 HOH 59  359 59  HOH HOH A . 
C 3 HOH 60  360 60  HOH HOH A . 
C 3 HOH 61  361 61  HOH HOH A . 
C 3 HOH 62  362 62  HOH HOH A . 
C 3 HOH 63  363 63  HOH HOH A . 
C 3 HOH 64  364 64  HOH HOH A . 
C 3 HOH 65  365 65  HOH HOH A . 
C 3 HOH 66  366 66  HOH HOH A . 
C 3 HOH 67  367 67  HOH HOH A . 
C 3 HOH 68  368 68  HOH HOH A . 
C 3 HOH 69  369 69  HOH HOH A . 
C 3 HOH 70  370 70  HOH HOH A . 
C 3 HOH 71  371 71  HOH HOH A . 
C 3 HOH 72  372 72  HOH HOH A . 
C 3 HOH 73  373 73  HOH HOH A . 
C 3 HOH 74  374 74  HOH HOH A . 
C 3 HOH 75  375 75  HOH HOH A . 
C 3 HOH 76  376 76  HOH HOH A . 
C 3 HOH 77  377 77  HOH HOH A . 
C 3 HOH 78  378 78  HOH HOH A . 
C 3 HOH 79  379 79  HOH HOH A . 
C 3 HOH 80  380 80  HOH HOH A . 
C 3 HOH 81  381 81  HOH HOH A . 
C 3 HOH 82  382 82  HOH HOH A . 
C 3 HOH 83  383 83  HOH HOH A . 
C 3 HOH 84  384 84  HOH HOH A . 
C 3 HOH 85  385 85  HOH HOH A . 
C 3 HOH 86  386 86  HOH HOH A . 
C 3 HOH 87  387 87  HOH HOH A . 
C 3 HOH 88  388 88  HOH HOH A . 
C 3 HOH 89  389 89  HOH HOH A . 
C 3 HOH 90  390 90  HOH HOH A . 
C 3 HOH 91  391 91  HOH HOH A . 
C 3 HOH 92  392 92  HOH HOH A . 
C 3 HOH 93  393 93  HOH HOH A . 
C 3 HOH 94  394 94  HOH HOH A . 
C 3 HOH 95  395 95  HOH HOH A . 
C 3 HOH 96  396 96  HOH HOH A . 
C 3 HOH 97  397 97  HOH HOH A . 
C 3 HOH 98  398 98  HOH HOH A . 
C 3 HOH 99  399 99  HOH HOH A . 
C 3 HOH 100 400 100 HOH HOH A . 
C 3 HOH 101 401 101 HOH HOH A . 
C 3 HOH 102 402 102 HOH HOH A . 
C 3 HOH 103 403 103 HOH HOH A . 
C 3 HOH 104 404 104 HOH HOH A . 
C 3 HOH 105 405 105 HOH HOH A . 
C 3 HOH 106 406 106 HOH HOH A . 
C 3 HOH 107 407 107 HOH HOH A . 
C 3 HOH 108 408 108 HOH HOH A . 
C 3 HOH 109 409 109 HOH HOH A . 
C 3 HOH 110 410 110 HOH HOH A . 
C 3 HOH 111 411 111 HOH HOH A . 
C 3 HOH 112 412 112 HOH HOH A . 
C 3 HOH 113 413 113 HOH HOH A . 
C 3 HOH 114 414 114 HOH HOH A . 
C 3 HOH 115 415 115 HOH HOH A . 
# 
loop_
_software.pdbx_ordinal 
_software.name 
_software.version 
_software.date 
_software.type 
_software.contact_author 
_software.contact_author_email 
_software.classification 
_software.location 
_software.language 
_software.citation_id 
1 PHASER      .        ?                program 'Randy J. Read'      cimr-phaser@lists.cam.ac.uk phasing           
http://www-structmed.cimr.cam.ac.uk/phaser/  ?          ? 
2 REFMAC      5.6.0117 ?                program 'Garib N. Murshudov' garib@ysbl.york.ac.uk       refinement        
http://www.ccp4.ac.uk/dist/html/refmac5.html Fortran_77 ? 
3 PDB_EXTRACT 3.11     'August 3, 2011' package PDB                  deposit@deposit.rcsb.org    'data extraction' 
http://sw-tools.pdb.org/apps/PDB_EXTRACT/    C++        ? 
4 MAR345dtb   .        ?                ?       ?                    ?                           'data collection' ? ?          ? 
5 AUTOMAR     .        ?                ?       ?                    ?                           'data reduction'  ? ?          ? 
# 
_cell.length_a           86.613 
_cell.length_b           44.265 
_cell.length_c           52.036 
_cell.angle_alpha        90.000 
_cell.angle_beta         112.580 
_cell.angle_gamma        90.000 
_cell.entry_id           4FVB 
_cell.pdbx_unique_axis   ? 
_cell.Z_PDB              4 
_cell.length_a_esd       ? 
_cell.length_b_esd       ? 
_cell.length_c_esd       ? 
_cell.angle_alpha_esd    ? 
_cell.angle_beta_esd     ? 
_cell.angle_gamma_esd    ? 
# 
_symmetry.space_group_name_H-M             'C 1 2 1' 
_symmetry.entry_id                         4FVB 
_symmetry.pdbx_full_space_group_name_H-M   ? 
_symmetry.Int_Tables_number                5 
_symmetry.cell_setting                     ? 
_symmetry.space_group_name_Hall            ? 
# 
_exptl.crystals_number   1 
_exptl.entry_id          4FVB 
_exptl.method            'X-RAY DIFFRACTION' 
# 
_exptl_crystal.id                    1 
_exptl_crystal.pdbx_mosaicity        ? 
_exptl_crystal.pdbx_mosaicity_esd    ? 
_exptl_crystal.density_Matthews      2.76 
_exptl_crystal.density_diffrn        ? 
_exptl_crystal.density_meas          ? 
_exptl_crystal.density_meas_temp     ? 
_exptl_crystal.density_percent_sol   55.38 
_exptl_crystal.size_max              ? 
_exptl_crystal.size_mid              ? 
_exptl_crystal.size_min              ? 
_exptl_crystal.size_rad              ? 
_exptl_crystal.description           ? 
_exptl_crystal.F_000                 ? 
_exptl_crystal.preparation           ? 
# 
_exptl_crystal_grow.crystal_id      1 
_exptl_crystal_grow.method          'VAPOR DIFFUSION, HANGING DROP' 
_exptl_crystal_grow.pH              7.5 
_exptl_crystal_grow.temp            289 
_exptl_crystal_grow.pdbx_details    
'100mM HEPES, 20% 2-propanol, 10% PEG 4000, pH 7.5, vapor diffusion, hanging drop, temperature 289K' 
_exptl_crystal_grow.temp_details    ? 
_exptl_crystal_grow.pdbx_pH_range   . 
# 
_diffrn.id                     1 
_diffrn.ambient_temp           100 
_diffrn.ambient_temp_details   ? 
_diffrn.crystal_id             1 
# 
_diffrn_detector.diffrn_id              1 
_diffrn_detector.detector               'IMAGE PLATE' 
_diffrn_detector.type                   'MAR scanner 345 mm plate' 
_diffrn_detector.pdbx_collection_date   2010-11-03 
_diffrn_detector.details                ? 
# 
_diffrn_radiation.diffrn_id                        1 
_diffrn_radiation.pdbx_diffrn_protocol             'SINGLE WAVELENGTH' 
_diffrn_radiation.monochromator                    ? 
_diffrn_radiation.wavelength_id                    1 
_diffrn_radiation.pdbx_monochromatic_or_laue_m_l   M 
_diffrn_radiation.pdbx_scattering_type             x-ray 
# 
_diffrn_radiation_wavelength.id           1 
_diffrn_radiation_wavelength.wavelength   1.5418 
_diffrn_radiation_wavelength.wt           1.0 
# 
_diffrn_source.diffrn_id                   1 
_diffrn_source.source                      'ROTATING ANODE' 
_diffrn_source.type                        'RIGAKU MICROMAX-007 HF' 
_diffrn_source.pdbx_wavelength_list        1.5418 
_diffrn_source.pdbx_wavelength             ? 
_diffrn_source.pdbx_synchrotron_site       ? 
_diffrn_source.pdbx_synchrotron_beamline   ? 
# 
_reflns.entry_id                     4FVB 
_reflns.observed_criterion_sigma_F   0 
_reflns.observed_criterion_sigma_I   0 
_reflns.d_resolution_high            1.9 
_reflns.d_resolution_low             50 
_reflns.number_all                   14537 
_reflns.number_obs                   13431 
_reflns.percent_possible_obs         92.4 
_reflns.pdbx_Rmerge_I_obs            0.0345 
_reflns.pdbx_Rsym_value              ? 
_reflns.pdbx_netI_over_sigmaI        11.9 
_reflns.B_iso_Wilson_estimate        ? 
_reflns.pdbx_redundancy              1.93 
_reflns.R_free_details               ? 
_reflns.limit_h_max                  ? 
_reflns.limit_h_min                  ? 
_reflns.limit_k_max                  ? 
_reflns.limit_k_min                  ? 
_reflns.limit_l_max                  ? 
_reflns.limit_l_min                  ? 
_reflns.observed_criterion_F_max     ? 
_reflns.observed_criterion_F_min     ? 
_reflns.pdbx_chi_squared             ? 
_reflns.pdbx_scaling_rejects         ? 
_reflns.pdbx_ordinal                 1 
_reflns.pdbx_diffrn_id               1 
# 
_reflns_shell.d_res_high                  1.90 
_reflns_shell.d_res_low                   1.97 
_reflns_shell.percent_possible_obs        ? 
_reflns_shell.percent_possible_all        96.0 
_reflns_shell.Rmerge_I_obs                0.2617 
_reflns_shell.meanI_over_sigI_obs         2.1 
_reflns_shell.pdbx_Rsym_value             ? 
_reflns_shell.pdbx_redundancy             1.84 
_reflns_shell.number_unique_all           ? 
_reflns_shell.number_measured_all         ? 
_reflns_shell.number_measured_obs         ? 
_reflns_shell.number_unique_obs           ? 
_reflns_shell.pdbx_chi_squared            ? 
_reflns_shell.pdbx_rejects                ? 
_reflns_shell.pdbx_netI_over_sigmaI_obs   ? 
_reflns_shell.number_possible             ? 
_reflns_shell.Rmerge_F_all                ? 
_reflns_shell.Rmerge_F_obs                ? 
_reflns_shell.Rmerge_I_all                ? 
_reflns_shell.meanI_over_sigI_all         ? 
_reflns_shell.pdbx_Rrim_I_all             ? 
_reflns_shell.pdbx_Rpim_I_all             ? 
_reflns_shell.pdbx_ordinal                1 
_reflns_shell.pdbx_diffrn_id              1 
# 
_refine.entry_id                                 4FVB 
_refine.ls_d_res_high                            1.90 
_refine.ls_d_res_low                             10.00 
_refine.pdbx_ls_sigma_F                          0.000 
_refine.pdbx_data_cutoff_high_absF               ? 
_refine.pdbx_data_cutoff_low_absF                ? 
_refine.ls_percent_reflns_obs                    91.8 
_refine.ls_number_reflns_obs                     13345 
_refine.ls_number_reflns_all                     14537 
_refine.pdbx_ls_cross_valid_method               THROUGHOUT 
_refine.pdbx_R_Free_selection_details            RANDOM 
_refine.details                                  'HYDROGENS HAVE BEEN USED IF PRESENT IN THE INPUT U VALUES : REFINED INDIVIDUALLY' 
_refine.ls_R_factor_all                          0.1967 
_refine.ls_R_factor_obs                          0.1967 
_refine.ls_R_factor_R_work                       0.1945 
_refine.ls_wR_factor_R_work                      ? 
_refine.ls_R_factor_R_free                       0.2395 
_refine.ls_wR_factor_R_free                      ? 
_refine.ls_percent_reflns_R_free                 5.1000 
_refine.ls_number_reflns_R_free                  677 
_refine.ls_R_factor_R_free_error                 ? 
_refine.B_iso_mean                               29.9465 
_refine.solvent_model_param_bsol                 ? 
_refine.solvent_model_param_ksol                 ? 
_refine.pdbx_isotropic_thermal_model             ? 
_refine.aniso_B[1][1]                            0.0000 
_refine.aniso_B[2][2]                            0.0100 
_refine.aniso_B[3][3]                            0.0000 
_refine.aniso_B[1][2]                            0.0000 
_refine.aniso_B[1][3]                            0.0000 
_refine.aniso_B[2][3]                            0.0000 
_refine.correlation_coeff_Fo_to_Fc               0.9570 
_refine.correlation_coeff_Fo_to_Fc_free          0.9440 
_refine.overall_SU_R_Cruickshank_DPI             ? 
_refine.overall_SU_R_free                        ? 
_refine.pdbx_overall_ESU_R                       0.1500 
_refine.pdbx_overall_ESU_R_Free                  0.1460 
_refine.overall_SU_ML                            0.1030 
_refine.overall_SU_B                             3.5630 
_refine.solvent_model_details                    MASK 
_refine.pdbx_solvent_vdw_probe_radii             1.2000 
_refine.pdbx_solvent_ion_probe_radii             0.8000 
_refine.pdbx_solvent_shrinkage_radii             0.8000 
_refine.ls_number_parameters                     ? 
_refine.ls_number_restraints                     ? 
_refine.pdbx_starting_model                      2HRV 
_refine.pdbx_method_to_determine_struct          'MOLECULAR REPLACEMENT' 
_refine.pdbx_stereochemistry_target_values       'MAXIMUM LIKELIHOOD' 
_refine.pdbx_stereochem_target_val_spec_case     ? 
_refine.overall_FOM_work_R_set                   ? 
_refine.B_iso_max                                73.570 
_refine.B_iso_min                                14.630 
_refine.pdbx_overall_phase_error                 ? 
_refine.occupancy_max                            1.000 
_refine.occupancy_min                            0.500 
_refine.pdbx_ls_sigma_I                          ? 
_refine.ls_redundancy_reflns_obs                 ? 
_refine.ls_R_factor_R_free_error_details         ? 
_refine.pdbx_data_cutoff_high_rms_absF           ? 
_refine.overall_FOM_free_R_set                   ? 
_refine.pdbx_diffrn_id                           1 
_refine.pdbx_refine_id                           'X-RAY DIFFRACTION' 
_refine.pdbx_TLS_residual_ADP_flag               ? 
_refine.pdbx_overall_SU_R_free_Cruickshank_DPI   ? 
_refine.pdbx_overall_SU_R_Blow_DPI               ? 
_refine.pdbx_overall_SU_R_free_Blow_DPI          ? 
# 
_refine_hist.pdbx_refine_id                   'X-RAY DIFFRACTION' 
_refine_hist.cycle_id                         LAST 
_refine_hist.pdbx_number_atoms_protein        1068 
_refine_hist.pdbx_number_atoms_nucleic_acid   0 
_refine_hist.pdbx_number_atoms_ligand         1 
_refine_hist.number_atoms_solvent             115 
_refine_hist.number_atoms_total               1184 
_refine_hist.d_res_high                       1.90 
_refine_hist.d_res_low                        10.00 
# 
loop_
_refine_ls_restr.type 
_refine_ls_restr.number 
_refine_ls_restr.dev_ideal 
_refine_ls_restr.dev_ideal_target 
_refine_ls_restr.weight 
_refine_ls_restr.pdbx_restraint_function 
_refine_ls_restr.pdbx_refine_id 
r_bond_refined_d       1095 0.023  0.019  ? ? 'X-RAY DIFFRACTION' 
r_angle_refined_deg    1490 2.024  1.923  ? ? 'X-RAY DIFFRACTION' 
r_dihedral_angle_1_deg 137  6.526  5.000  ? ? 'X-RAY DIFFRACTION' 
r_dihedral_angle_2_deg 53   35.737 22.830 ? ? 'X-RAY DIFFRACTION' 
r_dihedral_angle_3_deg 162  14.425 15.000 ? ? 'X-RAY DIFFRACTION' 
r_dihedral_angle_4_deg 9    18.367 15.000 ? ? 'X-RAY DIFFRACTION' 
r_chiral_restr         160  0.159  0.200  ? ? 'X-RAY DIFFRACTION' 
r_gen_planes_refined   860  0.011  0.021  ? ? 'X-RAY DIFFRACTION' 
# 
_refine_ls_shell.d_res_high                       1.9000 
_refine_ls_shell.d_res_low                        1.9480 
_refine_ls_shell.pdbx_total_number_of_bins_used   20 
_refine_ls_shell.percent_reflns_obs               96.0500 
_refine_ls_shell.number_reflns_R_work             925 
_refine_ls_shell.R_factor_all                     ? 
_refine_ls_shell.R_factor_R_work                  0.3410 
_refine_ls_shell.R_factor_R_free                  0.3970 
_refine_ls_shell.percent_reflns_R_free            ? 
_refine_ls_shell.number_reflns_R_free             48 
_refine_ls_shell.R_factor_R_free_error            ? 
_refine_ls_shell.number_reflns_all                973 
_refine_ls_shell.number_reflns_obs                ? 
_refine_ls_shell.pdbx_refine_id                   'X-RAY DIFFRACTION' 
_refine_ls_shell.redundancy_reflns_obs            ? 
# 
_struct.entry_id                  4FVB 
_struct.title                     'Crystal structure of EV71 2A proteinase C110A mutant' 
_struct.pdbx_model_details        ? 
_struct.pdbx_CASP_flag            ? 
_struct.pdbx_model_type_details   ? 
# 
_struct_keywords.entry_id        4FVB 
_struct_keywords.text            'HYDROLASE, CYSTEINE PROTEINASE' 
_struct_keywords.pdbx_keywords   HYDROLASE 
# 
loop_
_struct_asym.id 
_struct_asym.pdbx_blank_PDB_chainid_flag 
_struct_asym.pdbx_modified 
_struct_asym.entity_id 
_struct_asym.details 
A N N 1 ? 
B N N 2 ? 
C N N 3 ? 
# 
_struct_ref.id                         1 
_struct_ref.db_name                    UNP 
_struct_ref.db_code                    A9XG43_9ENTO 
_struct_ref.pdbx_db_accession          A9XG43 
_struct_ref.entity_id                  1 
_struct_ref.pdbx_seq_one_letter_code   
;GKFGQQSGAIYVGNFRVVNRHLATHNDWANLVWEDSSRDLLVSSTTAQGCDTIARCNCQTGVYYCNSRRKHYPVSFSKPS
LIYVEASEYYPARYQSHLMLAQGHSEPGDCGGILRCQHGVVGIVSTGGNGLVGFADVRDLLWLDEEAMEQ
;
_struct_ref.pdbx_align_begin           863 
_struct_ref.pdbx_db_isoform            ? 
# 
_struct_ref_seq.align_id                      1 
_struct_ref_seq.ref_id                        1 
_struct_ref_seq.pdbx_PDB_id_code              4FVB 
_struct_ref_seq.pdbx_strand_id                A 
_struct_ref_seq.seq_align_beg                 3 
_struct_ref_seq.pdbx_seq_align_beg_ins_code   ? 
_struct_ref_seq.seq_align_end                 152 
_struct_ref_seq.pdbx_seq_align_end_ins_code   ? 
_struct_ref_seq.pdbx_db_accession             A9XG43 
_struct_ref_seq.db_align_beg                  863 
_struct_ref_seq.pdbx_db_align_beg_ins_code    ? 
_struct_ref_seq.db_align_end                  1012 
_struct_ref_seq.pdbx_db_align_end_ins_code    ? 
_struct_ref_seq.pdbx_auth_seq_align_beg       1 
_struct_ref_seq.pdbx_auth_seq_align_end       150 
# 
loop_
_struct_ref_seq_dif.align_id 
_struct_ref_seq_dif.pdbx_pdb_id_code 
_struct_ref_seq_dif.mon_id 
_struct_ref_seq_dif.pdbx_pdb_strand_id 
_struct_ref_seq_dif.seq_num 
_struct_ref_seq_dif.pdbx_pdb_ins_code 
_struct_ref_seq_dif.pdbx_seq_db_name 
_struct_ref_seq_dif.pdbx_seq_db_accession_code 
_struct_ref_seq_dif.db_mon_id 
_struct_ref_seq_dif.pdbx_seq_db_seq_num 
_struct_ref_seq_dif.details 
_struct_ref_seq_dif.pdbx_auth_seq_num 
_struct_ref_seq_dif.pdbx_ordinal 
1 4FVB GLY A 1   ? UNP A9XG43 ?   ?   'expression tag'      -1  1 
1 4FVB SER A 2   ? UNP A9XG43 ?   ?   'expression tag'      0   2 
1 4FVB ALA A 112 ? UNP A9XG43 CYS 972 'engineered mutation' 110 3 
# 
_pdbx_struct_assembly.id                   1 
_pdbx_struct_assembly.details              author_defined_assembly 
_pdbx_struct_assembly.method_details       ? 
_pdbx_struct_assembly.oligomeric_details   dimeric 
_pdbx_struct_assembly.oligomeric_count     2 
# 
loop_
_pdbx_struct_assembly_prop.biol_id 
_pdbx_struct_assembly_prop.type 
_pdbx_struct_assembly_prop.value 
_pdbx_struct_assembly_prop.details 
1 'ABSA (A^2)' 1260  ? 
1 MORE         -8    ? 
1 'SSA (A^2)'  13180 ? 
# 
_pdbx_struct_assembly_gen.assembly_id       1 
_pdbx_struct_assembly_gen.oper_expression   1,2 
_pdbx_struct_assembly_gen.asym_id_list      A,B,C 
# 
loop_
_pdbx_struct_oper_list.id 
_pdbx_struct_oper_list.type 
_pdbx_struct_oper_list.name 
_pdbx_struct_oper_list.symmetry_operation 
_pdbx_struct_oper_list.matrix[1][1] 
_pdbx_struct_oper_list.matrix[1][2] 
_pdbx_struct_oper_list.matrix[1][3] 
_pdbx_struct_oper_list.vector[1] 
_pdbx_struct_oper_list.matrix[2][1] 
_pdbx_struct_oper_list.matrix[2][2] 
_pdbx_struct_oper_list.matrix[2][3] 
_pdbx_struct_oper_list.vector[2] 
_pdbx_struct_oper_list.matrix[3][1] 
_pdbx_struct_oper_list.matrix[3][2] 
_pdbx_struct_oper_list.matrix[3][3] 
_pdbx_struct_oper_list.vector[3] 
1 'identity operation'         1_555 x,y,z   1.0000000000  0.0000000000 0.0000000000  0.0000000000  0.0000000000 1.0000000000  0.0000000000  0.0000000000   0.0000000000  0.0000000000  1.0000000000  0.0000000000  
2 'crystal symmetry operation' 2_555 -x,y,-z -0.2448903475 0.7925114333 -0.5585287332 27.5736832696 0.7925114333 -0.1682342163 -0.5861935487 -11.7240957692 -0.5585287332 -0.5861935487 -0.5868754362 20.6429387855 
# 
_struct_biol.id        1 
_struct_biol.details   ? 
# 
loop_
_struct_conf.conf_type_id 
_struct_conf.id 
_struct_conf.pdbx_PDB_helix_id 
_struct_conf.beg_label_comp_id 
_struct_conf.beg_label_asym_id 
_struct_conf.beg_label_seq_id 
_struct_conf.pdbx_beg_PDB_ins_code 
_struct_conf.end_label_comp_id 
_struct_conf.end_label_asym_id 
_struct_conf.end_label_seq_id 
_struct_conf.pdbx_end_PDB_ins_code 
_struct_conf.beg_auth_comp_id 
_struct_conf.beg_auth_asym_id 
_struct_conf.beg_auth_seq_id 
_struct_conf.end_auth_comp_id 
_struct_conf.end_auth_asym_id 
_struct_conf.end_auth_seq_id 
_struct_conf.pdbx_PDB_helix_class 
_struct_conf.details 
_struct_conf.pdbx_PDB_helix_length 
HELX_P HELX_P1 1 HIS A 23  ? ALA A 25  ? HIS A 21  ALA A 23  5 ? 3 
HELX_P HELX_P2 2 THR A 26  ? ASN A 32  ? THR A 24  ASN A 30  1 ? 7 
HELX_P HELX_P3 3 SER A 38  ? ARG A 40  ? SER A 36  ARG A 38  5 ? 3 
HELX_P HELX_P4 4 LEU A 142 ? ASP A 146 ? LEU A 140 ASP A 144 5 ? 5 
# 
_struct_conf_type.id          HELX_P 
_struct_conf_type.criteria    ? 
_struct_conf_type.reference   ? 
# 
loop_
_struct_conn.id 
_struct_conn.conn_type_id 
_struct_conn.pdbx_leaving_atom_flag 
_struct_conn.pdbx_PDB_id 
_struct_conn.ptnr1_label_asym_id 
_struct_conn.ptnr1_label_comp_id 
_struct_conn.ptnr1_label_seq_id 
_struct_conn.ptnr1_label_atom_id 
_struct_conn.pdbx_ptnr1_label_alt_id 
_struct_conn.pdbx_ptnr1_PDB_ins_code 
_struct_conn.pdbx_ptnr1_standard_comp_id 
_struct_conn.ptnr1_symmetry 
_struct_conn.ptnr2_label_asym_id 
_struct_conn.ptnr2_label_comp_id 
_struct_conn.ptnr2_label_seq_id 
_struct_conn.ptnr2_label_atom_id 
_struct_conn.pdbx_ptnr2_label_alt_id 
_struct_conn.pdbx_ptnr2_PDB_ins_code 
_struct_conn.ptnr1_auth_asym_id 
_struct_conn.ptnr1_auth_comp_id 
_struct_conn.ptnr1_auth_seq_id 
_struct_conn.ptnr2_auth_asym_id 
_struct_conn.ptnr2_auth_comp_id 
_struct_conn.ptnr2_auth_seq_id 
_struct_conn.ptnr2_symmetry 
_struct_conn.pdbx_ptnr3_label_atom_id 
_struct_conn.pdbx_ptnr3_label_seq_id 
_struct_conn.pdbx_ptnr3_label_comp_id 
_struct_conn.pdbx_ptnr3_label_asym_id 
_struct_conn.pdbx_ptnr3_label_alt_id 
_struct_conn.pdbx_ptnr3_PDB_ins_code 
_struct_conn.details 
_struct_conn.pdbx_dist_value 
_struct_conn.pdbx_value_order 
_struct_conn.pdbx_role 
disulf1 disulf ? ? A CYS 52  SG  ? ? ? 1_555 A CYS 52 SG ? ? A CYS 50  A CYS 50  2_555 ? ? ? ? ? ? ? 2.036 ? ? 
metalc1 metalc ? ? A CYS 58  SG  ? ? ? 1_555 B ZN  .  ZN ? ? A CYS 56  A ZN  201 1_555 ? ? ? ? ? ? ? 2.430 ? ? 
metalc2 metalc ? ? A CYS 60  SG  ? ? ? 1_555 B ZN  .  ZN ? ? A CYS 58  A ZN  201 1_555 ? ? ? ? ? ? ? 2.198 ? ? 
metalc3 metalc ? ? A CYS 118 SG  ? ? ? 1_555 B ZN  .  ZN ? ? A CYS 116 A ZN  201 1_555 ? ? ? ? ? ? ? 2.240 ? ? 
metalc4 metalc ? ? A HIS 120 ND1 ? ? ? 1_555 B ZN  .  ZN ? ? A HIS 118 A ZN  201 1_555 ? ? ? ? ? ? ? 2.171 ? ? 
# 
loop_
_struct_conn_type.id 
_struct_conn_type.criteria 
_struct_conn_type.reference 
disulf ? ? 
metalc ? ? 
# 
loop_
_pdbx_struct_conn_angle.id 
_pdbx_struct_conn_angle.ptnr1_label_atom_id 
_pdbx_struct_conn_angle.ptnr1_label_alt_id 
_pdbx_struct_conn_angle.ptnr1_label_asym_id 
_pdbx_struct_conn_angle.ptnr1_label_comp_id 
_pdbx_struct_conn_angle.ptnr1_label_seq_id 
_pdbx_struct_conn_angle.ptnr1_auth_atom_id 
_pdbx_struct_conn_angle.ptnr1_auth_asym_id 
_pdbx_struct_conn_angle.ptnr1_auth_comp_id 
_pdbx_struct_conn_angle.ptnr1_auth_seq_id 
_pdbx_struct_conn_angle.ptnr1_PDB_ins_code 
_pdbx_struct_conn_angle.ptnr1_symmetry 
_pdbx_struct_conn_angle.ptnr2_label_atom_id 
_pdbx_struct_conn_angle.ptnr2_label_alt_id 
_pdbx_struct_conn_angle.ptnr2_label_asym_id 
_pdbx_struct_conn_angle.ptnr2_label_comp_id 
_pdbx_struct_conn_angle.ptnr2_label_seq_id 
_pdbx_struct_conn_angle.ptnr2_auth_atom_id 
_pdbx_struct_conn_angle.ptnr2_auth_asym_id 
_pdbx_struct_conn_angle.ptnr2_auth_comp_id 
_pdbx_struct_conn_angle.ptnr2_auth_seq_id 
_pdbx_struct_conn_angle.ptnr2_PDB_ins_code 
_pdbx_struct_conn_angle.ptnr2_symmetry 
_pdbx_struct_conn_angle.ptnr3_label_atom_id 
_pdbx_struct_conn_angle.ptnr3_label_alt_id 
_pdbx_struct_conn_angle.ptnr3_label_asym_id 
_pdbx_struct_conn_angle.ptnr3_label_comp_id 
_pdbx_struct_conn_angle.ptnr3_label_seq_id 
_pdbx_struct_conn_angle.ptnr3_auth_atom_id 
_pdbx_struct_conn_angle.ptnr3_auth_asym_id 
_pdbx_struct_conn_angle.ptnr3_auth_comp_id 
_pdbx_struct_conn_angle.ptnr3_auth_seq_id 
_pdbx_struct_conn_angle.ptnr3_PDB_ins_code 
_pdbx_struct_conn_angle.ptnr3_symmetry 
_pdbx_struct_conn_angle.value 
_pdbx_struct_conn_angle.value_esd 
1 SG ? A CYS 58  ? A CYS 56  ? 1_555 ZN ? B ZN . ? A ZN 201 ? 1_555 SG  ? A CYS 60  ? A CYS 58  ? 1_555 104.7 ? 
2 SG ? A CYS 58  ? A CYS 56  ? 1_555 ZN ? B ZN . ? A ZN 201 ? 1_555 SG  ? A CYS 118 ? A CYS 116 ? 1_555 107.1 ? 
3 SG ? A CYS 60  ? A CYS 58  ? 1_555 ZN ? B ZN . ? A ZN 201 ? 1_555 SG  ? A CYS 118 ? A CYS 116 ? 1_555 120.2 ? 
4 SG ? A CYS 58  ? A CYS 56  ? 1_555 ZN ? B ZN . ? A ZN 201 ? 1_555 ND1 ? A HIS 120 ? A HIS 118 ? 1_555 95.7  ? 
5 SG ? A CYS 60  ? A CYS 58  ? 1_555 ZN ? B ZN . ? A ZN 201 ? 1_555 ND1 ? A HIS 120 ? A HIS 118 ? 1_555 101.5 ? 
6 SG ? A CYS 118 ? A CYS 116 ? 1_555 ZN ? B ZN . ? A ZN 201 ? 1_555 ND1 ? A HIS 120 ? A HIS 118 ? 1_555 123.6 ? 
# 
_pdbx_modification_feature.ordinal                            1 
_pdbx_modification_feature.label_comp_id                      CYS 
_pdbx_modification_feature.label_asym_id                      A 
_pdbx_modification_feature.label_seq_id                       52 
_pdbx_modification_feature.label_alt_id                       ? 
_pdbx_modification_feature.modified_residue_label_comp_id     CYS 
_pdbx_modification_feature.modified_residue_label_asym_id     A 
_pdbx_modification_feature.modified_residue_label_seq_id      52 
_pdbx_modification_feature.modified_residue_label_alt_id      ? 
_pdbx_modification_feature.auth_comp_id                       CYS 
_pdbx_modification_feature.auth_asym_id                       A 
_pdbx_modification_feature.auth_seq_id                        50 
_pdbx_modification_feature.PDB_ins_code                       ? 
_pdbx_modification_feature.symmetry                           1_555 
_pdbx_modification_feature.modified_residue_auth_comp_id      CYS 
_pdbx_modification_feature.modified_residue_auth_asym_id      A 
_pdbx_modification_feature.modified_residue_auth_seq_id       50 
_pdbx_modification_feature.modified_residue_PDB_ins_code      ? 
_pdbx_modification_feature.modified_residue_symmetry          2_555 
_pdbx_modification_feature.comp_id_linking_atom               SG 
_pdbx_modification_feature.modified_residue_id_linking_atom   SG 
_pdbx_modification_feature.modified_residue_id                . 
_pdbx_modification_feature.ref_pcm_id                         . 
_pdbx_modification_feature.ref_comp_id                        . 
_pdbx_modification_feature.type                               None 
_pdbx_modification_feature.category                           'Disulfide bridge' 
# 
loop_
_struct_sheet.id 
_struct_sheet.type 
_struct_sheet.number_strands 
_struct_sheet.details 
A ? 4 ? 
B ? 7 ? 
# 
loop_
_struct_sheet_order.sheet_id 
_struct_sheet_order.range_id_1 
_struct_sheet_order.range_id_2 
_struct_sheet_order.offset 
_struct_sheet_order.sense 
A 1 2 ? anti-parallel 
A 2 3 ? anti-parallel 
A 3 4 ? anti-parallel 
B 1 2 ? anti-parallel 
B 2 3 ? anti-parallel 
B 3 4 ? anti-parallel 
B 4 5 ? anti-parallel 
B 5 6 ? anti-parallel 
B 6 7 ? anti-parallel 
# 
loop_
_struct_sheet_range.sheet_id 
_struct_sheet_range.id 
_struct_sheet_range.beg_label_comp_id 
_struct_sheet_range.beg_label_asym_id 
_struct_sheet_range.beg_label_seq_id 
_struct_sheet_range.pdbx_beg_PDB_ins_code 
_struct_sheet_range.end_label_comp_id 
_struct_sheet_range.end_label_asym_id 
_struct_sheet_range.end_label_seq_id 
_struct_sheet_range.pdbx_end_PDB_ins_code 
_struct_sheet_range.beg_auth_comp_id 
_struct_sheet_range.beg_auth_asym_id 
_struct_sheet_range.beg_auth_seq_id 
_struct_sheet_range.end_auth_comp_id 
_struct_sheet_range.end_auth_asym_id 
_struct_sheet_range.end_auth_seq_id 
A 1 ILE A 12  ? VAL A 14  ? ILE A 10  VAL A 12  
A 2 PHE A 17  ? ASN A 21  ? PHE A 15  ASN A 19  
A 3 LEU A 42  ? SER A 46  ? LEU A 40  SER A 44  
A 4 LEU A 33  ? ASP A 37  ? LEU A 31  ASP A 35  
B 1 LYS A 72  ? SER A 77  ? LYS A 70  SER A 75  
B 2 THR A 62  ? CYS A 67  ? THR A 60  CYS A 65  
B 3 ILE A 115 ? CYS A 118 ? ILE A 113 CYS A 116 
B 4 GLY A 121 ? GLY A 130 ? GLY A 119 GLY A 128 
B 5 LEU A 133 ? ASP A 138 ? LEU A 131 ASP A 136 
B 6 ARG A 95  ? GLN A 104 ? ARG A 93  GLN A 102 
B 7 SER A 82  ? VAL A 86  ? SER A 80  VAL A 84  
# 
loop_
_pdbx_struct_sheet_hbond.sheet_id 
_pdbx_struct_sheet_hbond.range_id_1 
_pdbx_struct_sheet_hbond.range_id_2 
_pdbx_struct_sheet_hbond.range_1_label_atom_id 
_pdbx_struct_sheet_hbond.range_1_label_comp_id 
_pdbx_struct_sheet_hbond.range_1_label_asym_id 
_pdbx_struct_sheet_hbond.range_1_label_seq_id 
_pdbx_struct_sheet_hbond.range_1_PDB_ins_code 
_pdbx_struct_sheet_hbond.range_1_auth_atom_id 
_pdbx_struct_sheet_hbond.range_1_auth_comp_id 
_pdbx_struct_sheet_hbond.range_1_auth_asym_id 
_pdbx_struct_sheet_hbond.range_1_auth_seq_id 
_pdbx_struct_sheet_hbond.range_2_label_atom_id 
_pdbx_struct_sheet_hbond.range_2_label_comp_id 
_pdbx_struct_sheet_hbond.range_2_label_asym_id 
_pdbx_struct_sheet_hbond.range_2_label_seq_id 
_pdbx_struct_sheet_hbond.range_2_PDB_ins_code 
_pdbx_struct_sheet_hbond.range_2_auth_atom_id 
_pdbx_struct_sheet_hbond.range_2_auth_comp_id 
_pdbx_struct_sheet_hbond.range_2_auth_asym_id 
_pdbx_struct_sheet_hbond.range_2_auth_seq_id 
A 1 2 N ILE A 12  ? N ILE A 10  O VAL A 19  ? O VAL A 17  
A 2 3 N VAL A 20  ? N VAL A 18  O LEU A 43  ? O LEU A 41  
A 3 4 O VAL A 44  ? O VAL A 42  N TRP A 35  ? N TRP A 33  
B 1 2 O LYS A 72  ? O LYS A 70  N CYS A 67  ? N CYS A 65  
B 2 3 N VAL A 64  ? N VAL A 62  O ARG A 117 ? O ARG A 115 
B 3 4 N LEU A 116 ? N LEU A 114 O VAL A 123 ? O VAL A 121 
B 4 5 N ILE A 125 ? N ILE A 123 O ALA A 137 ? O ALA A 135 
B 5 6 O ASP A 138 ? O ASP A 136 N HIS A 99  ? N HIS A 97  
B 6 7 O ARG A 95  ? O ARG A 93  N VAL A 86  ? N VAL A 84  
# 
_struct_site.id                   AC1 
_struct_site.pdbx_evidence_code   Software 
_struct_site.pdbx_auth_asym_id    A 
_struct_site.pdbx_auth_comp_id    ZN 
_struct_site.pdbx_auth_seq_id     201 
_struct_site.pdbx_auth_ins_code   ? 
_struct_site.pdbx_num_residues    4 
_struct_site.details              'BINDING SITE FOR RESIDUE ZN A 201' 
# 
loop_
_struct_site_gen.id 
_struct_site_gen.site_id 
_struct_site_gen.pdbx_num_res 
_struct_site_gen.label_comp_id 
_struct_site_gen.label_asym_id 
_struct_site_gen.label_seq_id 
_struct_site_gen.pdbx_auth_ins_code 
_struct_site_gen.auth_comp_id 
_struct_site_gen.auth_asym_id 
_struct_site_gen.auth_seq_id 
_struct_site_gen.label_atom_id 
_struct_site_gen.label_alt_id 
_struct_site_gen.symmetry 
_struct_site_gen.details 
1 AC1 4 CYS A 58  ? CYS A 56  . ? 1_555 ? 
2 AC1 4 CYS A 60  ? CYS A 58  . ? 1_555 ? 
3 AC1 4 CYS A 118 ? CYS A 116 . ? 1_555 ? 
4 AC1 4 HIS A 120 ? HIS A 118 . ? 1_555 ? 
# 
_pdbx_entry_details.entry_id                   4FVB 
_pdbx_entry_details.compound_details           ? 
_pdbx_entry_details.source_details             ? 
_pdbx_entry_details.nonpolymer_details         ? 
_pdbx_entry_details.sequence_details           ? 
_pdbx_entry_details.has_ligand_of_interest     ? 
_pdbx_entry_details.has_protein_modification   Y 
# 
_pdbx_validate_rmsd_bond.id                        1 
_pdbx_validate_rmsd_bond.PDB_model_num             1 
_pdbx_validate_rmsd_bond.auth_atom_id_1            CE2 
_pdbx_validate_rmsd_bond.auth_asym_id_1            A 
_pdbx_validate_rmsd_bond.auth_comp_id_1            TRP 
_pdbx_validate_rmsd_bond.auth_seq_id_1             142 
_pdbx_validate_rmsd_bond.PDB_ins_code_1            ? 
_pdbx_validate_rmsd_bond.label_alt_id_1            ? 
_pdbx_validate_rmsd_bond.auth_atom_id_2            CD2 
_pdbx_validate_rmsd_bond.auth_asym_id_2            A 
_pdbx_validate_rmsd_bond.auth_comp_id_2            TRP 
_pdbx_validate_rmsd_bond.auth_seq_id_2             142 
_pdbx_validate_rmsd_bond.PDB_ins_code_2            ? 
_pdbx_validate_rmsd_bond.label_alt_id_2            ? 
_pdbx_validate_rmsd_bond.bond_value                1.486 
_pdbx_validate_rmsd_bond.bond_target_value         1.409 
_pdbx_validate_rmsd_bond.bond_deviation            0.077 
_pdbx_validate_rmsd_bond.bond_standard_deviation   0.012 
_pdbx_validate_rmsd_bond.linker_flag               N 
# 
_pdbx_validate_rmsd_angle.id                         1 
_pdbx_validate_rmsd_angle.PDB_model_num              1 
_pdbx_validate_rmsd_angle.auth_atom_id_1             NE 
_pdbx_validate_rmsd_angle.auth_asym_id_1             A 
_pdbx_validate_rmsd_angle.auth_comp_id_1             ARG 
_pdbx_validate_rmsd_angle.auth_seq_id_1              68 
_pdbx_validate_rmsd_angle.PDB_ins_code_1             ? 
_pdbx_validate_rmsd_angle.label_alt_id_1             ? 
_pdbx_validate_rmsd_angle.auth_atom_id_2             CZ 
_pdbx_validate_rmsd_angle.auth_asym_id_2             A 
_pdbx_validate_rmsd_angle.auth_comp_id_2             ARG 
_pdbx_validate_rmsd_angle.auth_seq_id_2              68 
_pdbx_validate_rmsd_angle.PDB_ins_code_2             ? 
_pdbx_validate_rmsd_angle.label_alt_id_2             ? 
_pdbx_validate_rmsd_angle.auth_atom_id_3             NH2 
_pdbx_validate_rmsd_angle.auth_asym_id_3             A 
_pdbx_validate_rmsd_angle.auth_comp_id_3             ARG 
_pdbx_validate_rmsd_angle.auth_seq_id_3              68 
_pdbx_validate_rmsd_angle.PDB_ins_code_3             ? 
_pdbx_validate_rmsd_angle.label_alt_id_3             ? 
_pdbx_validate_rmsd_angle.angle_value                117.09 
_pdbx_validate_rmsd_angle.angle_target_value         120.30 
_pdbx_validate_rmsd_angle.angle_deviation            -3.21 
_pdbx_validate_rmsd_angle.angle_standard_deviation   0.50 
_pdbx_validate_rmsd_angle.linker_flag                N 
# 
loop_
_pdbx_validate_torsion.id 
_pdbx_validate_torsion.PDB_model_num 
_pdbx_validate_torsion.auth_comp_id 
_pdbx_validate_torsion.auth_asym_id 
_pdbx_validate_torsion.auth_seq_id 
_pdbx_validate_torsion.PDB_ins_code 
_pdbx_validate_torsion.label_alt_id 
_pdbx_validate_torsion.phi 
_pdbx_validate_torsion.psi 
1 1 ASN A 14  ? ? -97.02  40.79  
2 1 TRP A 33  ? ? -171.99 139.19 
3 1 ARG A 55  ? ? -101.27 69.71  
4 1 SER A 125 ? ? -134.23 -37.04 
# 
_pdbx_struct_special_symmetry.id              1 
_pdbx_struct_special_symmetry.PDB_model_num   1 
_pdbx_struct_special_symmetry.auth_asym_id    A 
_pdbx_struct_special_symmetry.auth_comp_id    HOH 
_pdbx_struct_special_symmetry.auth_seq_id     352 
_pdbx_struct_special_symmetry.PDB_ins_code    ? 
_pdbx_struct_special_symmetry.label_asym_id   C 
_pdbx_struct_special_symmetry.label_comp_id   HOH 
_pdbx_struct_special_symmetry.label_seq_id    . 
# 
_phasing.method   MR 
# 
loop_
_pdbx_unobs_or_zero_occ_residues.id 
_pdbx_unobs_or_zero_occ_residues.PDB_model_num 
_pdbx_unobs_or_zero_occ_residues.polymer_flag 
_pdbx_unobs_or_zero_occ_residues.occupancy_flag 
_pdbx_unobs_or_zero_occ_residues.auth_asym_id 
_pdbx_unobs_or_zero_occ_residues.auth_comp_id 
_pdbx_unobs_or_zero_occ_residues.auth_seq_id 
_pdbx_unobs_or_zero_occ_residues.PDB_ins_code 
_pdbx_unobs_or_zero_occ_residues.label_asym_id 
_pdbx_unobs_or_zero_occ_residues.label_comp_id 
_pdbx_unobs_or_zero_occ_residues.label_seq_id 
1  1 Y 1 A GLY -1  ? A GLY 1   
2  1 Y 1 A SER 0   ? A SER 2   
3  1 Y 1 A GLY 1   ? A GLY 3   
4  1 Y 1 A LYS 2   ? A LYS 4   
5  1 Y 1 A PHE 3   ? A PHE 5   
6  1 Y 1 A GLY 4   ? A GLY 6   
7  1 Y 1 A GLN 5   ? A GLN 7   
8  1 Y 1 A GLN 6   ? A GLN 8   
9  1 Y 1 A GLU 145 ? A GLU 147 
10 1 Y 1 A GLU 146 ? A GLU 148 
11 1 Y 1 A ALA 147 ? A ALA 149 
12 1 Y 1 A MET 148 ? A MET 150 
13 1 Y 1 A GLU 149 ? A GLU 151 
14 1 Y 1 A GLN 150 ? A GLN 152 
# 
loop_
_chem_comp_atom.comp_id 
_chem_comp_atom.atom_id 
_chem_comp_atom.type_symbol 
_chem_comp_atom.pdbx_aromatic_flag 
_chem_comp_atom.pdbx_stereo_config 
_chem_comp_atom.pdbx_ordinal 
ALA N    N  N N 1   
ALA CA   C  N S 2   
ALA C    C  N N 3   
ALA O    O  N N 4   
ALA CB   C  N N 5   
ALA OXT  O  N N 6   
ALA H    H  N N 7   
ALA H2   H  N N 8   
ALA HA   H  N N 9   
ALA HB1  H  N N 10  
ALA HB2  H  N N 11  
ALA HB3  H  N N 12  
ALA HXT  H  N N 13  
ARG N    N  N N 14  
ARG CA   C  N S 15  
ARG C    C  N N 16  
ARG O    O  N N 17  
ARG CB   C  N N 18  
ARG CG   C  N N 19  
ARG CD   C  N N 20  
ARG NE   N  N N 21  
ARG CZ   C  N N 22  
ARG NH1  N  N N 23  
ARG NH2  N  N N 24  
ARG OXT  O  N N 25  
ARG H    H  N N 26  
ARG H2   H  N N 27  
ARG HA   H  N N 28  
ARG HB2  H  N N 29  
ARG HB3  H  N N 30  
ARG HG2  H  N N 31  
ARG HG3  H  N N 32  
ARG HD2  H  N N 33  
ARG HD3  H  N N 34  
ARG HE   H  N N 35  
ARG HH11 H  N N 36  
ARG HH12 H  N N 37  
ARG HH21 H  N N 38  
ARG HH22 H  N N 39  
ARG HXT  H  N N 40  
ASN N    N  N N 41  
ASN CA   C  N S 42  
ASN C    C  N N 43  
ASN O    O  N N 44  
ASN CB   C  N N 45  
ASN CG   C  N N 46  
ASN OD1  O  N N 47  
ASN ND2  N  N N 48  
ASN OXT  O  N N 49  
ASN H    H  N N 50  
ASN H2   H  N N 51  
ASN HA   H  N N 52  
ASN HB2  H  N N 53  
ASN HB3  H  N N 54  
ASN HD21 H  N N 55  
ASN HD22 H  N N 56  
ASN HXT  H  N N 57  
ASP N    N  N N 58  
ASP CA   C  N S 59  
ASP C    C  N N 60  
ASP O    O  N N 61  
ASP CB   C  N N 62  
ASP CG   C  N N 63  
ASP OD1  O  N N 64  
ASP OD2  O  N N 65  
ASP OXT  O  N N 66  
ASP H    H  N N 67  
ASP H2   H  N N 68  
ASP HA   H  N N 69  
ASP HB2  H  N N 70  
ASP HB3  H  N N 71  
ASP HD2  H  N N 72  
ASP HXT  H  N N 73  
CYS N    N  N N 74  
CYS CA   C  N R 75  
CYS C    C  N N 76  
CYS O    O  N N 77  
CYS CB   C  N N 78  
CYS SG   S  N N 79  
CYS OXT  O  N N 80  
CYS H    H  N N 81  
CYS H2   H  N N 82  
CYS HA   H  N N 83  
CYS HB2  H  N N 84  
CYS HB3  H  N N 85  
CYS HG   H  N N 86  
CYS HXT  H  N N 87  
GLN N    N  N N 88  
GLN CA   C  N S 89  
GLN C    C  N N 90  
GLN O    O  N N 91  
GLN CB   C  N N 92  
GLN CG   C  N N 93  
GLN CD   C  N N 94  
GLN OE1  O  N N 95  
GLN NE2  N  N N 96  
GLN OXT  O  N N 97  
GLN H    H  N N 98  
GLN H2   H  N N 99  
GLN HA   H  N N 100 
GLN HB2  H  N N 101 
GLN HB3  H  N N 102 
GLN HG2  H  N N 103 
GLN HG3  H  N N 104 
GLN HE21 H  N N 105 
GLN HE22 H  N N 106 
GLN HXT  H  N N 107 
GLU N    N  N N 108 
GLU CA   C  N S 109 
GLU C    C  N N 110 
GLU O    O  N N 111 
GLU CB   C  N N 112 
GLU CG   C  N N 113 
GLU CD   C  N N 114 
GLU OE1  O  N N 115 
GLU OE2  O  N N 116 
GLU OXT  O  N N 117 
GLU H    H  N N 118 
GLU H2   H  N N 119 
GLU HA   H  N N 120 
GLU HB2  H  N N 121 
GLU HB3  H  N N 122 
GLU HG2  H  N N 123 
GLU HG3  H  N N 124 
GLU HE2  H  N N 125 
GLU HXT  H  N N 126 
GLY N    N  N N 127 
GLY CA   C  N N 128 
GLY C    C  N N 129 
GLY O    O  N N 130 
GLY OXT  O  N N 131 
GLY H    H  N N 132 
GLY H2   H  N N 133 
GLY HA2  H  N N 134 
GLY HA3  H  N N 135 
GLY HXT  H  N N 136 
HIS N    N  N N 137 
HIS CA   C  N S 138 
HIS C    C  N N 139 
HIS O    O  N N 140 
HIS CB   C  N N 141 
HIS CG   C  Y N 142 
HIS ND1  N  Y N 143 
HIS CD2  C  Y N 144 
HIS CE1  C  Y N 145 
HIS NE2  N  Y N 146 
HIS OXT  O  N N 147 
HIS H    H  N N 148 
HIS H2   H  N N 149 
HIS HA   H  N N 150 
HIS HB2  H  N N 151 
HIS HB3  H  N N 152 
HIS HD1  H  N N 153 
HIS HD2  H  N N 154 
HIS HE1  H  N N 155 
HIS HE2  H  N N 156 
HIS HXT  H  N N 157 
HOH O    O  N N 158 
HOH H1   H  N N 159 
HOH H2   H  N N 160 
ILE N    N  N N 161 
ILE CA   C  N S 162 
ILE C    C  N N 163 
ILE O    O  N N 164 
ILE CB   C  N S 165 
ILE CG1  C  N N 166 
ILE CG2  C  N N 167 
ILE CD1  C  N N 168 
ILE OXT  O  N N 169 
ILE H    H  N N 170 
ILE H2   H  N N 171 
ILE HA   H  N N 172 
ILE HB   H  N N 173 
ILE HG12 H  N N 174 
ILE HG13 H  N N 175 
ILE HG21 H  N N 176 
ILE HG22 H  N N 177 
ILE HG23 H  N N 178 
ILE HD11 H  N N 179 
ILE HD12 H  N N 180 
ILE HD13 H  N N 181 
ILE HXT  H  N N 182 
LEU N    N  N N 183 
LEU CA   C  N S 184 
LEU C    C  N N 185 
LEU O    O  N N 186 
LEU CB   C  N N 187 
LEU CG   C  N N 188 
LEU CD1  C  N N 189 
LEU CD2  C  N N 190 
LEU OXT  O  N N 191 
LEU H    H  N N 192 
LEU H2   H  N N 193 
LEU HA   H  N N 194 
LEU HB2  H  N N 195 
LEU HB3  H  N N 196 
LEU HG   H  N N 197 
LEU HD11 H  N N 198 
LEU HD12 H  N N 199 
LEU HD13 H  N N 200 
LEU HD21 H  N N 201 
LEU HD22 H  N N 202 
LEU HD23 H  N N 203 
LEU HXT  H  N N 204 
LYS N    N  N N 205 
LYS CA   C  N S 206 
LYS C    C  N N 207 
LYS O    O  N N 208 
LYS CB   C  N N 209 
LYS CG   C  N N 210 
LYS CD   C  N N 211 
LYS CE   C  N N 212 
LYS NZ   N  N N 213 
LYS OXT  O  N N 214 
LYS H    H  N N 215 
LYS H2   H  N N 216 
LYS HA   H  N N 217 
LYS HB2  H  N N 218 
LYS HB3  H  N N 219 
LYS HG2  H  N N 220 
LYS HG3  H  N N 221 
LYS HD2  H  N N 222 
LYS HD3  H  N N 223 
LYS HE2  H  N N 224 
LYS HE3  H  N N 225 
LYS HZ1  H  N N 226 
LYS HZ2  H  N N 227 
LYS HZ3  H  N N 228 
LYS HXT  H  N N 229 
MET N    N  N N 230 
MET CA   C  N S 231 
MET C    C  N N 232 
MET O    O  N N 233 
MET CB   C  N N 234 
MET CG   C  N N 235 
MET SD   S  N N 236 
MET CE   C  N N 237 
MET OXT  O  N N 238 
MET H    H  N N 239 
MET H2   H  N N 240 
MET HA   H  N N 241 
MET HB2  H  N N 242 
MET HB3  H  N N 243 
MET HG2  H  N N 244 
MET HG3  H  N N 245 
MET HE1  H  N N 246 
MET HE2  H  N N 247 
MET HE3  H  N N 248 
MET HXT  H  N N 249 
PHE N    N  N N 250 
PHE CA   C  N S 251 
PHE C    C  N N 252 
PHE O    O  N N 253 
PHE CB   C  N N 254 
PHE CG   C  Y N 255 
PHE CD1  C  Y N 256 
PHE CD2  C  Y N 257 
PHE CE1  C  Y N 258 
PHE CE2  C  Y N 259 
PHE CZ   C  Y N 260 
PHE OXT  O  N N 261 
PHE H    H  N N 262 
PHE H2   H  N N 263 
PHE HA   H  N N 264 
PHE HB2  H  N N 265 
PHE HB3  H  N N 266 
PHE HD1  H  N N 267 
PHE HD2  H  N N 268 
PHE HE1  H  N N 269 
PHE HE2  H  N N 270 
PHE HZ   H  N N 271 
PHE HXT  H  N N 272 
PRO N    N  N N 273 
PRO CA   C  N S 274 
PRO C    C  N N 275 
PRO O    O  N N 276 
PRO CB   C  N N 277 
PRO CG   C  N N 278 
PRO CD   C  N N 279 
PRO OXT  O  N N 280 
PRO H    H  N N 281 
PRO HA   H  N N 282 
PRO HB2  H  N N 283 
PRO HB3  H  N N 284 
PRO HG2  H  N N 285 
PRO HG3  H  N N 286 
PRO HD2  H  N N 287 
PRO HD3  H  N N 288 
PRO HXT  H  N N 289 
SER N    N  N N 290 
SER CA   C  N S 291 
SER C    C  N N 292 
SER O    O  N N 293 
SER CB   C  N N 294 
SER OG   O  N N 295 
SER OXT  O  N N 296 
SER H    H  N N 297 
SER H2   H  N N 298 
SER HA   H  N N 299 
SER HB2  H  N N 300 
SER HB3  H  N N 301 
SER HG   H  N N 302 
SER HXT  H  N N 303 
THR N    N  N N 304 
THR CA   C  N S 305 
THR C    C  N N 306 
THR O    O  N N 307 
THR CB   C  N R 308 
THR OG1  O  N N 309 
THR CG2  C  N N 310 
THR OXT  O  N N 311 
THR H    H  N N 312 
THR H2   H  N N 313 
THR HA   H  N N 314 
THR HB   H  N N 315 
THR HG1  H  N N 316 
THR HG21 H  N N 317 
THR HG22 H  N N 318 
THR HG23 H  N N 319 
THR HXT  H  N N 320 
TRP N    N  N N 321 
TRP CA   C  N S 322 
TRP C    C  N N 323 
TRP O    O  N N 324 
TRP CB   C  N N 325 
TRP CG   C  Y N 326 
TRP CD1  C  Y N 327 
TRP CD2  C  Y N 328 
TRP NE1  N  Y N 329 
TRP CE2  C  Y N 330 
TRP CE3  C  Y N 331 
TRP CZ2  C  Y N 332 
TRP CZ3  C  Y N 333 
TRP CH2  C  Y N 334 
TRP OXT  O  N N 335 
TRP H    H  N N 336 
TRP H2   H  N N 337 
TRP HA   H  N N 338 
TRP HB2  H  N N 339 
TRP HB3  H  N N 340 
TRP HD1  H  N N 341 
TRP HE1  H  N N 342 
TRP HE3  H  N N 343 
TRP HZ2  H  N N 344 
TRP HZ3  H  N N 345 
TRP HH2  H  N N 346 
TRP HXT  H  N N 347 
TYR N    N  N N 348 
TYR CA   C  N S 349 
TYR C    C  N N 350 
TYR O    O  N N 351 
TYR CB   C  N N 352 
TYR CG   C  Y N 353 
TYR CD1  C  Y N 354 
TYR CD2  C  Y N 355 
TYR CE1  C  Y N 356 
TYR CE2  C  Y N 357 
TYR CZ   C  Y N 358 
TYR OH   O  N N 359 
TYR OXT  O  N N 360 
TYR H    H  N N 361 
TYR H2   H  N N 362 
TYR HA   H  N N 363 
TYR HB2  H  N N 364 
TYR HB3  H  N N 365 
TYR HD1  H  N N 366 
TYR HD2  H  N N 367 
TYR HE1  H  N N 368 
TYR HE2  H  N N 369 
TYR HH   H  N N 370 
TYR HXT  H  N N 371 
VAL N    N  N N 372 
VAL CA   C  N S 373 
VAL C    C  N N 374 
VAL O    O  N N 375 
VAL CB   C  N N 376 
VAL CG1  C  N N 377 
VAL CG2  C  N N 378 
VAL OXT  O  N N 379 
VAL H    H  N N 380 
VAL H2   H  N N 381 
VAL HA   H  N N 382 
VAL HB   H  N N 383 
VAL HG11 H  N N 384 
VAL HG12 H  N N 385 
VAL HG13 H  N N 386 
VAL HG21 H  N N 387 
VAL HG22 H  N N 388 
VAL HG23 H  N N 389 
VAL HXT  H  N N 390 
ZN  ZN   ZN N N 391 
# 
loop_
_chem_comp_bond.comp_id 
_chem_comp_bond.atom_id_1 
_chem_comp_bond.atom_id_2 
_chem_comp_bond.value_order 
_chem_comp_bond.pdbx_aromatic_flag 
_chem_comp_bond.pdbx_stereo_config 
_chem_comp_bond.pdbx_ordinal 
ALA N   CA   sing N N 1   
ALA N   H    sing N N 2   
ALA N   H2   sing N N 3   
ALA CA  C    sing N N 4   
ALA CA  CB   sing N N 5   
ALA CA  HA   sing N N 6   
ALA C   O    doub N N 7   
ALA C   OXT  sing N N 8   
ALA CB  HB1  sing N N 9   
ALA CB  HB2  sing N N 10  
ALA CB  HB3  sing N N 11  
ALA OXT HXT  sing N N 12  
ARG N   CA   sing N N 13  
ARG N   H    sing N N 14  
ARG N   H2   sing N N 15  
ARG CA  C    sing N N 16  
ARG CA  CB   sing N N 17  
ARG CA  HA   sing N N 18  
ARG C   O    doub N N 19  
ARG C   OXT  sing N N 20  
ARG CB  CG   sing N N 21  
ARG CB  HB2  sing N N 22  
ARG CB  HB3  sing N N 23  
ARG CG  CD   sing N N 24  
ARG CG  HG2  sing N N 25  
ARG CG  HG3  sing N N 26  
ARG CD  NE   sing N N 27  
ARG CD  HD2  sing N N 28  
ARG CD  HD3  sing N N 29  
ARG NE  CZ   sing N N 30  
ARG NE  HE   sing N N 31  
ARG CZ  NH1  sing N N 32  
ARG CZ  NH2  doub N N 33  
ARG NH1 HH11 sing N N 34  
ARG NH1 HH12 sing N N 35  
ARG NH2 HH21 sing N N 36  
ARG NH2 HH22 sing N N 37  
ARG OXT HXT  sing N N 38  
ASN N   CA   sing N N 39  
ASN N   H    sing N N 40  
ASN N   H2   sing N N 41  
ASN CA  C    sing N N 42  
ASN CA  CB   sing N N 43  
ASN CA  HA   sing N N 44  
ASN C   O    doub N N 45  
ASN C   OXT  sing N N 46  
ASN CB  CG   sing N N 47  
ASN CB  HB2  sing N N 48  
ASN CB  HB3  sing N N 49  
ASN CG  OD1  doub N N 50  
ASN CG  ND2  sing N N 51  
ASN ND2 HD21 sing N N 52  
ASN ND2 HD22 sing N N 53  
ASN OXT HXT  sing N N 54  
ASP N   CA   sing N N 55  
ASP N   H    sing N N 56  
ASP N   H2   sing N N 57  
ASP CA  C    sing N N 58  
ASP CA  CB   sing N N 59  
ASP CA  HA   sing N N 60  
ASP C   O    doub N N 61  
ASP C   OXT  sing N N 62  
ASP CB  CG   sing N N 63  
ASP CB  HB2  sing N N 64  
ASP CB  HB3  sing N N 65  
ASP CG  OD1  doub N N 66  
ASP CG  OD2  sing N N 67  
ASP OD2 HD2  sing N N 68  
ASP OXT HXT  sing N N 69  
CYS N   CA   sing N N 70  
CYS N   H    sing N N 71  
CYS N   H2   sing N N 72  
CYS CA  C    sing N N 73  
CYS CA  CB   sing N N 74  
CYS CA  HA   sing N N 75  
CYS C   O    doub N N 76  
CYS C   OXT  sing N N 77  
CYS CB  SG   sing N N 78  
CYS CB  HB2  sing N N 79  
CYS CB  HB3  sing N N 80  
CYS SG  HG   sing N N 81  
CYS OXT HXT  sing N N 82  
GLN N   CA   sing N N 83  
GLN N   H    sing N N 84  
GLN N   H2   sing N N 85  
GLN CA  C    sing N N 86  
GLN CA  CB   sing N N 87  
GLN CA  HA   sing N N 88  
GLN C   O    doub N N 89  
GLN C   OXT  sing N N 90  
GLN CB  CG   sing N N 91  
GLN CB  HB2  sing N N 92  
GLN CB  HB3  sing N N 93  
GLN CG  CD   sing N N 94  
GLN CG  HG2  sing N N 95  
GLN CG  HG3  sing N N 96  
GLN CD  OE1  doub N N 97  
GLN CD  NE2  sing N N 98  
GLN NE2 HE21 sing N N 99  
GLN NE2 HE22 sing N N 100 
GLN OXT HXT  sing N N 101 
GLU N   CA   sing N N 102 
GLU N   H    sing N N 103 
GLU N   H2   sing N N 104 
GLU CA  C    sing N N 105 
GLU CA  CB   sing N N 106 
GLU CA  HA   sing N N 107 
GLU C   O    doub N N 108 
GLU C   OXT  sing N N 109 
GLU CB  CG   sing N N 110 
GLU CB  HB2  sing N N 111 
GLU CB  HB3  sing N N 112 
GLU CG  CD   sing N N 113 
GLU CG  HG2  sing N N 114 
GLU CG  HG3  sing N N 115 
GLU CD  OE1  doub N N 116 
GLU CD  OE2  sing N N 117 
GLU OE2 HE2  sing N N 118 
GLU OXT HXT  sing N N 119 
GLY N   CA   sing N N 120 
GLY N   H    sing N N 121 
GLY N   H2   sing N N 122 
GLY CA  C    sing N N 123 
GLY CA  HA2  sing N N 124 
GLY CA  HA3  sing N N 125 
GLY C   O    doub N N 126 
GLY C   OXT  sing N N 127 
GLY OXT HXT  sing N N 128 
HIS N   CA   sing N N 129 
HIS N   H    sing N N 130 
HIS N   H2   sing N N 131 
HIS CA  C    sing N N 132 
HIS CA  CB   sing N N 133 
HIS CA  HA   sing N N 134 
HIS C   O    doub N N 135 
HIS C   OXT  sing N N 136 
HIS CB  CG   sing N N 137 
HIS CB  HB2  sing N N 138 
HIS CB  HB3  sing N N 139 
HIS CG  ND1  sing Y N 140 
HIS CG  CD2  doub Y N 141 
HIS ND1 CE1  doub Y N 142 
HIS ND1 HD1  sing N N 143 
HIS CD2 NE2  sing Y N 144 
HIS CD2 HD2  sing N N 145 
HIS CE1 NE2  sing Y N 146 
HIS CE1 HE1  sing N N 147 
HIS NE2 HE2  sing N N 148 
HIS OXT HXT  sing N N 149 
HOH O   H1   sing N N 150 
HOH O   H2   sing N N 151 
ILE N   CA   sing N N 152 
ILE N   H    sing N N 153 
ILE N   H2   sing N N 154 
ILE CA  C    sing N N 155 
ILE CA  CB   sing N N 156 
ILE CA  HA   sing N N 157 
ILE C   O    doub N N 158 
ILE C   OXT  sing N N 159 
ILE CB  CG1  sing N N 160 
ILE CB  CG2  sing N N 161 
ILE CB  HB   sing N N 162 
ILE CG1 CD1  sing N N 163 
ILE CG1 HG12 sing N N 164 
ILE CG1 HG13 sing N N 165 
ILE CG2 HG21 sing N N 166 
ILE CG2 HG22 sing N N 167 
ILE CG2 HG23 sing N N 168 
ILE CD1 HD11 sing N N 169 
ILE CD1 HD12 sing N N 170 
ILE CD1 HD13 sing N N 171 
ILE OXT HXT  sing N N 172 
LEU N   CA   sing N N 173 
LEU N   H    sing N N 174 
LEU N   H2   sing N N 175 
LEU CA  C    sing N N 176 
LEU CA  CB   sing N N 177 
LEU CA  HA   sing N N 178 
LEU C   O    doub N N 179 
LEU C   OXT  sing N N 180 
LEU CB  CG   sing N N 181 
LEU CB  HB2  sing N N 182 
LEU CB  HB3  sing N N 183 
LEU CG  CD1  sing N N 184 
LEU CG  CD2  sing N N 185 
LEU CG  HG   sing N N 186 
LEU CD1 HD11 sing N N 187 
LEU CD1 HD12 sing N N 188 
LEU CD1 HD13 sing N N 189 
LEU CD2 HD21 sing N N 190 
LEU CD2 HD22 sing N N 191 
LEU CD2 HD23 sing N N 192 
LEU OXT HXT  sing N N 193 
LYS N   CA   sing N N 194 
LYS N   H    sing N N 195 
LYS N   H2   sing N N 196 
LYS CA  C    sing N N 197 
LYS CA  CB   sing N N 198 
LYS CA  HA   sing N N 199 
LYS C   O    doub N N 200 
LYS C   OXT  sing N N 201 
LYS CB  CG   sing N N 202 
LYS CB  HB2  sing N N 203 
LYS CB  HB3  sing N N 204 
LYS CG  CD   sing N N 205 
LYS CG  HG2  sing N N 206 
LYS CG  HG3  sing N N 207 
LYS CD  CE   sing N N 208 
LYS CD  HD2  sing N N 209 
LYS CD  HD3  sing N N 210 
LYS CE  NZ   sing N N 211 
LYS CE  HE2  sing N N 212 
LYS CE  HE3  sing N N 213 
LYS NZ  HZ1  sing N N 214 
LYS NZ  HZ2  sing N N 215 
LYS NZ  HZ3  sing N N 216 
LYS OXT HXT  sing N N 217 
MET N   CA   sing N N 218 
MET N   H    sing N N 219 
MET N   H2   sing N N 220 
MET CA  C    sing N N 221 
MET CA  CB   sing N N 222 
MET CA  HA   sing N N 223 
MET C   O    doub N N 224 
MET C   OXT  sing N N 225 
MET CB  CG   sing N N 226 
MET CB  HB2  sing N N 227 
MET CB  HB3  sing N N 228 
MET CG  SD   sing N N 229 
MET CG  HG2  sing N N 230 
MET CG  HG3  sing N N 231 
MET SD  CE   sing N N 232 
MET CE  HE1  sing N N 233 
MET CE  HE2  sing N N 234 
MET CE  HE3  sing N N 235 
MET OXT HXT  sing N N 236 
PHE N   CA   sing N N 237 
PHE N   H    sing N N 238 
PHE N   H2   sing N N 239 
PHE CA  C    sing N N 240 
PHE CA  CB   sing N N 241 
PHE CA  HA   sing N N 242 
PHE C   O    doub N N 243 
PHE C   OXT  sing N N 244 
PHE CB  CG   sing N N 245 
PHE CB  HB2  sing N N 246 
PHE CB  HB3  sing N N 247 
PHE CG  CD1  doub Y N 248 
PHE CG  CD2  sing Y N 249 
PHE CD1 CE1  sing Y N 250 
PHE CD1 HD1  sing N N 251 
PHE CD2 CE2  doub Y N 252 
PHE CD2 HD2  sing N N 253 
PHE CE1 CZ   doub Y N 254 
PHE CE1 HE1  sing N N 255 
PHE CE2 CZ   sing Y N 256 
PHE CE2 HE2  sing N N 257 
PHE CZ  HZ   sing N N 258 
PHE OXT HXT  sing N N 259 
PRO N   CA   sing N N 260 
PRO N   CD   sing N N 261 
PRO N   H    sing N N 262 
PRO CA  C    sing N N 263 
PRO CA  CB   sing N N 264 
PRO CA  HA   sing N N 265 
PRO C   O    doub N N 266 
PRO C   OXT  sing N N 267 
PRO CB  CG   sing N N 268 
PRO CB  HB2  sing N N 269 
PRO CB  HB3  sing N N 270 
PRO CG  CD   sing N N 271 
PRO CG  HG2  sing N N 272 
PRO CG  HG3  sing N N 273 
PRO CD  HD2  sing N N 274 
PRO CD  HD3  sing N N 275 
PRO OXT HXT  sing N N 276 
SER N   CA   sing N N 277 
SER N   H    sing N N 278 
SER N   H2   sing N N 279 
SER CA  C    sing N N 280 
SER CA  CB   sing N N 281 
SER CA  HA   sing N N 282 
SER C   O    doub N N 283 
SER C   OXT  sing N N 284 
SER CB  OG   sing N N 285 
SER CB  HB2  sing N N 286 
SER CB  HB3  sing N N 287 
SER OG  HG   sing N N 288 
SER OXT HXT  sing N N 289 
THR N   CA   sing N N 290 
THR N   H    sing N N 291 
THR N   H2   sing N N 292 
THR CA  C    sing N N 293 
THR CA  CB   sing N N 294 
THR CA  HA   sing N N 295 
THR C   O    doub N N 296 
THR C   OXT  sing N N 297 
THR CB  OG1  sing N N 298 
THR CB  CG2  sing N N 299 
THR CB  HB   sing N N 300 
THR OG1 HG1  sing N N 301 
THR CG2 HG21 sing N N 302 
THR CG2 HG22 sing N N 303 
THR CG2 HG23 sing N N 304 
THR OXT HXT  sing N N 305 
TRP N   CA   sing N N 306 
TRP N   H    sing N N 307 
TRP N   H2   sing N N 308 
TRP CA  C    sing N N 309 
TRP CA  CB   sing N N 310 
TRP CA  HA   sing N N 311 
TRP C   O    doub N N 312 
TRP C   OXT  sing N N 313 
TRP CB  CG   sing N N 314 
TRP CB  HB2  sing N N 315 
TRP CB  HB3  sing N N 316 
TRP CG  CD1  doub Y N 317 
TRP CG  CD2  sing Y N 318 
TRP CD1 NE1  sing Y N 319 
TRP CD1 HD1  sing N N 320 
TRP CD2 CE2  doub Y N 321 
TRP CD2 CE3  sing Y N 322 
TRP NE1 CE2  sing Y N 323 
TRP NE1 HE1  sing N N 324 
TRP CE2 CZ2  sing Y N 325 
TRP CE3 CZ3  doub Y N 326 
TRP CE3 HE3  sing N N 327 
TRP CZ2 CH2  doub Y N 328 
TRP CZ2 HZ2  sing N N 329 
TRP CZ3 CH2  sing Y N 330 
TRP CZ3 HZ3  sing N N 331 
TRP CH2 HH2  sing N N 332 
TRP OXT HXT  sing N N 333 
TYR N   CA   sing N N 334 
TYR N   H    sing N N 335 
TYR N   H2   sing N N 336 
TYR CA  C    sing N N 337 
TYR CA  CB   sing N N 338 
TYR CA  HA   sing N N 339 
TYR C   O    doub N N 340 
TYR C   OXT  sing N N 341 
TYR CB  CG   sing N N 342 
TYR CB  HB2  sing N N 343 
TYR CB  HB3  sing N N 344 
TYR CG  CD1  doub Y N 345 
TYR CG  CD2  sing Y N 346 
TYR CD1 CE1  sing Y N 347 
TYR CD1 HD1  sing N N 348 
TYR CD2 CE2  doub Y N 349 
TYR CD2 HD2  sing N N 350 
TYR CE1 CZ   doub Y N 351 
TYR CE1 HE1  sing N N 352 
TYR CE2 CZ   sing Y N 353 
TYR CE2 HE2  sing N N 354 
TYR CZ  OH   sing N N 355 
TYR OH  HH   sing N N 356 
TYR OXT HXT  sing N N 357 
VAL N   CA   sing N N 358 
VAL N   H    sing N N 359 
VAL N   H2   sing N N 360 
VAL CA  C    sing N N 361 
VAL CA  CB   sing N N 362 
VAL CA  HA   sing N N 363 
VAL C   O    doub N N 364 
VAL C   OXT  sing N N 365 
VAL CB  CG1  sing N N 366 
VAL CB  CG2  sing N N 367 
VAL CB  HB   sing N N 368 
VAL CG1 HG11 sing N N 369 
VAL CG1 HG12 sing N N 370 
VAL CG1 HG13 sing N N 371 
VAL CG2 HG21 sing N N 372 
VAL CG2 HG22 sing N N 373 
VAL CG2 HG23 sing N N 374 
VAL OXT HXT  sing N N 375 
# 
_pdbx_initial_refinement_model.id               1 
_pdbx_initial_refinement_model.entity_id_list   ? 
_pdbx_initial_refinement_model.type             'experimental model' 
_pdbx_initial_refinement_model.source_name      PDB 
_pdbx_initial_refinement_model.accession_code   2HRV 
_pdbx_initial_refinement_model.details          ? 
# 
_atom_sites.entry_id                    4FVB 
_atom_sites.fract_transf_matrix[1][1]   0.00693242 
_atom_sites.fract_transf_matrix[1][2]   -0.00953867 
_atom_sites.fract_transf_matrix[1][3]   -0.00416231 
_atom_sites.fract_transf_matrix[2][1]   0.01388115 
_atom_sites.fract_transf_matrix[2][2]   0.01456871 
_atom_sites.fract_transf_matrix[2][3]   -0.01026741 
_atom_sites.fract_transf_matrix[3][1]   0.01521833 
_atom_sites.fract_transf_matrix[3][2]   -0.00518509 
_atom_sites.fract_transf_matrix[3][3]   0.01321734 
_atom_sites.fract_transf_vector[1]      -0.108531 
_atom_sites.fract_transf_vector[2]      0.350355 
_atom_sites.fract_transf_vector[3]      -0.376630 
# 
loop_
_atom_type.symbol 
C  
N  
O  
S  
ZN 
# 
loop_
_atom_site.group_PDB 
_atom_site.id 
_atom_site.type_symbol 
_atom_site.label_atom_id 
_atom_site.label_alt_id 
_atom_site.label_comp_id 
_atom_site.label_asym_id 
_atom_site.label_entity_id 
_atom_site.label_seq_id 
_atom_site.pdbx_PDB_ins_code 
_atom_site.Cartn_x 
_atom_site.Cartn_y 
_atom_site.Cartn_z 
_atom_site.occupancy 
_atom_site.B_iso_or_equiv 
_atom_site.pdbx_formal_charge 
_atom_site.auth_seq_id 
_atom_site.auth_comp_id 
_atom_site.auth_asym_id 
_atom_site.auth_atom_id 
_atom_site.pdbx_PDB_model_num 
ATOM   1    N  N   . SER A 1 9   ? 6.361   7.442   6.903   1.00 47.97 ? 7   SER A N   1 
ATOM   2    C  CA  . SER A 1 9   ? 6.686   6.348   7.865   1.00 55.15 ? 7   SER A CA  1 
ATOM   3    C  C   . SER A 1 9   ? 5.720   5.312   7.361   1.00 54.46 ? 7   SER A C   1 
ATOM   4    O  O   . SER A 1 9   ? 5.831   4.090   7.644   1.00 59.78 ? 7   SER A O   1 
ATOM   5    C  CB  . SER A 1 9   ? 6.338   6.768   9.298   1.00 63.16 ? 7   SER A CB  1 
ATOM   6    O  OG  . SER A 1 9   ? 5.012   7.319   9.384   1.00 65.55 ? 7   SER A OG  1 
ATOM   7    N  N   . GLY A 1 10  ? 4.772   5.865   6.599   1.00 49.54 ? 8   GLY A N   1 
ATOM   8    C  CA  . GLY A 1 10  ? 3.836   5.179   5.724   1.00 41.78 ? 8   GLY A CA  1 
ATOM   9    C  C   . GLY A 1 10  ? 4.517   4.997   4.378   1.00 36.68 ? 8   GLY A C   1 
ATOM   10   O  O   . GLY A 1 10  ? 3.981   5.448   3.349   1.00 34.19 ? 8   GLY A O   1 
ATOM   11   N  N   . ALA A 1 11  ? 5.689   4.348   4.399   1.00 29.73 ? 9   ALA A N   1 
ATOM   12   C  CA  . ALA A 1 11  ? 6.500   4.016   3.205   1.00 27.73 ? 9   ALA A CA  1 
ATOM   13   C  C   . ALA A 1 11  ? 7.155   2.663   3.345   1.00 29.43 ? 9   ALA A C   1 
ATOM   14   O  O   . ALA A 1 11  ? 7.545   2.274   4.465   1.00 31.35 ? 9   ALA A O   1 
ATOM   15   C  CB  . ALA A 1 11  ? 7.573   5.052   2.961   1.00 32.63 ? 9   ALA A CB  1 
ATOM   16   N  N   . ILE A 1 12  ? 7.314   1.949   2.223   1.00 26.72 ? 10  ILE A N   1 
ATOM   17   C  CA  . ILE A 1 12  ? 8.107   0.688   2.263   1.00 29.38 ? 10  ILE A CA  1 
ATOM   18   C  C   . ILE A 1 12  ? 9.500   1.056   1.765   1.00 28.21 ? 10  ILE A C   1 
ATOM   19   O  O   . ILE A 1 12  ? 9.581   1.720   0.721   1.00 24.49 ? 10  ILE A O   1 
ATOM   20   C  CB  . ILE A 1 12  ? 7.469   -0.388  1.343   1.00 27.00 ? 10  ILE A CB  1 
ATOM   21   C  CG1 . ILE A 1 12  ? 6.009   -0.753  1.822   1.00 22.60 ? 10  ILE A CG1 1 
ATOM   22   C  CG2 . ILE A 1 12  ? 8.407   -1.581  1.216   1.00 28.77 ? 10  ILE A CG2 1 
ATOM   23   C  CD1 . ILE A 1 12  ? 5.226   -1.439  0.692   1.00 25.69 ? 10  ILE A CD1 1 
ATOM   24   N  N   . TYR A 1 13  ? 10.574  0.653   2.486   1.00 25.40 ? 11  TYR A N   1 
ATOM   25   C  CA  . TYR A 1 13  ? 11.968  0.922   2.031   1.00 25.76 ? 11  TYR A CA  1 
ATOM   26   C  C   . TYR A 1 13  ? 12.649  -0.412  1.725   1.00 26.92 ? 11  TYR A C   1 
ATOM   27   O  O   . TYR A 1 13  ? 13.030  -1.126  2.666   1.00 35.31 ? 11  TYR A O   1 
ATOM   28   C  CB  . TYR A 1 13  ? 12.748  1.711   3.113   1.00 22.79 ? 11  TYR A CB  1 
ATOM   29   C  CG  . TYR A 1 13  ? 12.159  3.101   3.352   1.00 28.70 ? 11  TYR A CG  1 
ATOM   30   C  CD1 . TYR A 1 13  ? 12.435  4.137   2.475   1.00 31.83 ? 11  TYR A CD1 1 
ATOM   31   C  CD2 . TYR A 1 13  ? 11.301  3.357   4.437   1.00 29.07 ? 11  TYR A CD2 1 
ATOM   32   C  CE1 . TYR A 1 13  ? 11.874  5.406   2.640   1.00 32.61 ? 11  TYR A CE1 1 
ATOM   33   C  CE2 . TYR A 1 13  ? 10.717  4.627   4.620   1.00 33.14 ? 11  TYR A CE2 1 
ATOM   34   C  CZ  . TYR A 1 13  ? 11.027  5.648   3.706   1.00 37.97 ? 11  TYR A CZ  1 
ATOM   35   O  OH  . TYR A 1 13  ? 10.497  6.925   3.809   1.00 36.35 ? 11  TYR A OH  1 
ATOM   36   N  N   . VAL A 1 14  ? 12.807  -0.743  0.440   1.00 26.42 ? 12  VAL A N   1 
ATOM   37   C  CA  . VAL A 1 14  ? 13.410  -1.977  -0.009  1.00 28.43 ? 12  VAL A CA  1 
ATOM   38   C  C   . VAL A 1 14  ? 14.475  -1.612  -1.012  1.00 29.32 ? 12  VAL A C   1 
ATOM   39   O  O   . VAL A 1 14  ? 14.249  -0.829  -1.936  1.00 25.40 ? 12  VAL A O   1 
ATOM   40   C  CB  . VAL A 1 14  ? 12.407  -2.882  -0.791  1.00 26.71 ? 12  VAL A CB  1 
ATOM   41   C  CG1 . VAL A 1 14  ? 13.018  -4.262  -1.058  1.00 29.98 ? 12  VAL A CG1 1 
ATOM   42   C  CG2 . VAL A 1 14  ? 11.190  -3.095  -0.003  1.00 32.47 ? 12  VAL A CG2 1 
ATOM   43   N  N   . GLY A 1 15  ? 15.683  -2.150  -0.811  1.00 29.33 ? 13  GLY A N   1 
ATOM   44   C  CA  . GLY A 1 15  ? 16.760  -1.852  -1.723  1.00 31.16 ? 13  GLY A CA  1 
ATOM   45   C  C   . GLY A 1 15  ? 16.970  -0.348  -1.603  1.00 29.18 ? 13  GLY A C   1 
ATOM   46   O  O   . GLY A 1 15  ? 16.861  0.198   -0.520  1.00 29.65 ? 13  GLY A O   1 
ATOM   47   N  N   . ASN A 1 16  ? 17.228  0.284   -2.749  1.00 30.46 ? 14  ASN A N   1 
ATOM   48   C  CA  . ASN A 1 16  ? 17.282  1.734   -2.876  1.00 34.06 ? 14  ASN A CA  1 
ATOM   49   C  C   . ASN A 1 16  ? 15.931  2.313   -3.402  1.00 32.33 ? 14  ASN A C   1 
ATOM   50   O  O   . ASN A 1 16  ? 15.949  3.276   -4.167  1.00 36.86 ? 14  ASN A O   1 
ATOM   51   C  CB  . ASN A 1 16  ? 18.383  2.100   -3.847  1.00 35.63 ? 14  ASN A CB  1 
ATOM   52   C  CG  . ASN A 1 16  ? 19.752  1.884   -3.246  1.00 42.38 ? 14  ASN A CG  1 
ATOM   53   O  OD1 . ASN A 1 16  ? 20.112  2.501   -2.240  1.00 46.43 ? 14  ASN A OD1 1 
ATOM   54   N  ND2 . ASN A 1 16  ? 20.515  1.043   -3.871  1.00 40.00 ? 14  ASN A ND2 1 
ATOM   55   N  N   . PHE A 1 17  ? 14.811  1.768   -2.898  1.00 28.75 ? 15  PHE A N   1 
ATOM   56   C  CA  . PHE A 1 17  ? 13.446  2.203   -3.262  1.00 26.01 ? 15  PHE A CA  1 
ATOM   57   C  C   . PHE A 1 17  ? 12.655  2.599   -2.080  1.00 24.48 ? 15  PHE A C   1 
ATOM   58   O  O   . PHE A 1 17  ? 12.756  1.982   -1.042  1.00 22.91 ? 15  PHE A O   1 
ATOM   59   C  CB  . PHE A 1 17  ? 12.677  1.098   -4.042  1.00 26.91 ? 15  PHE A CB  1 
ATOM   60   C  CG  . PHE A 1 17  ? 13.356  0.664   -5.322  1.00 27.33 ? 15  PHE A CG  1 
ATOM   61   C  CD1 . PHE A 1 17  ? 13.477  1.531   -6.409  1.00 28.89 ? 15  PHE A CD1 1 
ATOM   62   C  CD2 . PHE A 1 17  ? 13.882  -0.642  -5.434  1.00 31.82 ? 15  PHE A CD2 1 
ATOM   63   C  CE1 . PHE A 1 17  ? 14.107  1.113   -7.601  1.00 32.76 ? 15  PHE A CE1 1 
ATOM   64   C  CE2 . PHE A 1 17  ? 14.499  -1.063  -6.619  1.00 29.61 ? 15  PHE A CE2 1 
ATOM   65   C  CZ  . PHE A 1 17  ? 14.596  -0.195  -7.708  1.00 29.28 ? 15  PHE A CZ  1 
ATOM   66   N  N   . ARG A 1 18  ? 11.779  3.598   -2.276  1.00 27.74 ? 16  ARG A N   1 
ATOM   67   C  CA  . ARG A 1 18  ? 10.837  4.036   -1.254  1.00 26.56 ? 16  ARG A CA  1 
ATOM   68   C  C   . ARG A 1 18  ? 9.481   3.889   -1.928  1.00 25.85 ? 16  ARG A C   1 
ATOM   69   O  O   . ARG A 1 18  ? 9.293   4.424   -3.009  1.00 23.03 ? 16  ARG A O   1 
ATOM   70   C  CB  . ARG A 1 18  ? 11.130  5.534   -0.932  1.00 23.81 ? 16  ARG A CB  1 
ATOM   71   C  CG  . ARG A 1 18  ? 9.965   6.249   -0.198  1.00 27.93 ? 16  ARG A CG  1 
ATOM   72   C  CD  . ARG A 1 18  ? 10.444  7.658   0.272   1.00 30.97 ? 16  ARG A CD  1 
ATOM   73   N  NE  . ARG A 1 18  ? 9.379   8.645   0.141   1.00 27.79 ? 16  ARG A NE  1 
ATOM   74   C  CZ  . ARG A 1 18  ? 8.462   8.894   1.065   1.00 31.07 ? 16  ARG A CZ  1 
ATOM   75   N  NH1 . ARG A 1 18  ? 8.472   8.225   2.217   1.00 32.25 ? 16  ARG A NH1 1 
ATOM   76   N  NH2 . ARG A 1 18  ? 7.510   9.802   0.823   1.00 31.61 ? 16  ARG A NH2 1 
ATOM   77   N  N   . VAL A 1 19  ? 8.585   3.090   -1.365  1.00 26.47 ? 17  VAL A N   1 
ATOM   78   C  CA  . VAL A 1 19  ? 7.311   2.842   -2.015  1.00 24.47 ? 17  VAL A CA  1 
ATOM   79   C  C   . VAL A 1 19  ? 6.232   3.515   -1.183  1.00 23.68 ? 17  VAL A C   1 
ATOM   80   O  O   . VAL A 1 19  ? 6.129   3.232   -0.037  1.00 27.14 ? 17  VAL A O   1 
ATOM   81   C  CB  . VAL A 1 19  ? 6.979   1.325   -2.059  1.00 23.30 ? 17  VAL A CB  1 
ATOM   82   C  CG1 . VAL A 1 19  ? 5.682   1.120   -2.810  1.00 22.99 ? 17  VAL A CG1 1 
ATOM   83   C  CG2 . VAL A 1 19  ? 8.060   0.507   -2.828  1.00 20.17 ? 17  VAL A CG2 1 
ATOM   84   N  N   . VAL A 1 20  ? 5.430   4.389   -1.805  1.00 26.28 ? 18  VAL A N   1 
ATOM   85   C  CA  . VAL A 1 20  ? 4.412   5.172   -1.124  1.00 23.36 ? 18  VAL A CA  1 
ATOM   86   C  C   . VAL A 1 20  ? 3.079   5.148   -1.896  1.00 20.87 ? 18  VAL A C   1 
ATOM   87   O  O   . VAL A 1 20  ? 3.042   4.810   -3.112  1.00 20.18 ? 18  VAL A O   1 
ATOM   88   C  CB  . VAL A 1 20  ? 4.889   6.664   -0.903  1.00 21.54 ? 18  VAL A CB  1 
ATOM   89   C  CG1 . VAL A 1 20  ? 5.971   6.709   0.143   1.00 29.49 ? 18  VAL A CG1 1 
ATOM   90   C  CG2 . VAL A 1 20  ? 5.318   7.380   -2.194  1.00 22.75 ? 18  VAL A CG2 1 
ATOM   91   N  N   . ASN A 1 21  ? 1.997   5.471   -1.206  1.00 19.79 ? 19  ASN A N   1 
ATOM   92   C  CA  . ASN A 1 21  ? 0.728   5.800   -1.892  1.00 21.96 ? 19  ASN A CA  1 
ATOM   93   C  C   . ASN A 1 21  ? 1.067   6.940   -2.834  1.00 18.83 ? 19  ASN A C   1 
ATOM   94   O  O   . ASN A 1 21  ? 1.585   8.006   -2.371  1.00 21.84 ? 19  ASN A O   1 
ATOM   95   C  CB  . ASN A 1 21  ? -0.423  6.257   -0.949  1.00 19.19 ? 19  ASN A CB  1 
ATOM   96   C  CG  . ASN A 1 21  ? -0.802  5.178   0.016   1.00 20.52 ? 19  ASN A CG  1 
ATOM   97   O  OD1 . ASN A 1 21  ? -1.644  4.294   -0.296  1.00 26.21 ? 19  ASN A OD1 1 
ATOM   98   N  ND2 . ASN A 1 21  ? -0.178  5.182   1.144   1.00 17.16 ? 19  ASN A ND2 1 
ATOM   99   N  N   . ARG A 1 22  ? 0.691   6.778   -4.089  1.00 19.01 ? 20  ARG A N   1 
ATOM   100  C  CA  . ARG A 1 22  ? 0.894   7.895   -5.104  1.00 20.44 ? 20  ARG A CA  1 
ATOM   101  C  C   . ARG A 1 22  ? 0.155   9.156   -4.646  1.00 23.34 ? 20  ARG A C   1 
ATOM   102  O  O   . ARG A 1 22  ? 0.706   10.270  -4.815  1.00 21.53 ? 20  ARG A O   1 
ATOM   103  C  CB  . ARG A 1 22  ? 0.390   7.476   -6.468  1.00 20.56 ? 20  ARG A CB  1 
ATOM   104  C  CG  . ARG A 1 22  ? 0.773   8.386   -7.611  1.00 22.74 ? 20  ARG A CG  1 
ATOM   105  C  CD  . ARG A 1 22  ? -0.116  7.923   -8.789  1.00 20.88 ? 20  ARG A CD  1 
ATOM   106  N  NE  . ARG A 1 22  ? 0.226   8.644   -10.002 1.00 24.40 ? 20  ARG A NE  1 
ATOM   107  C  CZ  . ARG A 1 22  ? -0.221  9.853   -10.363 1.00 28.41 ? 20  ARG A CZ  1 
ATOM   108  N  NH1 . ARG A 1 22  ? -1.001  10.547  -9.590  1.00 22.68 ? 20  ARG A NH1 1 
ATOM   109  N  NH2 . ARG A 1 22  ? 0.198   10.407  -11.524 1.00 28.09 ? 20  ARG A NH2 1 
ATOM   110  N  N   . HIS A 1 23  ? -1.034  9.027   -4.003  1.00 19.67 ? 21  HIS A N   1 
ATOM   111  C  CA  . HIS A 1 23  ? -1.726  10.276  -3.576  1.00 22.37 ? 21  HIS A CA  1 
ATOM   112  C  C   . HIS A 1 23  ? -1.067  11.006  -2.416  1.00 23.25 ? 21  HIS A C   1 
ATOM   113  O  O   . HIS A 1 23  ? -1.495  12.104  -2.066  1.00 21.71 ? 21  HIS A O   1 
ATOM   114  C  CB  . HIS A 1 23  ? -3.251  10.067  -3.291  1.00 20.33 ? 21  HIS A CB  1 
ATOM   115  C  CG  . HIS A 1 23  ? -3.567  9.295   -2.000  1.00 19.78 ? 21  HIS A CG  1 
ATOM   116  N  ND1 . HIS A 1 23  ? -3.552  7.954   -1.912  1.00 21.34 ? 21  HIS A ND1 1 
ATOM   117  C  CD2 . HIS A 1 23  ? -4.041  9.748   -0.754  1.00 21.00 ? 21  HIS A CD2 1 
ATOM   118  C  CE1 . HIS A 1 23  ? -3.961  7.541   -0.687  1.00 18.16 ? 21  HIS A CE1 1 
ATOM   119  N  NE2 . HIS A 1 23  ? -4.221  8.638   0.039   1.00 20.46 ? 21  HIS A NE2 1 
ATOM   120  N  N   . LEU A 1 24  ? -0.085  10.360  -1.778  1.00 23.42 ? 22  LEU A N   1 
ATOM   121  C  CA  . LEU A 1 24  ? 0.679   10.901  -0.653  1.00 24.06 ? 22  LEU A CA  1 
ATOM   122  C  C   . LEU A 1 24  ? 2.132   11.260  -1.025  1.00 24.47 ? 22  LEU A C   1 
ATOM   123  O  O   . LEU A 1 24  ? 2.901   11.682  -0.141  1.00 29.94 ? 22  LEU A O   1 
ATOM   124  C  CB  . LEU A 1 24  ? 0.698   9.905   0.533   1.00 19.48 ? 22  LEU A CB  1 
ATOM   125  C  CG  . LEU A 1 24  ? -0.671  9.552   1.152   1.00 21.54 ? 22  LEU A CG  1 
ATOM   126  C  CD1 . LEU A 1 24  ? -0.456  8.734   2.446   1.00 23.48 ? 22  LEU A CD1 1 
ATOM   127  C  CD2 . LEU A 1 24  ? -1.526  10.830  1.435   1.00 22.52 ? 22  LEU A CD2 1 
ATOM   128  N  N   . ALA A 1 25  ? 2.509   11.062  -2.272  1.00 23.90 ? 23  ALA A N   1 
ATOM   129  C  CA  . ALA A 1 25  ? 3.941   11.289  -2.695  1.00 26.38 ? 23  ALA A CA  1 
ATOM   130  C  C   . ALA A 1 25  ? 4.368   12.735  -2.367  1.00 28.74 ? 23  ALA A C   1 
ATOM   131  O  O   . ALA A 1 25  ? 3.541   13.624  -2.275  1.00 25.89 ? 23  ALA A O   1 
ATOM   132  C  CB  . ALA A 1 25  ? 4.103   11.035  -4.176  1.00 24.85 ? 23  ALA A CB  1 
ATOM   133  N  N   . THR A 1 26  ? 5.657   12.971  -2.154  1.00 31.06 ? 24  THR A N   1 
ATOM   134  C  CA  . THR A 1 26  ? 6.141   14.327  -1.838  1.00 27.87 ? 24  THR A CA  1 
ATOM   135  C  C   . THR A 1 26  ? 6.713   14.848  -3.180  1.00 31.89 ? 24  THR A C   1 
ATOM   136  O  O   . THR A 1 26  ? 6.830   14.095  -4.177  1.00 27.90 ? 24  THR A O   1 
ATOM   137  C  CB  . THR A 1 26  ? 7.244   14.295  -0.774  1.00 28.95 ? 24  THR A CB  1 
ATOM   138  O  OG1 . THR A 1 26  ? 8.285   13.458  -1.252  1.00 28.25 ? 24  THR A OG1 1 
ATOM   139  C  CG2 . THR A 1 26  ? 6.741   13.728  0.659   1.00 26.40 ? 24  THR A CG2 1 
ATOM   140  N  N   . HIS A 1 27  ? 7.041   16.133  -3.227  1.00 30.43 ? 25  HIS A N   1 
ATOM   141  C  CA  . HIS A 1 27  ? 7.745   16.696  -4.374  1.00 33.44 ? 25  HIS A CA  1 
ATOM   142  C  C   . HIS A 1 27  ? 9.073   16.015  -4.542  1.00 31.33 ? 25  HIS A C   1 
ATOM   143  O  O   . HIS A 1 27  ? 9.466   15.687  -5.656  1.00 29.07 ? 25  HIS A O   1 
ATOM   144  C  CB  . HIS A 1 27  ? 7.873   18.248  -4.221  1.00 41.99 ? 25  HIS A CB  1 
ATOM   145  C  CG  . HIS A 1 27  ? 6.605   19.007  -4.633  1.00 54.44 ? 25  HIS A CG  1 
ATOM   146  N  ND1 . HIS A 1 27  ? 5.415   18.378  -4.868  1.00 61.69 ? 25  HIS A ND1 1 
ATOM   147  C  CD2 . HIS A 1 27  ? 6.356   20.376  -4.788  1.00 55.60 ? 25  HIS A CD2 1 
ATOM   148  C  CE1 . HIS A 1 27  ? 4.477   19.294  -5.181  1.00 61.63 ? 25  HIS A CE1 1 
ATOM   149  N  NE2 . HIS A 1 27  ? 5.054   20.517  -5.127  1.00 59.77 ? 25  HIS A NE2 1 
ATOM   150  N  N   . ASN A 1 28  ? 9.748   15.740  -3.432  1.00 29.93 ? 26  ASN A N   1 
ATOM   151  C  CA  . ASN A 1 28  ? 11.059  15.024  -3.550  1.00 31.25 ? 26  ASN A CA  1 
ATOM   152  C  C   . ASN A 1 28  ? 10.861  13.592  -4.185  1.00 28.33 ? 26  ASN A C   1 
ATOM   153  O  O   . ASN A 1 28  ? 11.661  13.128  -5.026  1.00 30.70 ? 26  ASN A O   1 
ATOM   154  C  CB  . ASN A 1 28  ? 11.712  14.939  -2.153  1.00 34.07 ? 26  ASN A CB  1 
ATOM   155  C  CG  . ASN A 1 28  ? 13.123  14.359  -2.202  1.00 46.16 ? 26  ASN A CG  1 
ATOM   156  O  OD1 . ASN A 1 28  ? 13.389  13.252  -1.677  1.00 45.92 ? 26  ASN A OD1 1 
ATOM   157  N  ND2 . ASN A 1 28  ? 14.040  15.098  -2.844  1.00 41.66 ? 26  ASN A ND2 1 
ATOM   158  N  N   . ASP A 1 29  ? 9.739   12.924  -3.823  1.00 29.86 ? 27  ASP A N   1 
ATOM   159  C  CA  . ASP A 1 29  ? 9.355   11.651  -4.503  1.00 27.01 ? 27  ASP A CA  1 
ATOM   160  C  C   . ASP A 1 29  ? 9.313   11.757  -5.964  1.00 26.50 ? 27  ASP A C   1 
ATOM   161  O  O   . ASP A 1 29  ? 9.949   10.956  -6.660  1.00 27.24 ? 27  ASP A O   1 
ATOM   162  C  CB  . ASP A 1 29  ? 8.028   11.006  -3.990  1.00 28.38 ? 27  ASP A CB  1 
ATOM   163  C  CG  . ASP A 1 29  ? 8.169   10.453  -2.651  1.00 24.65 ? 27  ASP A CG  1 
ATOM   164  O  OD1 . ASP A 1 29  ? 9.239   9.819   -2.316  1.00 29.48 ? 27  ASP A OD1 1 
ATOM   165  O  OD2 . ASP A 1 29  ? 7.212   10.611  -1.885  1.00 29.71 ? 27  ASP A OD2 1 
ATOM   166  N  N   . TRP A 1 30  ? 8.572   12.748  -6.458  1.00 28.08 ? 28  TRP A N   1 
ATOM   167  C  CA  . TRP A 1 30  ? 8.487   13.008  -7.896  1.00 28.03 ? 28  TRP A CA  1 
ATOM   168  C  C   . TRP A 1 30  ? 9.815   13.402  -8.522  1.00 27.36 ? 28  TRP A C   1 
ATOM   169  O  O   . TRP A 1 30  ? 10.064  13.065  -9.663  1.00 30.30 ? 28  TRP A O   1 
ATOM   170  C  CB  . TRP A 1 30  ? 7.475   14.139  -8.097  1.00 29.27 ? 28  TRP A CB  1 
ATOM   171  C  CG  . TRP A 1 30  ? 6.041   13.659  -7.958  1.00 28.17 ? 28  TRP A CG  1 
ATOM   172  C  CD1 . TRP A 1 30  ? 5.148   13.893  -6.917  1.00 27.60 ? 28  TRP A CD1 1 
ATOM   173  C  CD2 . TRP A 1 30  ? 5.327   12.795  -8.882  1.00 25.69 ? 28  TRP A CD2 1 
ATOM   174  N  NE1 . TRP A 1 30  ? 3.948   13.258  -7.144  1.00 24.58 ? 28  TRP A NE1 1 
ATOM   175  C  CE2 . TRP A 1 30  ? 3.977   12.619  -8.326  1.00 25.89 ? 28  TRP A CE2 1 
ATOM   176  C  CE3 . TRP A 1 30  ? 5.598   12.291  -10.123 1.00 29.08 ? 28  TRP A CE3 1 
ATOM   177  C  CZ2 . TRP A 1 30  ? 3.005   11.866  -8.980  1.00 24.32 ? 28  TRP A CZ2 1 
ATOM   178  C  CZ3 . TRP A 1 30  ? 4.609   11.551  -10.768 1.00 31.10 ? 28  TRP A CZ3 1 
ATOM   179  C  CH2 . TRP A 1 30  ? 3.347   11.347  -10.190 1.00 26.81 ? 28  TRP A CH2 1 
ATOM   180  N  N   . ALA A 1 31  ? 10.644  14.150  -7.784  1.00 32.66 ? 29  ALA A N   1 
ATOM   181  C  CA  . ALA A 1 31  ? 11.997  14.589  -8.259  1.00 34.16 ? 29  ALA A CA  1 
ATOM   182  C  C   . ALA A 1 31  ? 12.917  13.366  -8.395  1.00 36.96 ? 29  ALA A C   1 
ATOM   183  O  O   . ALA A 1 31  ? 13.866  13.343  -9.177  1.00 36.61 ? 29  ALA A O   1 
ATOM   184  C  CB  . ALA A 1 31  ? 12.576  15.593  -7.264  1.00 33.41 ? 29  ALA A CB  1 
ATOM   185  N  N   . ASN A 1 32  ? 12.636  12.319  -7.632  1.00 34.50 ? 30  ASN A N   1 
ATOM   186  C  CA  . ASN A 1 32  ? 13.447  11.133  -7.755  1.00 32.35 ? 30  ASN A CA  1 
ATOM   187  C  C   . ASN A 1 32  ? 12.586  9.963   -8.198  1.00 33.07 ? 30  ASN A C   1 
ATOM   188  O  O   . ASN A 1 32  ? 12.766  8.864   -7.666  1.00 30.28 ? 30  ASN A O   1 
ATOM   189  C  CB  . ASN A 1 32  ? 14.073  10.797  -6.422  1.00 33.59 ? 30  ASN A CB  1 
ATOM   190  C  CG  . ASN A 1 32  ? 15.051  11.852  -5.982  1.00 42.33 ? 30  ASN A CG  1 
ATOM   191  O  OD1 . ASN A 1 32  ? 14.715  12.712  -5.183  1.00 41.08 ? 30  ASN A OD1 1 
ATOM   192  N  ND2 . ASN A 1 32  ? 16.252  11.817  -6.529  1.00 42.53 ? 30  ASN A ND2 1 
ATOM   193  N  N   . LEU A 1 33  ? 11.648  10.208  -9.134  1.00 30.79 ? 31  LEU A N   1 
ATOM   194  C  CA  . LEU A 1 33  ? 10.662  9.176   -9.528  1.00 31.07 ? 31  LEU A CA  1 
ATOM   195  C  C   . LEU A 1 33  ? 11.353  7.981   -10.158 1.00 32.15 ? 31  LEU A C   1 
ATOM   196  O  O   . LEU A 1 33  ? 12.180  8.175   -11.007 1.00 35.29 ? 31  LEU A O   1 
ATOM   197  C  CB  . LEU A 1 33  ? 9.667   9.767   -10.562 1.00 33.92 ? 31  LEU A CB  1 
ATOM   198  C  CG  . LEU A 1 33  ? 8.520   8.900   -11.151 1.00 31.08 ? 31  LEU A CG  1 
ATOM   199  C  CD1 . LEU A 1 33  ? 7.659   8.315   -9.999  1.00 27.82 ? 31  LEU A CD1 1 
ATOM   200  C  CD2 . LEU A 1 33  ? 7.695   9.802   -12.073 1.00 32.42 ? 31  LEU A CD2 1 
ATOM   201  N  N   . VAL A 1 34  ? 10.990  6.757   -9.769  1.00 31.53 ? 32  VAL A N   1 
ATOM   202  C  CA  . VAL A 1 34  ? 11.387  5.521   -10.435 1.00 26.19 ? 32  VAL A CA  1 
ATOM   203  C  C   . VAL A 1 34  ? 10.190  4.985   -11.226 1.00 25.46 ? 32  VAL A C   1 
ATOM   204  O  O   . VAL A 1 34  ? 10.346  4.498   -12.314 1.00 23.24 ? 32  VAL A O   1 
ATOM   205  C  CB  . VAL A 1 34  ? 11.806  4.457   -9.392  1.00 26.60 ? 32  VAL A CB  1 
ATOM   206  C  CG1 . VAL A 1 34  ? 12.108  3.130   -10.074 1.00 27.77 ? 32  VAL A CG1 1 
ATOM   207  C  CG2 . VAL A 1 34  ? 12.995  4.944   -8.577  1.00 28.50 ? 32  VAL A CG2 1 
ATOM   208  N  N   . TRP A 1 35  ? 8.968   5.060   -10.657 1.00 25.44 ? 33  TRP A N   1 
ATOM   209  C  CA  . TRP A 1 35  ? 7.820   4.324   -11.236 1.00 26.21 ? 33  TRP A CA  1 
ATOM   210  C  C   . TRP A 1 35  ? 6.583   4.757   -10.514 1.00 26.04 ? 33  TRP A C   1 
ATOM   211  O  O   . TRP A 1 35  ? 6.608   4.881   -9.271  1.00 22.27 ? 33  TRP A O   1 
ATOM   212  C  CB  . TRP A 1 35  ? 7.990   2.828   -11.014 1.00 30.51 ? 33  TRP A CB  1 
ATOM   213  C  CG  . TRP A 1 35  ? 6.808   1.981   -11.480 1.00 29.98 ? 33  TRP A CG  1 
ATOM   214  C  CD1 . TRP A 1 35  ? 6.499   1.608   -12.790 1.00 35.09 ? 33  TRP A CD1 1 
ATOM   215  C  CD2 . TRP A 1 35  ? 5.715   1.384   -10.635 1.00 30.56 ? 33  TRP A CD2 1 
ATOM   216  N  NE1 . TRP A 1 35  ? 5.351   0.823   -12.818 1.00 36.95 ? 33  TRP A NE1 1 
ATOM   217  C  CE2 . TRP A 1 35  ? 4.836   0.645   -11.556 1.00 35.25 ? 33  TRP A CE2 1 
ATOM   218  C  CE3 . TRP A 1 35  ? 5.431   1.349   -9.289  1.00 27.75 ? 33  TRP A CE3 1 
ATOM   219  C  CZ2 . TRP A 1 35  ? 3.681   -0.059  -11.104 1.00 34.52 ? 33  TRP A CZ2 1 
ATOM   220  C  CZ3 . TRP A 1 35  ? 4.260   0.652   -8.848  1.00 26.93 ? 33  TRP A CZ3 1 
ATOM   221  C  CH2 . TRP A 1 35  ? 3.418   -0.051  -9.750  1.00 26.87 ? 33  TRP A CH2 1 
ATOM   222  N  N   . GLU A 1 36  ? 5.466   4.953   -11.254 1.00 25.92 ? 34  GLU A N   1 
ATOM   223  C  CA  . GLU A 1 36  ? 4.189   5.298   -10.593 1.00 24.13 ? 34  GLU A CA  1 
ATOM   224  C  C   . GLU A 1 36  ? 3.005   4.814   -11.393 1.00 26.33 ? 34  GLU A C   1 
ATOM   225  O  O   . GLU A 1 36  ? 3.087   4.692   -12.609 1.00 28.98 ? 34  GLU A O   1 
ATOM   226  C  CB  . GLU A 1 36  ? 4.023   6.819   -10.348 1.00 24.72 ? 34  GLU A CB  1 
ATOM   227  C  CG  . GLU A 1 36  ? 4.268   7.690   -11.584 1.00 29.10 ? 34  GLU A CG  1 
ATOM   228  C  CD  . GLU A 1 36  ? 3.090   7.812   -12.495 1.00 31.66 ? 34  GLU A CD  1 
ATOM   229  O  OE1 . GLU A 1 36  ? 3.344   8.079   -13.679 1.00 32.62 ? 34  GLU A OE1 1 
ATOM   230  O  OE2 . GLU A 1 36  ? 1.900   7.720   -12.047 1.00 28.78 ? 34  GLU A OE2 1 
ATOM   231  N  N   . ASP A 1 37  ? 1.867   4.590   -10.715 1.00 23.15 ? 35  ASP A N   1 
ATOM   232  C  CA  . ASP A 1 37  ? 0.730   4.006   -11.409 1.00 19.20 ? 35  ASP A CA  1 
ATOM   233  C  C   . ASP A 1 37  ? -0.485  4.493   -10.624 1.00 20.44 ? 35  ASP A C   1 
ATOM   234  O  O   . ASP A 1 37  ? -0.732  3.968   -9.529  1.00 19.91 ? 35  ASP A O   1 
ATOM   235  C  CB  . ASP A 1 37  ? 0.875   2.469   -11.359 1.00 21.14 ? 35  ASP A CB  1 
ATOM   236  C  CG  . ASP A 1 37  ? -0.173  1.778   -12.119 1.00 23.78 ? 35  ASP A CG  1 
ATOM   237  O  OD1 . ASP A 1 37  ? -1.245  2.384   -12.302 1.00 24.41 ? 35  ASP A OD1 1 
ATOM   238  O  OD2 . ASP A 1 37  ? 0.031   0.604   -12.568 1.00 25.05 ? 35  ASP A OD2 1 
ATOM   239  N  N   . SER A 1 38  ? -1.221  5.452   -11.196 1.00 19.92 ? 36  SER A N   1 
ATOM   240  C  CA  . SER A 1 38  ? -2.496  5.914   -10.678 1.00 21.52 ? 36  SER A CA  1 
ATOM   241  C  C   . SER A 1 38  ? -3.546  4.818   -10.475 1.00 21.73 ? 36  SER A C   1 
ATOM   242  O  O   . SER A 1 38  ? -4.300  4.860   -9.504  1.00 22.21 ? 36  SER A O   1 
ATOM   243  C  CB  . SER A 1 38  ? -3.118  6.942   -11.658 1.00 27.00 ? 36  SER A CB  1 
ATOM   244  O  OG  . SER A 1 38  ? -2.553  8.184   -11.318 1.00 30.06 ? 36  SER A OG  1 
ATOM   245  N  N   . SER A 1 39  ? -3.649  3.893   -11.432 1.00 20.49 ? 37  SER A N   1 
ATOM   246  C  CA  . SER A 1 39  ? -4.623  2.831   -11.334 1.00 18.76 ? 37  SER A CA  1 
ATOM   247  C  C   . SER A 1 39  ? -4.378  1.875   -10.098 1.00 18.72 ? 37  SER A C   1 
ATOM   248  O  O   . SER A 1 39  ? -5.268  1.139   -9.645  1.00 20.33 ? 37  SER A O   1 
ATOM   249  C  CB  . SER A 1 39  ? -4.630  2.017   -12.655 1.00 20.90 ? 37  SER A CB  1 
ATOM   250  O  OG  . SER A 1 39  ? -3.442  1.272   -12.702 1.00 23.12 ? 37  SER A OG  1 
ATOM   251  N  N   . ARG A 1 40  ? -3.170  1.908   -9.562  1.00 17.16 ? 38  ARG A N   1 
ATOM   252  C  CA  . ARG A 1 40  ? -2.881  1.168   -8.347  1.00 17.56 ? 38  ARG A CA  1 
ATOM   253  C  C   . ARG A 1 40  ? -2.774  2.019   -7.063  1.00 18.59 ? 38  ARG A C   1 
ATOM   254  O  O   . ARG A 1 40  ? -2.561  1.413   -5.961  1.00 19.11 ? 38  ARG A O   1 
ATOM   255  C  CB  . ARG A 1 40  ? -1.531  0.467   -8.562  1.00 14.98 ? 38  ARG A CB  1 
ATOM   256  C  CG  . ARG A 1 40  ? -1.691  -0.719  -9.598  1.00 15.01 ? 38  ARG A CG  1 
ATOM   257  C  CD  . ARG A 1 40  ? -0.392  -1.469  -9.872  1.00 15.14 ? 38  ARG A CD  1 
ATOM   258  N  NE  . ARG A 1 40  ? -0.008  -2.330  -8.709  1.00 17.33 ? 38  ARG A NE  1 
ATOM   259  C  CZ  . ARG A 1 40  ? 0.727   -3.427  -8.812  1.00 16.65 ? 38  ARG A CZ  1 
ATOM   260  N  NH1 . ARG A 1 40  ? 1.243   -3.750  -10.004 1.00 17.78 ? 38  ARG A NH1 1 
ATOM   261  N  NH2 . ARG A 1 40  ? 0.992   -4.163  -7.723  1.00 14.63 ? 38  ARG A NH2 1 
ATOM   262  N  N   . ASP A 1 41  ? -2.804  3.358   -7.210  1.00 16.54 ? 39  ASP A N   1 
ATOM   263  C  CA  . ASP A 1 41  ? -2.413  4.333   -6.156  1.00 18.85 ? 39  ASP A CA  1 
ATOM   264  C  C   . ASP A 1 41  ? -0.946  4.088   -5.613  1.00 20.58 ? 39  ASP A C   1 
ATOM   265  O  O   . ASP A 1 41  ? -0.690  4.152   -4.376  1.00 19.52 ? 39  ASP A O   1 
ATOM   266  C  CB  . ASP A 1 41  ? -3.432  4.253   -4.971  1.00 19.83 ? 39  ASP A CB  1 
ATOM   267  C  CG  . ASP A 1 41  ? -3.122  5.280   -3.852  1.00 21.02 ? 39  ASP A CG  1 
ATOM   268  O  OD1 . ASP A 1 41  ? -2.794  6.451   -4.233  1.00 17.20 ? 39  ASP A OD1 1 
ATOM   269  O  OD2 . ASP A 1 41  ? -3.336  4.951   -2.652  1.00 21.67 ? 39  ASP A OD2 1 
ATOM   270  N  N   . LEU A 1 42  ? -0.005  3.727   -6.497  1.00 20.47 ? 40  LEU A N   1 
ATOM   271  C  CA  . LEU A 1 42  ? 1.404   3.463   -6.054  1.00 19.45 ? 40  LEU A CA  1 
ATOM   272  C  C   . LEU A 1 42  ? 2.422   4.406   -6.709  1.00 21.40 ? 40  LEU A C   1 
ATOM   273  O  O   . LEU A 1 42  ? 2.311   4.733   -7.906  1.00 21.73 ? 40  LEU A O   1 
ATOM   274  C  CB  . LEU A 1 42  ? 1.839   2.014   -6.365  1.00 21.56 ? 40  LEU A CB  1 
ATOM   275  C  CG  . LEU A 1 42  ? 1.190   0.891   -5.515  1.00 22.62 ? 40  LEU A CG  1 
ATOM   276  C  CD1 . LEU A 1 42  ? 1.752   -0.455  -5.999  1.00 19.92 ? 40  LEU A CD1 1 
ATOM   277  C  CD2 . LEU A 1 42  ? 1.455   1.068   -3.976  1.00 21.33 ? 40  LEU A CD2 1 
ATOM   278  N  N   . LEU A 1 43  ? 3.454   4.805   -5.942  1.00 19.81 ? 41  LEU A N   1 
ATOM   279  C  CA  . LEU A 1 43  ? 4.516   5.523   -6.527  1.00 22.94 ? 41  LEU A CA  1 
ATOM   280  C  C   . LEU A 1 43  ? 5.821   5.004   -5.852  1.00 23.54 ? 41  LEU A C   1 
ATOM   281  O  O   . LEU A 1 43  ? 5.850   4.773   -4.650  1.00 26.22 ? 41  LEU A O   1 
ATOM   282  C  CB  . LEU A 1 43  ? 4.333   7.060   -6.341  1.00 21.88 ? 41  LEU A CB  1 
ATOM   283  C  CG  . LEU A 1 43  ? 5.545   7.859   -6.929  1.00 23.15 ? 41  LEU A CG  1 
ATOM   284  C  CD1 . LEU A 1 43  ? 5.078   9.219   -7.522  1.00 20.51 ? 41  LEU A CD1 1 
ATOM   285  C  CD2 . LEU A 1 43  ? 6.615   8.011   -5.827  1.00 22.61 ? 41  LEU A CD2 1 
ATOM   286  N  N   . VAL A 1 44  ? 6.866   4.807   -6.658  1.00 24.63 ? 42  VAL A N   1 
ATOM   287  C  CA  . VAL A 1 44  ? 8.165   4.372   -6.130  1.00 23.78 ? 42  VAL A CA  1 
ATOM   288  C  C   . VAL A 1 44  ? 9.161   5.415   -6.517  1.00 24.44 ? 42  VAL A C   1 
ATOM   289  O  O   . VAL A 1 44  ? 9.171   5.896   -7.699  1.00 25.41 ? 42  VAL A O   1 
ATOM   290  C  CB  . VAL A 1 44  ? 8.592   3.036   -6.763  1.00 21.11 ? 42  VAL A CB  1 
ATOM   291  C  CG1 . VAL A 1 44  ? 10.047  2.666   -6.340  1.00 22.63 ? 42  VAL A CG1 1 
ATOM   292  C  CG2 . VAL A 1 44  ? 7.613   1.963   -6.336  1.00 22.50 ? 42  VAL A CG2 1 
ATOM   293  N  N   . SER A 1 45  ? 9.997   5.776   -5.541  1.00 24.96 ? 43  SER A N   1 
ATOM   294  C  CA  . SER A 1 45  ? 11.028  6.770   -5.774  1.00 24.90 ? 43  SER A CA  1 
ATOM   295  C  C   . SER A 1 45  ? 12.395  6.212   -5.289  1.00 29.62 ? 43  SER A C   1 
ATOM   296  O  O   . SER A 1 45  ? 12.422  5.211   -4.547  1.00 27.50 ? 43  SER A O   1 
ATOM   297  C  CB  . SER A 1 45  ? 10.678  8.081   -5.089  1.00 23.90 ? 43  SER A CB  1 
ATOM   298  O  OG  . SER A 1 45  ? 10.716  7.912   -3.646  1.00 24.48 ? 43  SER A OG  1 
ATOM   299  N  N   . SER A 1 46  ? 13.498  6.841   -5.759  1.00 30.04 ? 44  SER A N   1 
ATOM   300  C  CA  . SER A 1 46  ? 14.940  6.433   -5.522  1.00 33.00 ? 44  SER A CA  1 
ATOM   301  C  C   . SER A 1 46  ? 15.420  6.849   -4.174  1.00 31.82 ? 44  SER A C   1 
ATOM   302  O  O   . SER A 1 46  ? 15.119  7.955   -3.745  1.00 29.92 ? 44  SER A O   1 
ATOM   303  C  CB  . SER A 1 46  ? 15.873  7.213   -6.503  1.00 30.36 ? 44  SER A CB  1 
ATOM   304  O  OG  . SER A 1 46  ? 15.904  6.511   -7.686  1.00 38.85 ? 44  SER A OG  1 
ATOM   305  N  N   . THR A 1 47  ? 16.238  6.031   -3.524  1.00 33.45 ? 45  THR A N   1 
ATOM   306  C  CA  . THR A 1 47  ? 16.788  6.455   -2.224  1.00 36.48 ? 45  THR A CA  1 
ATOM   307  C  C   . THR A 1 47  ? 18.301  6.408   -2.271  1.00 39.71 ? 45  THR A C   1 
ATOM   308  O  O   . THR A 1 47  ? 18.913  5.771   -3.163  1.00 35.71 ? 45  THR A O   1 
ATOM   309  C  CB  . THR A 1 47  ? 16.349  5.626   -0.972  1.00 32.69 ? 45  THR A CB  1 
ATOM   310  O  OG1 . THR A 1 47  ? 16.802  4.266   -1.101  1.00 32.01 ? 45  THR A OG1 1 
ATOM   311  C  CG2 . THR A 1 47  ? 14.848  5.673   -0.697  1.00 33.33 ? 45  THR A CG2 1 
ATOM   312  N  N   . THR A 1 48  ? 18.879  7.086   -1.288  1.00 44.30 ? 46  THR A N   1 
ATOM   313  C  CA  . THR A 1 48  ? 20.329  7.115   -1.138  1.00 48.75 ? 46  THR A CA  1 
ATOM   314  C  C   . THR A 1 48  ? 20.785  5.928   -0.282  1.00 49.69 ? 46  THR A C   1 
ATOM   315  O  O   . THR A 1 48  ? 21.804  5.305   -0.546  1.00 56.23 ? 46  THR A O   1 
ATOM   316  C  CB  . THR A 1 48  ? 20.789  8.480   -0.596  1.00 43.58 ? 46  THR A CB  1 
ATOM   317  O  OG1 . THR A 1 48  ? 22.169  8.396   -0.285  1.00 67.85 ? 46  THR A OG1 1 
ATOM   318  C  CG2 . THR A 1 48  ? 19.981  8.941   0.642   1.00 45.03 ? 46  THR A CG2 1 
ATOM   319  N  N   . ALA A 1 49  ? 19.980  5.590   0.709   1.00 43.20 ? 47  ALA A N   1 
ATOM   320  C  CA  . ALA A 1 49  ? 20.341  4.594   1.681   1.00 43.48 ? 47  ALA A CA  1 
ATOM   321  C  C   . ALA A 1 49  ? 19.552  3.276   1.434   1.00 47.19 ? 47  ALA A C   1 
ATOM   322  O  O   . ALA A 1 49  ? 18.373  3.313   1.087   1.00 45.22 ? 47  ALA A O   1 
ATOM   323  C  CB  . ALA A 1 49  ? 20.035  5.150   3.048   1.00 37.94 ? 47  ALA A CB  1 
ATOM   324  N  N   . GLN A 1 50  ? 20.218  2.139   1.597   1.00 43.41 ? 48  GLN A N   1 
ATOM   325  C  CA  . GLN A 1 50  ? 19.609  0.785   1.566   1.00 44.43 ? 48  GLN A CA  1 
ATOM   326  C  C   . GLN A 1 50  ? 18.457  0.582   2.657   1.00 38.94 ? 48  GLN A C   1 
ATOM   327  O  O   . GLN A 1 50  ? 18.608  0.940   3.825   1.00 41.41 ? 48  GLN A O   1 
ATOM   328  C  CB  . GLN A 1 50  ? 20.781  -0.243  1.618   1.00 46.24 ? 48  GLN A CB  1 
ATOM   329  C  CG  . GLN A 1 50  ? 20.480  -1.742  1.752   1.00 48.12 ? 48  GLN A CG  1 
ATOM   330  C  CD  . GLN A 1 50  ? 19.951  -2.416  0.494   1.00 51.54 ? 48  GLN A CD  1 
ATOM   331  O  OE1 . GLN A 1 50  ? 19.378  -3.503  0.577   1.00 59.92 ? 48  GLN A OE1 1 
ATOM   332  N  NE2 . GLN A 1 50  ? 20.157  -1.796  -0.680  1.00 51.84 ? 48  GLN A NE2 1 
ATOM   333  N  N   . GLY A 1 51  ? 17.314  0.034   2.255   1.00 38.10 ? 49  GLY A N   1 
ATOM   334  C  CA  . GLY A 1 51  ? 16.135  -0.058  3.134   1.00 35.20 ? 49  GLY A CA  1 
ATOM   335  C  C   . GLY A 1 51  ? 16.175  -1.377  3.894   1.00 34.63 ? 49  GLY A C   1 
ATOM   336  O  O   . GLY A 1 51  ? 16.964  -2.266  3.550   1.00 32.90 ? 49  GLY A O   1 
ATOM   337  N  N   . CYS A 1 52  ? 15.318  -1.504  4.910   1.00 30.05 ? 50  CYS A N   1 
ATOM   338  C  CA  . CYS A 1 52  ? 15.284  -2.700  5.780   1.00 31.70 ? 50  CYS A CA  1 
ATOM   339  C  C   . CYS A 1 52  ? 14.175  -3.731  5.482   1.00 34.12 ? 50  CYS A C   1 
ATOM   340  O  O   . CYS A 1 52  ? 14.154  -4.823  6.058   1.00 34.13 ? 50  CYS A O   1 
ATOM   341  C  CB  . CYS A 1 52  ? 15.212  -2.236  7.253   1.00 38.28 ? 50  CYS A CB  1 
ATOM   342  S  SG  . CYS A 1 52  ? 16.720  -1.309  7.657   1.00 38.24 ? 50  CYS A SG  1 
ATOM   343  N  N   . ASP A 1 53  ? 13.276  -3.381  4.578   1.00 30.97 ? 51  ASP A N   1 
ATOM   344  C  CA  . ASP A 1 53  ? 12.069  -4.194  4.317   1.00 33.06 ? 51  ASP A CA  1 
ATOM   345  C  C   . ASP A 1 53  ? 12.400  -5.207  3.198   1.00 28.77 ? 51  ASP A C   1 
ATOM   346  O  O   . ASP A 1 53  ? 13.299  -4.982  2.369   1.00 28.03 ? 51  ASP A O   1 
ATOM   347  C  CB  . ASP A 1 53  ? 10.883  -3.282  3.825   1.00 27.69 ? 51  ASP A CB  1 
ATOM   348  C  CG  . ASP A 1 53  ? 10.341  -2.378  4.896   1.00 35.73 ? 51  ASP A CG  1 
ATOM   349  O  OD1 . ASP A 1 53  ? 10.064  -2.893  6.005   1.00 33.54 ? 51  ASP A OD1 1 
ATOM   350  O  OD2 . ASP A 1 53  ? 10.136  -1.151  4.632   1.00 31.74 ? 51  ASP A OD2 1 
ATOM   351  N  N   . THR A 1 54  ? 11.613  -6.271  3.162   1.00 29.37 ? 52  THR A N   1 
ATOM   352  C  CA  . THR A 1 54  ? 11.640  -7.312  2.101   1.00 32.08 ? 52  THR A CA  1 
ATOM   353  C  C   . THR A 1 54  ? 10.218  -7.435  1.611   1.00 30.44 ? 52  THR A C   1 
ATOM   354  O  O   . THR A 1 54  ? 9.280   -7.418  2.422   1.00 25.17 ? 52  THR A O   1 
ATOM   355  C  CB  . THR A 1 54  ? 11.947  -8.716  2.743   1.00 35.84 ? 52  THR A CB  1 
ATOM   356  O  OG1 . THR A 1 54  ? 13.148  -8.639  3.543   1.00 42.34 ? 52  THR A OG1 1 
ATOM   357  C  CG2 . THR A 1 54  ? 12.139  -9.783  1.721   1.00 42.13 ? 52  THR A CG2 1 
ATOM   358  N  N   . ILE A 1 55  ? 10.052  -7.618  0.301   1.00 29.63 ? 53  ILE A N   1 
ATOM   359  C  CA  . ILE A 1 55  ? 8.730   -7.921  -0.261  1.00 26.68 ? 53  ILE A CA  1 
ATOM   360  C  C   . ILE A 1 55  ? 8.366   -9.396  -0.173  1.00 27.20 ? 53  ILE A C   1 
ATOM   361  O  O   . ILE A 1 55  ? 9.196   -10.299 -0.592  1.00 27.18 ? 53  ILE A O   1 
ATOM   362  C  CB  . ILE A 1 55  ? 8.607   -7.456  -1.725  1.00 29.12 ? 53  ILE A CB  1 
ATOM   363  C  CG1 . ILE A 1 55  ? 8.985   -5.960  -1.832  1.00 28.40 ? 53  ILE A CG1 1 
ATOM   364  C  CG2 . ILE A 1 55  ? 7.212   -7.814  -2.241  1.00 26.30 ? 53  ILE A CG2 1 
ATOM   365  C  CD1 . ILE A 1 55  ? 8.010   -5.017  -1.113  1.00 21.29 ? 53  ILE A CD1 1 
ATOM   366  N  N   . ALA A 1 56  ? 7.142   -9.658  0.343   1.00 25.46 ? 54  ALA A N   1 
ATOM   367  C  CA  . ALA A 1 56  ? 6.670   -11.041 0.512   1.00 27.04 ? 54  ALA A CA  1 
ATOM   368  C  C   . ALA A 1 56  ? 6.594   -11.807 -0.790  1.00 27.85 ? 54  ALA A C   1 
ATOM   369  O  O   . ALA A 1 56  ? 5.885   -11.399 -1.674  1.00 24.49 ? 54  ALA A O   1 
ATOM   370  C  CB  . ALA A 1 56  ? 5.329   -11.103 1.222   1.00 22.41 ? 54  ALA A CB  1 
ATOM   371  N  N   . ARG A 1 57  ? 7.305   -12.940 -0.920  1.00 28.12 ? 55  ARG A N   1 
ATOM   372  C  CA  . ARG A 1 57  ? 7.205   -13.718 -2.178  1.00 27.01 ? 55  ARG A CA  1 
ATOM   373  C  C   . ARG A 1 57  ? 6.297   -14.872 -1.938  1.00 30.19 ? 55  ARG A C   1 
ATOM   374  O  O   . ARG A 1 57  ? 6.771   -16.028 -1.853  1.00 28.86 ? 55  ARG A O   1 
ATOM   375  C  CB  . ARG A 1 57  ? 8.585   -14.269 -2.624  1.00 31.69 ? 55  ARG A CB  1 
ATOM   376  C  CG  . ARG A 1 57  ? 9.611   -13.251 -3.078  1.00 33.35 ? 55  ARG A CG  1 
ATOM   377  C  CD  . ARG A 1 57  ? 9.796   -13.279 -4.582  1.00 37.20 ? 55  ARG A CD  1 
ATOM   378  N  NE  . ARG A 1 57  ? 10.800  -12.313 -5.085  1.00 36.40 ? 55  ARG A NE  1 
ATOM   379  C  CZ  . ARG A 1 57  ? 10.749  -10.979 -4.982  1.00 45.43 ? 55  ARG A CZ  1 
ATOM   380  N  NH1 . ARG A 1 57  ? 9.704   -10.372 -4.311  1.00 32.50 ? 55  ARG A NH1 1 
ATOM   381  N  NH2 . ARG A 1 57  ? 11.773  -10.244 -5.558  1.00 34.97 ? 55  ARG A NH2 1 
ATOM   382  N  N   . CYS A 1 58  ? 5.005   -14.598 -1.766  1.00 26.49 ? 56  CYS A N   1 
ATOM   383  C  CA  . CYS A 1 58  ? 4.054   -15.644 -1.363  1.00 26.44 ? 56  CYS A CA  1 
ATOM   384  C  C   . CYS A 1 58  ? 2.707   -15.192 -1.844  1.00 24.43 ? 56  CYS A C   1 
ATOM   385  O  O   . CYS A 1 58  ? 2.583   -14.069 -2.289  1.00 25.54 ? 56  CYS A O   1 
ATOM   386  C  CB  . CYS A 1 58  ? 3.936   -15.665 0.205   1.00 25.26 ? 56  CYS A CB  1 
ATOM   387  S  SG  . CYS A 1 58  ? 3.351   -14.060 0.764   1.00 33.52 ? 56  CYS A SG  1 
ATOM   388  N  N   . ASN A 1 59  ? 1.697   -16.025 -1.672  1.00 22.38 ? 57  ASN A N   1 
ATOM   389  C  CA  . ASN A 1 59  ? 0.324   -15.632 -1.920  1.00 24.49 ? 57  ASN A CA  1 
ATOM   390  C  C   . ASN A 1 59  ? -0.461  -15.632 -0.561  1.00 24.62 ? 57  ASN A C   1 
ATOM   391  O  O   . ASN A 1 59  ? -1.683  -15.940 -0.545  1.00 28.22 ? 57  ASN A O   1 
ATOM   392  C  CB  . ASN A 1 59  ? -0.373  -16.525 -2.972  1.00 23.78 ? 57  ASN A CB  1 
ATOM   393  C  CG  . ASN A 1 59  ? 0.359   -16.525 -4.338  1.00 28.35 ? 57  ASN A CG  1 
ATOM   394  O  OD1 . ASN A 1 59  ? 0.630   -15.449 -4.917  1.00 28.00 ? 57  ASN A OD1 1 
ATOM   395  N  ND2 . ASN A 1 59  ? 0.710   -17.728 -4.845  1.00 28.13 ? 57  ASN A ND2 1 
ATOM   396  N  N   . CYS A 1 60  ? 0.180   -15.229 0.546   1.00 27.56 ? 58  CYS A N   1 
ATOM   397  C  CA  . CYS A 1 60  ? -0.598  -15.153 1.840   1.00 29.20 ? 58  CYS A CA  1 
ATOM   398  C  C   . CYS A 1 60  ? -1.802  -14.271 1.723   1.00 27.79 ? 58  CYS A C   1 
ATOM   399  O  O   . CYS A 1 60  ? -1.693  -13.193 1.114   1.00 21.94 ? 58  CYS A O   1 
ATOM   400  C  CB  . CYS A 1 60  ? 0.226   -14.574 2.988   1.00 32.69 ? 58  CYS A CB  1 
ATOM   401  S  SG  . CYS A 1 60  ? 1.540   -15.691 3.505   1.00 34.38 ? 58  CYS A SG  1 
ATOM   402  N  N   . GLN A 1 61  ? -2.914  -14.663 2.371   1.00 27.49 ? 59  GLN A N   1 
ATOM   403  C  CA  . GLN A 1 61  ? -4.098  -13.792 2.456   1.00 25.75 ? 59  GLN A CA  1 
ATOM   404  C  C   . GLN A 1 61  ? -4.591  -13.481 3.920   1.00 28.67 ? 59  GLN A C   1 
ATOM   405  O  O   . GLN A 1 61  ? -5.718  -13.068 4.147   1.00 26.98 ? 59  GLN A O   1 
ATOM   406  C  CB  . GLN A 1 61  ? -5.234  -14.248 1.489   1.00 30.07 ? 59  GLN A CB  1 
ATOM   407  C  CG  . GLN A 1 61  ? -4.793  -14.361 -0.006  1.00 28.74 ? 59  GLN A CG  1 
ATOM   408  C  CD  . GLN A 1 61  ? -4.430  -13.007 -0.643  1.00 35.18 ? 59  GLN A CD  1 
ATOM   409  O  OE1 . GLN A 1 61  ? -3.497  -12.873 -1.450  1.00 28.37 ? 59  GLN A OE1 1 
ATOM   410  N  NE2 . GLN A 1 61  ? -5.202  -11.982 -0.281  1.00 34.44 ? 59  GLN A NE2 1 
ATOM   411  N  N   . THR A 1 62  ? -3.679  -13.563 4.867   1.00 29.08 ? 60  THR A N   1 
ATOM   412  C  CA  . THR A 1 62  ? -3.877  -13.078 6.248   1.00 31.49 ? 60  THR A CA  1 
ATOM   413  C  C   . THR A 1 62  ? -2.503  -12.488 6.663   1.00 33.56 ? 60  THR A C   1 
ATOM   414  O  O   . THR A 1 62  ? -1.455  -12.862 6.106   1.00 31.35 ? 60  THR A O   1 
ATOM   415  C  CB  . THR A 1 62  ? -4.264  -14.230 7.173   1.00 30.92 ? 60  THR A CB  1 
ATOM   416  O  OG1 . THR A 1 62  ? -3.120  -15.078 7.294   1.00 31.64 ? 60  THR A OG1 1 
ATOM   417  C  CG2 . THR A 1 62  ? -5.448  -15.020 6.632   1.00 27.92 ? 60  THR A CG2 1 
ATOM   418  N  N   . GLY A 1 63  ? -2.522  -11.506 7.551   1.00 29.04 ? 61  GLY A N   1 
ATOM   419  C  CA  . GLY A 1 63  ? -1.345  -10.715 7.883   1.00 31.53 ? 61  GLY A CA  1 
ATOM   420  C  C   . GLY A 1 63  ? -1.642  -9.701  8.991   1.00 25.46 ? 61  GLY A C   1 
ATOM   421  O  O   . GLY A 1 63  ? -2.630  -9.794  9.658   1.00 33.34 ? 61  GLY A O   1 
ATOM   422  N  N   . VAL A 1 64  ? -0.763  -8.722  9.167   1.00 27.53 ? 62  VAL A N   1 
ATOM   423  C  CA  . VAL A 1 64  ? -0.946  -7.717  10.167  1.00 29.31 ? 62  VAL A CA  1 
ATOM   424  C  C   . VAL A 1 64  ? -0.630  -6.376  9.554   1.00 30.99 ? 62  VAL A C   1 
ATOM   425  O  O   . VAL A 1 64  ? 0.396   -6.210  8.864   1.00 29.14 ? 62  VAL A O   1 
ATOM   426  C  CB  . VAL A 1 64  ? 0.005   -8.023  11.383  1.00 34.36 ? 62  VAL A CB  1 
ATOM   427  C  CG1 . VAL A 1 64  ? -0.006  -6.896  12.420  1.00 33.99 ? 62  VAL A CG1 1 
ATOM   428  C  CG2 . VAL A 1 64  ? -0.376  -9.404  12.003  1.00 29.57 ? 62  VAL A CG2 1 
ATOM   429  N  N   . TYR A 1 65  ? -1.466  -5.382  9.822   1.00 32.20 ? 63  TYR A N   1 
ATOM   430  C  CA  . TYR A 1 65  ? -1.108  -4.046  9.343   1.00 29.56 ? 63  TYR A CA  1 
ATOM   431  C  C   . TYR A 1 65  ? -1.057  -2.991  10.487  1.00 30.41 ? 63  TYR A C   1 
ATOM   432  O  O   . TYR A 1 65  ? -1.603  -3.210  11.578  1.00 30.69 ? 63  TYR A O   1 
ATOM   433  C  CB  . TYR A 1 65  ? -2.045  -3.650  8.152   1.00 27.68 ? 63  TYR A CB  1 
ATOM   434  C  CG  . TYR A 1 65  ? -3.328  -2.965  8.582   1.00 25.73 ? 63  TYR A CG  1 
ATOM   435  C  CD1 . TYR A 1 65  ? -3.511  -1.606  8.378   1.00 27.03 ? 63  TYR A CD1 1 
ATOM   436  C  CD2 . TYR A 1 65  ? -4.369  -3.725  9.206   1.00 27.60 ? 63  TYR A CD2 1 
ATOM   437  C  CE1 . TYR A 1 65  ? -4.687  -0.975  8.796   1.00 29.31 ? 63  TYR A CE1 1 
ATOM   438  C  CE2 . TYR A 1 65  ? -5.532  -3.118  9.609   1.00 28.19 ? 63  TYR A CE2 1 
ATOM   439  C  CZ  . TYR A 1 65  ? -5.672  -1.753  9.416   1.00 27.51 ? 63  TYR A CZ  1 
ATOM   440  O  OH  . TYR A 1 65  ? -6.805  -1.160  9.852   1.00 36.85 ? 63  TYR A OH  1 
ATOM   441  N  N   . TYR A 1 66  ? -0.476  -1.816  10.214  1.00 33.17 ? 64  TYR A N   1 
ATOM   442  C  CA  . TYR A 1 66  ? -0.472  -0.751  11.209  1.00 32.93 ? 64  TYR A CA  1 
ATOM   443  C  C   . TYR A 1 66  ? -1.612  0.193   10.881  1.00 29.47 ? 64  TYR A C   1 
ATOM   444  O  O   . TYR A 1 66  ? -1.687  0.742   9.728   1.00 29.64 ? 64  TYR A O   1 
ATOM   445  C  CB  . TYR A 1 66  ? 0.886   -0.010  11.213  1.00 31.83 ? 64  TYR A CB  1 
ATOM   446  C  CG  . TYR A 1 66  ? 0.960   1.076   12.291  1.00 34.21 ? 64  TYR A CG  1 
ATOM   447  C  CD1 . TYR A 1 66  ? 1.104   0.751   13.652  1.00 34.78 ? 64  TYR A CD1 1 
ATOM   448  C  CD2 . TYR A 1 66  ? 0.855   2.435   11.943  1.00 38.36 ? 64  TYR A CD2 1 
ATOM   449  C  CE1 . TYR A 1 66  ? 1.138   1.744   14.621  1.00 34.34 ? 64  TYR A CE1 1 
ATOM   450  C  CE2 . TYR A 1 66  ? 0.869   3.424   12.905  1.00 37.74 ? 64  TYR A CE2 1 
ATOM   451  C  CZ  . TYR A 1 66  ? 1.013   3.062   14.248  1.00 39.67 ? 64  TYR A CZ  1 
ATOM   452  O  OH  . TYR A 1 66  ? 1.036   4.069   15.204  1.00 42.39 ? 64  TYR A OH  1 
ATOM   453  N  N   . CYS A 1 67  ? -2.498  0.418   11.858  1.00 25.71 ? 65  CYS A N   1 
ATOM   454  C  CA  . CYS A 1 67  ? -3.593  1.393   11.705  1.00 23.80 ? 65  CYS A CA  1 
ATOM   455  C  C   . CYS A 1 67  ? -3.178  2.783   12.266  1.00 30.29 ? 65  CYS A C   1 
ATOM   456  O  O   . CYS A 1 67  ? -3.005  2.905   13.483  1.00 28.04 ? 65  CYS A O   1 
ATOM   457  C  CB  . CYS A 1 67  ? -4.808  0.884   12.485  1.00 25.56 ? 65  CYS A CB  1 
ATOM   458  S  SG  . CYS A 1 67  ? -6.201  2.036   12.434  1.00 28.84 ? 65  CYS A SG  1 
ATOM   459  N  N   . ASN A 1 68  ? -3.031  3.824   11.420  1.00 31.01 ? 66  ASN A N   1 
ATOM   460  C  CA  . ASN A 1 68  ? -2.549  5.130   11.883  1.00 31.27 ? 66  ASN A CA  1 
ATOM   461  C  C   . ASN A 1 68  ? -3.461  5.792   12.910  1.00 35.05 ? 66  ASN A C   1 
ATOM   462  O  O   . ASN A 1 68  ? -2.997  6.261   13.979  1.00 36.90 ? 66  ASN A O   1 
ATOM   463  C  CB  . ASN A 1 68  ? -2.325  6.098   10.710  1.00 34.49 ? 66  ASN A CB  1 
ATOM   464  C  CG  . ASN A 1 68  ? -1.126  5.710   9.782   1.00 34.91 ? 66  ASN A CG  1 
ATOM   465  O  OD1 . ASN A 1 68  ? -0.228  4.964   10.127  1.00 36.88 ? 66  ASN A OD1 1 
ATOM   466  N  ND2 . ASN A 1 68  ? -1.141  6.267   8.600   1.00 30.02 ? 66  ASN A ND2 1 
ATOM   467  N  N   . SER A 1 69  ? -4.755  5.860   12.578  1.00 29.55 ? 67  SER A N   1 
ATOM   468  C  CA  . SER A 1 69  ? -5.792  6.488   13.443  1.00 33.63 ? 67  SER A CA  1 
ATOM   469  C  C   . SER A 1 69  ? -5.858  5.842   14.826  1.00 33.58 ? 67  SER A C   1 
ATOM   470  O  O   . SER A 1 69  ? -6.106  6.536   15.800  1.00 37.01 ? 67  SER A O   1 
ATOM   471  C  CB  . SER A 1 69  ? -7.175  6.378   12.792  1.00 31.71 ? 67  SER A CB  1 
ATOM   472  O  OG  . SER A 1 69  ? -7.535  5.001   12.571  1.00 27.32 ? 67  SER A OG  1 
ATOM   473  N  N   . ARG A 1 70  ? -5.597  4.542   14.917  1.00 30.47 ? 68  ARG A N   1 
ATOM   474  C  CA  . ARG A 1 70  ? -5.599  3.825   16.231  1.00 33.27 ? 68  ARG A CA  1 
ATOM   475  C  C   . ARG A 1 70  ? -4.215  3.660   16.853  1.00 32.80 ? 68  ARG A C   1 
ATOM   476  O  O   . ARG A 1 70  ? -4.108  3.229   17.995  1.00 37.28 ? 68  ARG A O   1 
ATOM   477  C  CB  . ARG A 1 70  ? -6.266  2.418   16.136  1.00 26.66 ? 68  ARG A CB  1 
ATOM   478  C  CG  . ARG A 1 70  ? -7.748  2.471   15.755  1.00 31.57 ? 68  ARG A CG  1 
ATOM   479  C  CD  . ARG A 1 70  ? -8.557  2.889   16.993  1.00 28.96 ? 68  ARG A CD  1 
ATOM   480  N  NE  . ARG A 1 70  ? -10.005 2.762   16.801  1.00 33.32 ? 68  ARG A NE  1 
ATOM   481  C  CZ  . ARG A 1 70  ? -10.678 1.659   16.456  1.00 32.21 ? 68  ARG A CZ  1 
ATOM   482  N  NH1 . ARG A 1 70  ? -10.071 0.471   16.227  1.00 28.75 ? 68  ARG A NH1 1 
ATOM   483  N  NH2 . ARG A 1 70  ? -12.013 1.769   16.333  1.00 30.71 ? 68  ARG A NH2 1 
ATOM   484  N  N   . ARG A 1 71  ? -3.163  3.948   16.094  1.00 34.20 ? 69  ARG A N   1 
ATOM   485  C  CA  . ARG A 1 71  ? -1.784  3.655   16.534  1.00 31.65 ? 69  ARG A CA  1 
ATOM   486  C  C   . ARG A 1 71  ? -1.617  2.217   17.064  1.00 34.40 ? 69  ARG A C   1 
ATOM   487  O  O   . ARG A 1 71  ? -0.962  2.000   18.082  1.00 38.99 ? 69  ARG A O   1 
ATOM   488  C  CB  . ARG A 1 71  ? -1.291  4.689   17.565  1.00 33.03 ? 69  ARG A CB  1 
ATOM   489  C  CG  . ARG A 1 71  ? -1.403  6.144   17.102  1.00 37.98 ? 69  ARG A CG  1 
ATOM   490  C  CD  . ARG A 1 71  ? -0.899  7.100   18.186  1.00 53.09 ? 69  ARG A CD  1 
ATOM   491  N  NE  . ARG A 1 71  ? -0.018  8.127   17.603  1.00 63.49 ? 69  ARG A NE  1 
ATOM   492  C  CZ  . ARG A 1 71  ? 0.366   9.267   18.197  1.00 73.36 ? 69  ARG A CZ  1 
ATOM   493  N  NH1 . ARG A 1 71  ? -0.041  9.587   19.425  1.00 73.57 ? 69  ARG A NH1 1 
ATOM   494  N  NH2 . ARG A 1 71  ? 1.164   10.108  17.542  1.00 72.65 ? 69  ARG A NH2 1 
ATOM   495  N  N   . LYS A 1 72  ? -2.175  1.233   16.364  1.00 32.68 ? 70  LYS A N   1 
ATOM   496  C  CA  . LYS A 1 72  ? -2.046  -0.171  16.753  1.00 36.56 ? 70  LYS A CA  1 
ATOM   497  C  C   . LYS A 1 72  ? -1.823  -0.961  15.495  1.00 40.32 ? 70  LYS A C   1 
ATOM   498  O  O   . LYS A 1 72  ? -2.219  -0.544  14.388  1.00 34.68 ? 70  LYS A O   1 
ATOM   499  C  CB  . LYS A 1 72  ? -3.332  -0.731  17.425  1.00 40.49 ? 70  LYS A CB  1 
ATOM   500  C  CG  . LYS A 1 72  ? -3.884  0.063   18.616  1.00 44.95 ? 70  LYS A CG  1 
ATOM   501  C  CD  . LYS A 1 72  ? -4.118  -0.816  19.845  1.00 47.43 ? 70  LYS A CD  1 
ATOM   502  C  CE  . LYS A 1 72  ? -4.476  0.001   21.107  1.00 45.71 ? 70  LYS A CE  1 
ATOM   503  N  NZ  . LYS A 1 72  ? -3.702  -0.587  22.246  1.00 54.85 ? 70  LYS A NZ  1 
ATOM   504  N  N   . HIS A 1 73  ? -1.215  -2.116  15.680  1.00 30.83 ? 71  HIS A N   1 
ATOM   505  C  CA  . HIS A 1 73  ? -1.136  -3.153  14.667  1.00 36.55 ? 71  HIS A CA  1 
ATOM   506  C  C   . HIS A 1 73  ? -2.352  -4.046  14.806  1.00 39.16 ? 71  HIS A C   1 
ATOM   507  O  O   . HIS A 1 73  ? -2.755  -4.349  15.941  1.00 37.97 ? 71  HIS A O   1 
ATOM   508  C  CB  . HIS A 1 73  ? 0.118   -3.958  14.916  1.00 37.10 ? 71  HIS A CB  1 
ATOM   509  C  CG  . HIS A 1 73  ? 1.384   -3.162  14.709  1.00 39.51 ? 71  HIS A CG  1 
ATOM   510  N  ND1 . HIS A 1 73  ? 2.087   -3.182  13.530  1.00 41.11 ? 71  HIS A ND1 1 
ATOM   511  C  CD2 . HIS A 1 73  ? 2.066   -2.297  15.563  1.00 37.14 ? 71  HIS A CD2 1 
ATOM   512  C  CE1 . HIS A 1 73  ? 3.169   -2.382  13.637  1.00 37.77 ? 71  HIS A CE1 1 
ATOM   513  N  NE2 . HIS A 1 73  ? 3.164   -1.849  14.882  1.00 48.71 ? 71  HIS A NE2 1 
ATOM   514  N  N   . TYR A 1 74  ? -2.963  -4.471  13.688  1.00 35.69 ? 72  TYR A N   1 
ATOM   515  C  CA  . TYR A 1 74  ? -4.143  -5.376  13.749  1.00 32.12 ? 72  TYR A CA  1 
ATOM   516  C  C   . TYR A 1 74  ? -3.944  -6.593  12.905  1.00 37.09 ? 72  TYR A C   1 
ATOM   517  O  O   . TYR A 1 74  ? -3.447  -6.450  11.789  1.00 34.94 ? 72  TYR A O   1 
ATOM   518  C  CB  . TYR A 1 74  ? -5.423  -4.681  13.223  1.00 28.06 ? 72  TYR A CB  1 
ATOM   519  C  CG  . TYR A 1 74  ? -5.991  -3.602  14.117  1.00 27.76 ? 72  TYR A CG  1 
ATOM   520  C  CD1 . TYR A 1 74  ? -6.258  -3.861  15.524  1.00 29.05 ? 72  TYR A CD1 1 
ATOM   521  C  CD2 . TYR A 1 74  ? -6.358  -2.347  13.587  1.00 27.08 ? 72  TYR A CD2 1 
ATOM   522  C  CE1 . TYR A 1 74  ? -6.797  -2.835  16.352  1.00 28.19 ? 72  TYR A CE1 1 
ATOM   523  C  CE2 . TYR A 1 74  ? -6.918  -1.322  14.402  1.00 26.20 ? 72  TYR A CE2 1 
ATOM   524  C  CZ  . TYR A 1 74  ? -7.138  -1.606  15.798  1.00 31.54 ? 72  TYR A CZ  1 
ATOM   525  O  OH  . TYR A 1 74  ? -7.681  -0.629  16.626  1.00 31.42 ? 72  TYR A OH  1 
ATOM   526  N  N   . PRO A 1 75  ? -4.381  -7.774  13.381  1.00 35.66 ? 73  PRO A N   1 
ATOM   527  C  CA  . PRO A 1 75  ? -4.361  -8.940  12.479  1.00 37.11 ? 73  PRO A CA  1 
ATOM   528  C  C   . PRO A 1 75  ? -5.474  -8.791  11.450  1.00 39.45 ? 73  PRO A C   1 
ATOM   529  O  O   . PRO A 1 75  ? -6.541  -8.251  11.776  1.00 34.42 ? 73  PRO A O   1 
ATOM   530  C  CB  . PRO A 1 75  ? -4.659  -10.130 13.426  1.00 40.30 ? 73  PRO A CB  1 
ATOM   531  C  CG  . PRO A 1 75  ? -5.520  -9.523  14.502  1.00 39.60 ? 73  PRO A CG  1 
ATOM   532  C  CD  . PRO A 1 75  ? -4.996  -8.105  14.697  1.00 40.54 ? 73  PRO A CD  1 
ATOM   533  N  N   . VAL A 1 76  ? -5.252  -9.224  10.194  1.00 37.02 ? 74  VAL A N   1 
ATOM   534  C  CA  . VAL A 1 76  ? -6.333  -9.086  9.183   1.00 36.13 ? 74  VAL A CA  1 
ATOM   535  C  C   . VAL A 1 76  ? -6.457  -10.245 8.144   1.00 32.22 ? 74  VAL A C   1 
ATOM   536  O  O   . VAL A 1 76  ? -5.442  -10.849 7.785   1.00 31.53 ? 74  VAL A O   1 
ATOM   537  C  CB  . VAL A 1 76  ? -6.270  -7.672  8.531   1.00 40.82 ? 74  VAL A CB  1 
ATOM   538  C  CG1 . VAL A 1 76  ? -4.987  -7.498  7.720   1.00 31.60 ? 74  VAL A CG1 1 
ATOM   539  C  CG2 . VAL A 1 76  ? -7.506  -7.435  7.691   1.00 39.49 ? 74  VAL A CG2 1 
ATOM   540  N  N   . SER A 1 77  ? -7.680  -10.539 7.658   1.00 35.13 ? 75  SER A N   1 
ATOM   541  C  CA  . SER A 1 77  ? -7.848  -11.437 6.501   1.00 34.49 ? 75  SER A CA  1 
ATOM   542  C  C   . SER A 1 77  ? -8.300  -10.644 5.300   1.00 34.68 ? 75  SER A C   1 
ATOM   543  O  O   . SER A 1 77  ? -9.281  -9.908  5.392   1.00 34.83 ? 75  SER A O   1 
ATOM   544  C  CB  . SER A 1 77  ? -8.900  -12.499 6.724   1.00 36.90 ? 75  SER A CB  1 
ATOM   545  O  OG  . SER A 1 77  ? -8.475  -13.347 7.739   1.00 46.38 ? 75  SER A OG  1 
ATOM   546  N  N   . PHE A 1 78  ? -7.636  -10.827 4.153   1.00 29.30 ? 76  PHE A N   1 
ATOM   547  C  CA  . PHE A 1 78  ? -7.877  -9.916  3.014   1.00 25.69 ? 76  PHE A CA  1 
ATOM   548  C  C   . PHE A 1 78  ? -8.085  -10.751 1.714   1.00 26.19 ? 76  PHE A C   1 
ATOM   549  O  O   . PHE A 1 78  ? -7.539  -11.862 1.577   1.00 23.98 ? 76  PHE A O   1 
ATOM   550  C  CB  . PHE A 1 78  ? -6.771  -8.811  2.931   1.00 22.65 ? 76  PHE A CB  1 
ATOM   551  C  CG  . PHE A 1 78  ? -5.363  -9.376  2.994   1.00 24.14 ? 76  PHE A CG  1 
ATOM   552  C  CD1 . PHE A 1 78  ? -4.730  -9.621  4.222   1.00 22.63 ? 76  PHE A CD1 1 
ATOM   553  C  CD2 . PHE A 1 78  ? -4.657  -9.698  1.806   1.00 23.56 ? 76  PHE A CD2 1 
ATOM   554  C  CE1 . PHE A 1 78  ? -3.448  -10.183 4.284   1.00 21.91 ? 76  PHE A CE1 1 
ATOM   555  C  CE2 . PHE A 1 78  ? -3.355  -10.281 1.893   1.00 25.55 ? 76  PHE A CE2 1 
ATOM   556  C  CZ  . PHE A 1 78  ? -2.746  -10.486 3.129   1.00 25.45 ? 76  PHE A CZ  1 
ATOM   557  N  N   . SER A 1 79  ? -8.921  -10.243 0.805   1.00 24.28 ? 77  SER A N   1 
ATOM   558  C  CA  . SER A 1 79  ? -9.263  -10.953 -0.425  1.00 26.97 ? 77  SER A CA  1 
ATOM   559  C  C   . SER A 1 79  ? -8.103  -10.896 -1.425  1.00 27.56 ? 77  SER A C   1 
ATOM   560  O  O   . SER A 1 79  ? -7.172  -10.085 -1.291  1.00 21.82 ? 77  SER A O   1 
ATOM   561  C  CB  . SER A 1 79  ? -10.531 -10.381 -1.085  1.00 24.63 ? 77  SER A CB  1 
ATOM   562  O  OG  . SER A 1 79  ? -10.254 -8.975  -1.305  1.00 25.62 ? 77  SER A OG  1 
ATOM   563  N  N   . LYS A 1 80  ? -8.100  -11.858 -2.344  1.00 24.89 ? 78  LYS A N   1 
ATOM   564  C  CA  . LYS A 1 80  ? -7.100  -11.832 -3.460  1.00 23.57 ? 78  LYS A CA  1 
ATOM   565  C  C   . LYS A 1 80  ? -7.207  -10.531 -4.283  1.00 22.74 ? 78  LYS A C   1 
ATOM   566  O  O   . LYS A 1 80  ? -8.300  -10.053 -4.439  1.00 22.82 ? 78  LYS A O   1 
ATOM   567  C  CB  . LYS A 1 80  ? -7.306  -13.057 -4.341  1.00 22.06 ? 78  LYS A CB  1 
ATOM   568  C  CG  . LYS A 1 80  ? -6.628  -14.263 -3.633  1.00 29.55 ? 78  LYS A CG  1 
ATOM   569  C  CD  . LYS A 1 80  ? -6.447  -15.584 -4.378  1.00 29.50 ? 78  LYS A CD  1 
ATOM   570  C  CE  . LYS A 1 80  ? -5.456  -15.505 -5.580  1.00 27.47 ? 78  LYS A CE  1 
ATOM   571  N  NZ  . LYS A 1 80  ? -3.950  -15.383 -5.367  1.00 27.47 ? 78  LYS A NZ  1 
ATOM   572  N  N   . PRO A 1 81  ? -6.075  -10.011 -4.836  1.00 21.94 ? 79  PRO A N   1 
ATOM   573  C  CA  . PRO A 1 81  ? -6.098  -8.689  -5.496  1.00 22.72 ? 79  PRO A CA  1 
ATOM   574  C  C   . PRO A 1 81  ? -7.092  -8.738  -6.631  1.00 21.62 ? 79  PRO A C   1 
ATOM   575  O  O   . PRO A 1 81  ? -7.164  -9.742  -7.347  1.00 26.76 ? 79  PRO A O   1 
ATOM   576  C  CB  . PRO A 1 81  ? -4.681  -8.532  -6.090  1.00 22.40 ? 79  PRO A CB  1 
ATOM   577  C  CG  . PRO A 1 81  ? -3.919  -9.809  -5.768  1.00 22.39 ? 79  PRO A CG  1 
ATOM   578  C  CD  . PRO A 1 81  ? -4.690  -10.526 -4.643  1.00 20.96 ? 79  PRO A CD  1 
ATOM   579  N  N   . SER A 1 82  ? -7.874  -7.698  -6.779  1.00 22.93 ? 80  SER A N   1 
ATOM   580  C  CA  . SER A 1 82  ? -8.921  -7.596  -7.824  1.00 24.59 ? 80  SER A CA  1 
ATOM   581  C  C   . SER A 1 82  ? -9.009  -6.175  -8.385  1.00 23.66 ? 80  SER A C   1 
ATOM   582  O  O   . SER A 1 82  ? -8.427  -5.199  -7.810  1.00 20.93 ? 80  SER A O   1 
ATOM   583  C  CB  . SER A 1 82  ? -10.343 -7.888  -7.238  1.00 25.50 ? 80  SER A CB  1 
ATOM   584  O  OG  . SER A 1 82  ? -10.327 -9.117  -6.569  1.00 36.16 ? 80  SER A OG  1 
ATOM   585  N  N   . LEU A 1 83  ? -9.832  -6.038  -9.455  1.00 20.83 ? 81  LEU A N   1 
ATOM   586  C  CA  . LEU A 1 83  ? -10.234 -4.756  -9.961  1.00 25.23 ? 81  LEU A CA  1 
ATOM   587  C  C   . LEU A 1 83  ? -11.477 -4.338  -9.196  1.00 28.39 ? 81  LEU A C   1 
ATOM   588  O  O   . LEU A 1 83  ? -12.533 -5.074  -9.220  1.00 26.58 ? 81  LEU A O   1 
ATOM   589  C  CB  . LEU A 1 83  ? -10.604 -4.842  -11.457 1.00 24.82 ? 81  LEU A CB  1 
ATOM   590  C  CG  . LEU A 1 83  ? -9.787  -4.279  -12.603 1.00 29.18 ? 81  LEU A CG  1 
ATOM   591  C  CD1 . LEU A 1 83  ? -10.769 -4.229  -13.818 1.00 28.76 ? 81  LEU A CD1 1 
ATOM   592  C  CD2 . LEU A 1 83  ? -9.094  -2.914  -12.431 1.00 23.59 ? 81  LEU A CD2 1 
ATOM   593  N  N   . ILE A 1 84  ? -11.385 -3.184  -8.540  1.00 25.60 ? 82  ILE A N   1 
ATOM   594  C  CA  . ILE A 1 84  ? -12.441 -2.731  -7.622  1.00 27.03 ? 82  ILE A CA  1 
ATOM   595  C  C   . ILE A 1 84  ? -12.867 -1.343  -8.105  1.00 29.87 ? 82  ILE A C   1 
ATOM   596  O  O   . ILE A 1 84  ? -12.005 -0.519  -8.340  1.00 26.92 ? 82  ILE A O   1 
ATOM   597  C  CB  . ILE A 1 84  ? -11.965 -2.693  -6.120  1.00 25.73 ? 82  ILE A CB  1 
ATOM   598  C  CG1 . ILE A 1 84  ? -11.577 -4.082  -5.589  1.00 26.74 ? 82  ILE A CG1 1 
ATOM   599  C  CG2 . ILE A 1 84  ? -13.055 -2.104  -5.137  1.00 26.18 ? 82  ILE A CG2 1 
ATOM   600  C  CD1 . ILE A 1 84  ? -12.707 -5.095  -5.658  1.00 31.54 ? 82  ILE A CD1 1 
ATOM   601  N  N   . TYR A 1 85  ? -14.176 -1.084  -8.315  1.00 33.40 ? 83  TYR A N   1 
ATOM   602  C  CA  . TYR A 1 85  ? -14.599 0.302   -8.559  1.00 32.89 ? 83  TYR A CA  1 
ATOM   603  C  C   . TYR A 1 85  ? -14.549 1.103   -7.283  1.00 29.35 ? 83  TYR A C   1 
ATOM   604  O  O   . TYR A 1 85  ? -15.176 0.741   -6.305  1.00 33.35 ? 83  TYR A O   1 
ATOM   605  C  CB  . TYR A 1 85  ? -16.009 0.423   -9.190  1.00 38.06 ? 83  TYR A CB  1 
ATOM   606  C  CG  . TYR A 1 85  ? -16.207 1.714   -9.984  1.00 36.17 ? 83  TYR A CG  1 
ATOM   607  C  CD1 . TYR A 1 85  ? -15.523 1.893   -11.202 1.00 33.12 ? 83  TYR A CD1 1 
ATOM   608  C  CD2 . TYR A 1 85  ? -17.068 2.760   -9.525  1.00 38.65 ? 83  TYR A CD2 1 
ATOM   609  C  CE1 . TYR A 1 85  ? -15.684 3.050   -11.956 1.00 36.26 ? 83  TYR A CE1 1 
ATOM   610  C  CE2 . TYR A 1 85  ? -17.257 3.937   -10.291 1.00 35.51 ? 83  TYR A CE2 1 
ATOM   611  C  CZ  . TYR A 1 85  ? -16.543 4.070   -11.500 1.00 36.82 ? 83  TYR A CZ  1 
ATOM   612  O  OH  . TYR A 1 85  ? -16.594 5.159   -12.351 1.00 39.33 ? 83  TYR A OH  1 
ATOM   613  N  N   . VAL A 1 86  ? -13.755 2.179   -7.285  1.00 28.57 ? 84  VAL A N   1 
ATOM   614  C  CA  . VAL A 1 86  ? -13.572 2.998   -6.095  1.00 25.75 ? 84  VAL A CA  1 
ATOM   615  C  C   . VAL A 1 86  ? -14.204 4.383   -6.357  1.00 25.85 ? 84  VAL A C   1 
ATOM   616  O  O   . VAL A 1 86  ? -13.816 5.077   -7.316  1.00 23.62 ? 84  VAL A O   1 
ATOM   617  C  CB  . VAL A 1 86  ? -12.052 3.175   -5.701  1.00 23.59 ? 84  VAL A CB  1 
ATOM   618  C  CG1 . VAL A 1 86  ? -11.915 4.054   -4.358  1.00 24.42 ? 84  VAL A CG1 1 
ATOM   619  C  CG2 . VAL A 1 86  ? -11.383 1.806   -5.491  1.00 25.15 ? 84  VAL A CG2 1 
ATOM   620  N  N   . GLU A 1 87  ? -15.092 4.811   -5.457  1.00 27.71 ? 85  GLU A N   1 
ATOM   621  C  CA  . GLU A 1 87  ? -15.802 6.086   -5.623  1.00 33.68 ? 85  GLU A CA  1 
ATOM   622  C  C   . GLU A 1 87  ? -14.843 7.277   -5.659  1.00 30.29 ? 85  GLU A C   1 
ATOM   623  O  O   . GLU A 1 87  ? -13.774 7.208   -5.058  1.00 30.24 ? 85  GLU A O   1 
ATOM   624  C  CB  . GLU A 1 87  ? -16.829 6.294   -4.469  1.00 33.87 ? 85  GLU A CB  1 
ATOM   625  C  CG  . GLU A 1 87  ? -17.874 5.196   -4.347  1.00 43.54 ? 85  GLU A CG  1 
ATOM   626  C  CD  . GLU A 1 87  ? -18.912 5.209   -5.466  1.00 53.67 ? 85  GLU A CD  1 
ATOM   627  O  OE1 . GLU A 1 87  ? -18.593 5.248   -6.699  1.00 58.99 ? 85  GLU A OE1 1 
ATOM   628  O  OE2 . GLU A 1 87  ? -20.090 5.151   -5.084  1.00 60.07 ? 85  GLU A OE2 1 
ATOM   629  N  N   . ALA A 1 88  ? -15.261 8.376   -6.292  1.00 29.36 ? 86  ALA A N   1 
ATOM   630  C  CA  . ALA A 1 88  ? -14.518 9.655   -6.216  1.00 30.65 ? 86  ALA A CA  1 
ATOM   631  C  C   . ALA A 1 88  ? -14.088 10.068  -4.768  1.00 29.09 ? 86  ALA A C   1 
ATOM   632  O  O   . ALA A 1 88  ? -14.821 9.858   -3.780  1.00 25.13 ? 86  ALA A O   1 
ATOM   633  C  CB  . ALA A 1 88  ? -15.336 10.792  -6.844  1.00 28.62 ? 86  ALA A CB  1 
ATOM   634  N  N   . SER A 1 89  ? -12.924 10.696  -4.675  1.00 28.42 ? 87  SER A N   1 
ATOM   635  C  CA  . SER A 1 89  ? -12.401 11.222  -3.401  1.00 27.33 ? 87  SER A CA  1 
ATOM   636  C  C   . SER A 1 89  ? -11.714 12.508  -3.734  1.00 25.93 ? 87  SER A C   1 
ATOM   637  O  O   . SER A 1 89  ? -11.748 12.929  -4.885  1.00 28.99 ? 87  SER A O   1 
ATOM   638  C  CB  . SER A 1 89  ? -11.382 10.211  -2.793  1.00 28.75 ? 87  SER A CB  1 
ATOM   639  O  OG  . SER A 1 89  ? -10.216 10.146  -3.613  1.00 24.77 ? 87  SER A OG  1 
ATOM   640  N  N   . GLU A 1 90  ? -11.057 13.159  -2.770  1.00 27.63 ? 88  GLU A N   1 
ATOM   641  C  CA  . GLU A 1 90  ? -10.308 14.365  -3.083  1.00 30.60 ? 88  GLU A CA  1 
ATOM   642  C  C   . GLU A 1 90  ? -9.039  14.005  -3.821  1.00 30.93 ? 88  GLU A C   1 
ATOM   643  O  O   . GLU A 1 90  ? -8.331  14.894  -4.291  1.00 29.78 ? 88  GLU A O   1 
ATOM   644  C  CB  . GLU A 1 90  ? -10.036 15.281  -1.839  1.00 35.21 ? 88  GLU A CB  1 
ATOM   645  C  CG  . GLU A 1 90  ? -9.248  14.664  -0.700  1.00 38.32 ? 88  GLU A CG  1 
ATOM   646  C  CD  . GLU A 1 90  ? -10.153 14.006  0.351   1.00 46.51 ? 88  GLU A CD  1 
ATOM   647  O  OE1 . GLU A 1 90  ? -10.512 12.800  0.141   1.00 44.82 ? 88  GLU A OE1 1 
ATOM   648  O  OE2 . GLU A 1 90  ? -10.518 14.692  1.361   1.00 45.61 ? 88  GLU A OE2 1 
ATOM   649  N  N   . TYR A 1 91  ? -8.741  12.708  -3.943  1.00 22.43 ? 89  TYR A N   1 
ATOM   650  C  CA  . TYR A 1 91  ? -7.463  12.347  -4.584  1.00 22.31 ? 89  TYR A CA  1 
ATOM   651  C  C   . TYR A 1 91  ? -7.608  11.786  -6.008  1.00 22.96 ? 89  TYR A C   1 
ATOM   652  O  O   . TYR A 1 91  ? -6.660  11.877  -6.786  1.00 21.95 ? 89  TYR A O   1 
ATOM   653  C  CB  . TYR A 1 91  ? -6.720  11.302  -3.717  1.00 19.12 ? 89  TYR A CB  1 
ATOM   654  C  CG  . TYR A 1 91  ? -6.409  11.881  -2.362  1.00 21.25 ? 89  TYR A CG  1 
ATOM   655  C  CD1 . TYR A 1 91  ? -5.468  12.937  -2.261  1.00 24.97 ? 89  TYR A CD1 1 
ATOM   656  C  CD2 . TYR A 1 91  ? -7.146  11.524  -1.214  1.00 22.24 ? 89  TYR A CD2 1 
ATOM   657  C  CE1 . TYR A 1 91  ? -5.195  13.539  -1.065  1.00 21.98 ? 89  TYR A CE1 1 
ATOM   658  C  CE2 . TYR A 1 91  ? -6.830  12.130  0.047   1.00 24.03 ? 89  TYR A CE2 1 
ATOM   659  C  CZ  . TYR A 1 91  ? -5.865  13.162  0.059   1.00 24.96 ? 89  TYR A CZ  1 
ATOM   660  O  OH  . TYR A 1 91  ? -5.457  13.871  1.186   1.00 28.45 ? 89  TYR A OH  1 
ATOM   661  N  N   . TYR A 1 92  ? -8.756  11.152  -6.306  1.00 22.89 ? 90  TYR A N   1 
ATOM   662  C  CA  . TYR A 1 92  ? -9.025  10.520  -7.583  1.00 23.09 ? 90  TYR A CA  1 
ATOM   663  C  C   . TYR A 1 92  ? -10.500 10.651  -7.904  1.00 24.85 ? 90  TYR A C   1 
ATOM   664  O  O   . TYR A 1 92  ? -11.354 10.673  -7.020  1.00 24.25 ? 90  TYR A O   1 
ATOM   665  C  CB  . TYR A 1 92  ? -8.746  8.994   -7.524  1.00 20.34 ? 90  TYR A CB  1 
ATOM   666  C  CG  . TYR A 1 92  ? -7.264  8.622   -7.247  1.00 21.62 ? 90  TYR A CG  1 
ATOM   667  C  CD1 . TYR A 1 92  ? -6.289  8.729   -8.257  1.00 19.47 ? 90  TYR A CD1 1 
ATOM   668  C  CD2 . TYR A 1 92  ? -6.873  8.191   -5.961  1.00 21.22 ? 90  TYR A CD2 1 
ATOM   669  C  CE1 . TYR A 1 92  ? -4.972  8.393   -7.992  1.00 18.28 ? 90  TYR A CE1 1 
ATOM   670  C  CE2 . TYR A 1 92  ? -5.554  7.808   -5.691  1.00 20.79 ? 90  TYR A CE2 1 
ATOM   671  C  CZ  . TYR A 1 92  ? -4.626  7.900   -6.699  1.00 20.15 ? 90  TYR A CZ  1 
ATOM   672  O  OH  . TYR A 1 92  ? -3.343  7.596   -6.438  1.00 19.91 ? 90  TYR A OH  1 
ATOM   673  N  N   . PRO A 1 93  ? -10.806 10.662  -9.195  1.00 25.61 ? 91  PRO A N   1 
ATOM   674  C  CA  . PRO A 1 93  ? -12.230 10.484  -9.659  1.00 26.35 ? 91  PRO A CA  1 
ATOM   675  C  C   . PRO A 1 93  ? -12.650 9.022   -9.430  1.00 26.79 ? 91  PRO A C   1 
ATOM   676  O  O   . PRO A 1 93  ? -11.788 8.146   -9.208  1.00 28.27 ? 91  PRO A O   1 
ATOM   677  C  CB  . PRO A 1 93  ? -12.129 10.759  -11.171 1.00 26.50 ? 91  PRO A CB  1 
ATOM   678  C  CG  . PRO A 1 93  ? -10.655 10.422  -11.517 1.00 29.04 ? 91  PRO A CG  1 
ATOM   679  C  CD  . PRO A 1 93  ? -9.848  10.882  -10.297 1.00 27.60 ? 91  PRO A CD  1 
ATOM   680  N  N   . ALA A 1 94  ? -13.938 8.749   -9.469  1.00 28.38 ? 92  ALA A N   1 
ATOM   681  C  CA  . ALA A 1 94  ? -14.449 7.374   -9.482  1.00 26.69 ? 92  ALA A CA  1 
ATOM   682  C  C   . ALA A 1 94  ? -13.744 6.605   -10.629 1.00 26.54 ? 92  ALA A C   1 
ATOM   683  O  O   . ALA A 1 94  ? -13.563 7.142   -11.702 1.00 26.95 ? 92  ALA A O   1 
ATOM   684  C  CB  . ALA A 1 94  ? -15.956 7.391   -9.633  1.00 30.65 ? 92  ALA A CB  1 
ATOM   685  N  N   . ARG A 1 95  ? -13.188 5.417   -10.353 1.00 24.86 ? 93  ARG A N   1 
ATOM   686  C  CA  . ARG A 1 95  ? -12.296 4.729   -11.336 1.00 25.48 ? 93  ARG A CA  1 
ATOM   687  C  C   . ARG A 1 95  ? -12.146 3.295   -10.838 1.00 26.48 ? 93  ARG A C   1 
ATOM   688  O  O   . ARG A 1 95  ? -12.421 2.968   -9.663  1.00 23.91 ? 93  ARG A O   1 
ATOM   689  C  CB  . ARG A 1 95  ? -10.891 5.358   -11.455 1.00 25.70 ? 93  ARG A CB  1 
ATOM   690  C  CG  . ARG A 1 95  ? -9.996  5.055   -10.224 1.00 27.85 ? 93  ARG A CG  1 
ATOM   691  C  CD  . ARG A 1 95  ? -8.896  6.083   -9.938  1.00 25.13 ? 93  ARG A CD  1 
ATOM   692  N  NE  . ARG A 1 95  ? -7.703  5.531   -9.273  1.00 22.06 ? 93  ARG A NE  1 
ATOM   693  C  CZ  . ARG A 1 95  ? -7.606  5.267   -7.966  1.00 24.00 ? 93  ARG A CZ  1 
ATOM   694  N  NH1 . ARG A 1 95  ? -8.671  5.367   -7.144  1.00 22.53 ? 93  ARG A NH1 1 
ATOM   695  N  NH2 . ARG A 1 95  ? -6.476  4.785   -7.487  1.00 22.16 ? 93  ARG A NH2 1 
ATOM   696  N  N   . TYR A 1 96  ? -11.650 2.474   -11.759 1.00 27.08 ? 94  TYR A N   1 
ATOM   697  C  CA  . TYR A 1 96  ? -11.190 1.153   -11.424 1.00 27.09 ? 94  TYR A CA  1 
ATOM   698  C  C   . TYR A 1 96  ? -9.807  1.202   -10.823 1.00 21.09 ? 94  TYR A C   1 
ATOM   699  O  O   . TYR A 1 96  ? -8.834  1.736   -11.453 1.00 26.22 ? 94  TYR A O   1 
ATOM   700  C  CB  . TYR A 1 96  ? -11.179 0.259   -12.692 1.00 34.40 ? 94  TYR A CB  1 
ATOM   701  C  CG  . TYR A 1 96  ? -12.576 -0.203  -13.070 1.00 34.60 ? 94  TYR A CG  1 
ATOM   702  C  CD1 . TYR A 1 96  ? -13.310 -0.960  -12.190 1.00 37.00 ? 94  TYR A CD1 1 
ATOM   703  C  CD2 . TYR A 1 96  ? -13.163 0.183   -14.315 1.00 46.91 ? 94  TYR A CD2 1 
ATOM   704  C  CE1 . TYR A 1 96  ? -14.598 -1.377  -12.498 1.00 48.39 ? 94  TYR A CE1 1 
ATOM   705  C  CE2 . TYR A 1 96  ? -14.466 -0.208  -14.654 1.00 44.93 ? 94  TYR A CE2 1 
ATOM   706  C  CZ  . TYR A 1 96  ? -15.175 -1.003  -13.728 1.00 55.02 ? 94  TYR A CZ  1 
ATOM   707  O  OH  . TYR A 1 96  ? -16.456 -1.459  -13.980 1.00 60.21 ? 94  TYR A OH  1 
ATOM   708  N  N   . GLN A 1 97  ? -9.696  0.634   -9.623  1.00 20.94 ? 95  GLN A N   1 
ATOM   709  C  CA  . GLN A 1 97  ? -8.372  0.429   -8.989  1.00 18.28 ? 95  GLN A CA  1 
ATOM   710  C  C   . GLN A 1 97  ? -8.060  -1.060  -9.097  1.00 18.47 ? 95  GLN A C   1 
ATOM   711  O  O   . GLN A 1 97  ? -8.852  -1.877  -8.611  1.00 20.34 ? 95  GLN A O   1 
ATOM   712  C  CB  . GLN A 1 97  ? -8.353  0.893   -7.503  1.00 18.73 ? 95  GLN A CB  1 
ATOM   713  C  CG  . GLN A 1 97  ? -6.941  0.866   -6.872  1.00 21.05 ? 95  GLN A CG  1 
ATOM   714  C  CD  . GLN A 1 97  ? -6.854  1.627   -5.568  1.00 20.71 ? 95  GLN A CD  1 
ATOM   715  O  OE1 . GLN A 1 97  ? -7.667  2.479   -5.310  1.00 26.51 ? 95  GLN A OE1 1 
ATOM   716  N  NE2 . GLN A 1 97  ? -5.866  1.300   -4.725  1.00 21.36 ? 95  GLN A NE2 1 
ATOM   717  N  N   . SER A 1 98  ? -6.842  -1.387  -9.553  1.00 20.18 ? 96  SER A N   1 
ATOM   718  C  CA  . SER A 1 98  ? -6.401  -2.758  -9.770  1.00 18.97 ? 96  SER A CA  1 
ATOM   719  C  C   . SER A 1 98  ? -5.586  -3.153  -8.526  1.00 18.90 ? 96  SER A C   1 
ATOM   720  O  O   . SER A 1 98  ? -5.113  -2.260  -7.742  1.00 19.84 ? 96  SER A O   1 
ATOM   721  C  CB  . SER A 1 98  ? -5.548  -2.899  -11.045 1.00 16.94 ? 96  SER A CB  1 
ATOM   722  O  OG  . SER A 1 98  ? -4.224  -2.398  -10.799 1.00 20.10 ? 96  SER A OG  1 
ATOM   723  N  N   . HIS A 1 99  ? -5.380  -4.452  -8.384  1.00 16.45 ? 97  HIS A N   1 
ATOM   724  C  CA  . HIS A 1 99  ? -4.438  -4.975  -7.336  1.00 16.15 ? 97  HIS A CA  1 
ATOM   725  C  C   . HIS A 1 99  ? -4.872  -4.643  -5.918  1.00 17.27 ? 97  HIS A C   1 
ATOM   726  O  O   . HIS A 1 99  ? -4.046  -4.541  -4.941  1.00 19.38 ? 97  HIS A O   1 
ATOM   727  C  CB  . HIS A 1 99  ? -3.016  -4.551  -7.530  1.00 17.93 ? 97  HIS A CB  1 
ATOM   728  C  CG  . HIS A 1 99  ? -2.467  -4.948  -8.865  1.00 20.67 ? 97  HIS A CG  1 
ATOM   729  N  ND1 . HIS A 1 99  ? -1.683  -6.048  -9.053  1.00 25.29 ? 97  HIS A ND1 1 
ATOM   730  C  CD2 . HIS A 1 99  ? -2.634  -4.365  -10.092 1.00 17.27 ? 97  HIS A CD2 1 
ATOM   731  C  CE1 . HIS A 1 99  ? -1.371  -6.144  -10.377 1.00 17.04 ? 97  HIS A CE1 1 
ATOM   732  N  NE2 . HIS A 1 99  ? -1.930  -5.115  -10.993 1.00 23.12 ? 97  HIS A NE2 1 
ATOM   733  N  N   . LEU A 1 100 ? -6.162  -4.561  -5.747  1.00 17.98 ? 98  LEU A N   1 
ATOM   734  C  CA  . LEU A 1 100 ? -6.709  -4.095  -4.481  1.00 19.10 ? 98  LEU A CA  1 
ATOM   735  C  C   . LEU A 1 100 ? -7.328  -5.244  -3.724  1.00 18.53 ? 98  LEU A C   1 
ATOM   736  O  O   . LEU A 1 100 ? -8.121  -6.068  -4.284  1.00 17.36 ? 98  LEU A O   1 
ATOM   737  C  CB  . LEU A 1 100 ? -7.693  -2.933  -4.725  1.00 20.97 ? 98  LEU A CB  1 
ATOM   738  C  CG  . LEU A 1 100 ? -8.256  -2.173  -3.495  1.00 22.63 ? 98  LEU A CG  1 
ATOM   739  C  CD1 . LEU A 1 100 ? -7.152  -1.464  -2.749  1.00 20.25 ? 98  LEU A CD1 1 
ATOM   740  C  CD2 . LEU A 1 100 ? -9.353  -1.165  -3.942  1.00 24.85 ? 98  LEU A CD2 1 
ATOM   741  N  N   . MET A 1 101 ? -6.952  -5.306  -2.445  1.00 18.42 ? 99  MET A N   1 
ATOM   742  C  CA  . MET A 1 101 ? -7.282  -6.478  -1.541  1.00 18.86 ? 99  MET A CA  1 
ATOM   743  C  C   . MET A 1 101 ? -8.109  -5.935  -0.368  1.00 19.22 ? 99  MET A C   1 
ATOM   744  O  O   . MET A 1 101 ? -7.729  -4.967  0.243   1.00 18.66 ? 99  MET A O   1 
ATOM   745  C  CB  . MET A 1 101 ? -5.977  -7.033  -1.006  1.00 17.20 ? 99  MET A CB  1 
ATOM   746  C  CG  . MET A 1 101 ? -5.200  -7.760  -2.118  1.00 19.53 ? 99  MET A CG  1 
ATOM   747  S  SD  . MET A 1 101 ? -3.671  -8.521  -1.535  1.00 22.04 ? 99  MET A SD  1 
ATOM   748  C  CE  . MET A 1 101 ? -2.774  -7.168  -0.711  1.00 21.59 ? 99  MET A CE  1 
ATOM   749  N  N   . LEU A 1 102 ? -9.240  -6.527  -0.078  1.00 19.82 ? 100 LEU A N   1 
ATOM   750  C  CA  . LEU A 1 102 ? -10.131 -5.896  0.895   1.00 21.99 ? 100 LEU A CA  1 
ATOM   751  C  C   . LEU A 1 102 ? -10.233 -6.752  2.167   1.00 22.37 ? 100 LEU A C   1 
ATOM   752  O  O   . LEU A 1 102 ? -10.232 -7.995  2.065   1.00 21.60 ? 100 LEU A O   1 
ATOM   753  C  CB  . LEU A 1 102 ? -11.494 -5.666  0.268   1.00 21.97 ? 100 LEU A CB  1 
ATOM   754  C  CG  . LEU A 1 102 ? -11.571 -4.900  -1.023  1.00 24.40 ? 100 LEU A CG  1 
ATOM   755  C  CD1 . LEU A 1 102 ? -13.043 -5.012  -1.445  1.00 24.15 ? 100 LEU A CD1 1 
ATOM   756  C  CD2 . LEU A 1 102 ? -11.210 -3.483  -0.628  1.00 22.23 ? 100 LEU A CD2 1 
ATOM   757  N  N   . ALA A 1 103 ? -10.299 -6.067  3.332   1.00 20.72 ? 101 ALA A N   1 
ATOM   758  C  CA  . ALA A 1 103 ? -10.473 -6.722  4.620   1.00 22.75 ? 101 ALA A CA  1 
ATOM   759  C  C   . ALA A 1 103 ? -11.530 -5.986  5.462   1.00 22.94 ? 101 ALA A C   1 
ATOM   760  O  O   . ALA A 1 103 ? -11.625 -4.746  5.390   1.00 21.31 ? 101 ALA A O   1 
ATOM   761  C  CB  . ALA A 1 103 ? -9.135  -6.734  5.359   1.00 22.74 ? 101 ALA A CB  1 
ATOM   762  N  N   . GLN A 1 104 ? -12.296 -6.736  6.245   1.00 22.98 ? 102 GLN A N   1 
ATOM   763  C  CA  . GLN A 1 104 ? -13.207 -6.104  7.230   1.00 25.53 ? 102 GLN A CA  1 
ATOM   764  C  C   . GLN A 1 104 ? -12.318 -5.450  8.258   1.00 26.15 ? 102 GLN A C   1 
ATOM   765  O  O   . GLN A 1 104 ? -11.389 -6.079  8.782   1.00 28.21 ? 102 GLN A O   1 
ATOM   766  C  CB  . GLN A 1 104 ? -14.093 -7.127  7.925   1.00 30.09 ? 102 GLN A CB  1 
ATOM   767  C  CG  . GLN A 1 104 ? -15.050 -7.904  7.048   1.00 36.17 ? 102 GLN A CG  1 
ATOM   768  C  CD  . GLN A 1 104 ? -15.984 -7.025  6.286   1.00 45.42 ? 102 GLN A CD  1 
ATOM   769  O  OE1 . GLN A 1 104 ? -16.558 -6.086  6.838   1.00 50.61 ? 102 GLN A OE1 1 
ATOM   770  N  NE2 . GLN A 1 104 ? -16.128 -7.295  4.995   1.00 42.24 ? 102 GLN A NE2 1 
ATOM   771  N  N   . GLY A 1 105 ? -12.551 -4.179  8.571   1.00 26.53 ? 103 GLY A N   1 
ATOM   772  C  CA  . GLY A 1 105 ? -11.609 -3.526  9.530   1.00 27.01 ? 103 GLY A CA  1 
ATOM   773  C  C   . GLY A 1 105 ? -11.893 -2.070  9.783   1.00 26.68 ? 103 GLY A C   1 
ATOM   774  O  O   . GLY A 1 105 ? -12.653 -1.432  9.016   1.00 25.25 ? 103 GLY A O   1 
ATOM   775  N  N   . HIS A 1 106 ? -11.331 -1.537  10.876  1.00 28.58 ? 104 HIS A N   1 
ATOM   776  C  CA  . HIS A 1 106 ? -11.367 -0.055  11.113  1.00 33.22 ? 104 HIS A CA  1 
ATOM   777  C  C   . HIS A 1 106 ? -10.674 0.730   10.036  1.00 36.45 ? 104 HIS A C   1 
ATOM   778  O  O   . HIS A 1 106 ? -9.523  0.425   9.680   1.00 33.69 ? 104 HIS A O   1 
ATOM   779  C  CB  . HIS A 1 106 ? -10.765 0.413   12.435  1.00 34.72 ? 104 HIS A CB  1 
ATOM   780  C  CG  . HIS A 1 106 ? -10.833 1.924   12.598  1.00 38.82 ? 104 HIS A CG  1 
ATOM   781  N  ND1 . HIS A 1 106 ? -12.024 2.604   12.590  1.00 41.75 ? 104 HIS A ND1 1 
ATOM   782  C  CD2 . HIS A 1 106 ? -9.830  2.898   12.641  1.00 39.03 ? 104 HIS A CD2 1 
ATOM   783  C  CE1 . HIS A 1 106 ? -11.788 3.942   12.680  1.00 42.02 ? 104 HIS A CE1 1 
ATOM   784  N  NE2 . HIS A 1 106 ? -10.444 4.121   12.731  1.00 41.06 ? 104 HIS A NE2 1 
ATOM   785  N  N   . SER A 1 107 ? -11.335 1.803   9.607   1.00 35.41 ? 105 SER A N   1 
ATOM   786  C  CA  . SER A 1 107 ? -10.789 2.705   8.602   1.00 36.87 ? 105 SER A CA  1 
ATOM   787  C  C   . SER A 1 107 ? -11.227 4.158   8.785   1.00 36.97 ? 105 SER A C   1 
ATOM   788  O  O   . SER A 1 107 ? -12.440 4.428   8.930   1.00 32.00 ? 105 SER A O   1 
ATOM   789  C  CB  . SER A 1 107 ? -11.151 2.216   7.205   1.00 40.84 ? 105 SER A CB  1 
ATOM   790  O  OG  . SER A 1 107 ? -10.795 3.158   6.207   1.00 49.13 ? 105 SER A OG  1 
ATOM   791  N  N   . GLU A 1 108 ? -10.224 5.062   8.797   1.00 32.86 ? 106 GLU A N   1 
ATOM   792  C  CA  . GLU A 1 108 ? -10.415 6.527   8.885   1.00 39.52 ? 106 GLU A CA  1 
ATOM   793  C  C   . GLU A 1 108 ? -9.476  7.243   7.907   1.00 40.50 ? 106 GLU A C   1 
ATOM   794  O  O   . GLU A 1 108 ? -8.405  6.712   7.627   1.00 36.10 ? 106 GLU A O   1 
ATOM   795  C  CB  . GLU A 1 108 ? -10.016 7.007   10.262  1.00 32.85 ? 106 GLU A CB  1 
ATOM   796  C  CG  . GLU A 1 108 ? -11.025 6.720   11.326  1.00 39.40 ? 106 GLU A CG  1 
ATOM   797  C  CD  . GLU A 1 108 ? -10.615 7.336   12.660  1.00 38.94 ? 106 GLU A CD  1 
ATOM   798  O  OE1 . GLU A 1 108 ? -10.121 8.475   12.641  1.00 41.43 ? 106 GLU A OE1 1 
ATOM   799  O  OE2 . GLU A 1 108 ? -10.825 6.718   13.720  1.00 41.23 ? 106 GLU A OE2 1 
ATOM   800  N  N   . PRO A 1 109 ? -9.861  8.438   7.384   1.00 46.77 ? 107 PRO A N   1 
ATOM   801  C  CA  . PRO A 1 109 ? -8.860  9.228   6.622   1.00 44.63 ? 107 PRO A CA  1 
ATOM   802  C  C   . PRO A 1 109 ? -7.529  9.402   7.392   1.00 36.83 ? 107 PRO A C   1 
ATOM   803  O  O   . PRO A 1 109 ? -7.516  9.583   8.605   1.00 36.90 ? 107 PRO A O   1 
ATOM   804  C  CB  . PRO A 1 109 ? -9.587  10.566  6.369   1.00 45.24 ? 107 PRO A CB  1 
ATOM   805  C  CG  . PRO A 1 109 ? -11.035 10.102  6.255   1.00 40.63 ? 107 PRO A CG  1 
ATOM   806  C  CD  . PRO A 1 109 ? -11.180 9.118   7.381   1.00 41.34 ? 107 PRO A CD  1 
ATOM   807  N  N   . GLY A 1 110 ? -6.420  9.212   6.694   1.00 33.77 ? 108 GLY A N   1 
ATOM   808  C  CA  . GLY A 1 110 ? -5.131  9.231   7.383   1.00 31.85 ? 108 GLY A CA  1 
ATOM   809  C  C   . GLY A 1 110 ? -4.559  7.824   7.617   1.00 27.71 ? 108 GLY A C   1 
ATOM   810  O  O   . GLY A 1 110 ? -3.383  7.675   7.986   1.00 31.47 ? 108 GLY A O   1 
ATOM   811  N  N   . ASP A 1 111 ? -5.388  6.780   7.430   1.00 26.58 ? 109 ASP A N   1 
ATOM   812  C  CA  . ASP A 1 111 ? -4.895  5.440   7.547   1.00 25.83 ? 109 ASP A CA  1 
ATOM   813  C  C   . ASP A 1 111 ? -4.123  5.009   6.327   1.00 21.74 ? 109 ASP A C   1 
ATOM   814  O  O   . ASP A 1 111 ? -3.364  4.015   6.445   1.00 20.60 ? 109 ASP A O   1 
ATOM   815  C  CB  . ASP A 1 111 ? -6.028  4.402   7.831   1.00 27.70 ? 109 ASP A CB  1 
ATOM   816  C  CG  . ASP A 1 111 ? -6.562  4.477   9.261   1.00 32.59 ? 109 ASP A CG  1 
ATOM   817  O  OD1 . ASP A 1 111 ? -5.978  5.222   10.049  1.00 33.26 ? 109 ASP A OD1 1 
ATOM   818  O  OD2 . ASP A 1 111 ? -7.569  3.796   9.579   1.00 30.98 ? 109 ASP A OD2 1 
ATOM   819  N  N   . ALA A 1 112 ? -4.275  5.702   5.167   1.00 21.34 ? 110 ALA A N   1 
ATOM   820  C  CA  . ALA A 1 112 ? -3.470  5.318   4.005   1.00 22.41 ? 110 ALA A CA  1 
ATOM   821  C  C   . ALA A 1 112 ? -1.960  5.389   4.312   1.00 24.17 ? 110 ALA A C   1 
ATOM   822  O  O   . ALA A 1 112 ? -1.539  6.317   5.006   1.00 21.44 ? 110 ALA A O   1 
ATOM   823  C  CB  . ALA A 1 112 ? -3.806  6.189   2.799   1.00 19.80 ? 110 ALA A CB  1 
ATOM   824  N  N   . GLY A 1 113 ? -1.148  4.437   3.864   1.00 25.45 ? 111 GLY A N   1 
ATOM   825  C  CA  . GLY A 1 113 ? 0.270   4.489   4.242   1.00 27.06 ? 111 GLY A CA  1 
ATOM   826  C  C   . GLY A 1 113 ? 0.650   3.383   5.205   1.00 26.64 ? 111 GLY A C   1 
ATOM   827  O  O   . GLY A 1 113 ? 1.844   3.019   5.336   1.00 24.06 ? 111 GLY A O   1 
ATOM   828  N  N   . GLY A 1 114 ? -0.351  2.864   5.908   1.00 24.83 ? 112 GLY A N   1 
ATOM   829  C  CA  . GLY A 1 114 ? -0.099  1.798   6.860   1.00 25.49 ? 112 GLY A CA  1 
ATOM   830  C  C   . GLY A 1 114 ? 0.325   0.529   6.134   1.00 27.61 ? 112 GLY A C   1 
ATOM   831  O  O   . GLY A 1 114 ? -0.212  0.205   5.033   1.00 23.00 ? 112 GLY A O   1 
ATOM   832  N  N   . ILE A 1 115 ? 1.348   -0.146  6.699   1.00 26.58 ? 113 ILE A N   1 
ATOM   833  C  CA  . ILE A 1 115 ? 2.035   -1.211  5.945   1.00 26.48 ? 113 ILE A CA  1 
ATOM   834  C  C   . ILE A 1 115 ? 1.450   -2.535  6.390   1.00 24.16 ? 113 ILE A C   1 
ATOM   835  O  O   . ILE A 1 115 ? 1.241   -2.752  7.620   1.00 30.96 ? 113 ILE A O   1 
ATOM   836  C  CB  . ILE A 1 115 ? 3.567   -1.184  6.099   1.00 26.41 ? 113 ILE A CB  1 
ATOM   837  C  CG1 . ILE A 1 115 ? 4.152   0.091   5.477   1.00 31.42 ? 113 ILE A CG1 1 
ATOM   838  C  CG2 . ILE A 1 115 ? 4.249   -2.344  5.305   1.00 27.93 ? 113 ILE A CG2 1 
ATOM   839  C  CD1 . ILE A 1 115 ? 5.643   0.272   5.779   1.00 34.38 ? 113 ILE A CD1 1 
ATOM   840  N  N   . LEU A 1 116 ? 1.100   -3.387  5.420   1.00 21.96 ? 114 LEU A N   1 
ATOM   841  C  CA  . LEU A 1 116 ? 0.548   -4.732  5.700   1.00 21.20 ? 114 LEU A CA  1 
ATOM   842  C  C   . LEU A 1 116 ? 1.693   -5.783  5.491   1.00 25.29 ? 114 LEU A C   1 
ATOM   843  O  O   . LEU A 1 116 ? 2.443   -5.740  4.453   1.00 24.42 ? 114 LEU A O   1 
ATOM   844  C  CB  . LEU A 1 116 ? -0.631  -5.039  4.742   1.00 24.32 ? 114 LEU A CB  1 
ATOM   845  C  CG  . LEU A 1 116 ? -1.219  -6.469  4.621   1.00 24.54 ? 114 LEU A CG  1 
ATOM   846  C  CD1 . LEU A 1 116 ? -1.938  -6.962  5.899   1.00 27.12 ? 114 LEU A CD1 1 
ATOM   847  C  CD2 . LEU A 1 116 ? -2.188  -6.592  3.416   1.00 20.25 ? 114 LEU A CD2 1 
ATOM   848  N  N   . ARG A 1 117 ? 1.824   -6.723  6.430   1.00 28.76 ? 115 ARG A N   1 
ATOM   849  C  CA  . ARG A 1 117 ? 2.933   -7.682  6.446   1.00 26.54 ? 115 ARG A CA  1 
ATOM   850  C  C   . ARG A 1 117 ? 2.432   -9.060  6.750   1.00 26.02 ? 115 ARG A C   1 
ATOM   851  O  O   . ARG A 1 117 ? 1.452   -9.210  7.413   1.00 31.70 ? 115 ARG A O   1 
ATOM   852  C  CB  . ARG A 1 117 ? 3.980   -7.322  7.524   1.00 33.23 ? 115 ARG A CB  1 
ATOM   853  C  CG  . ARG A 1 117 ? 4.815   -6.073  7.261   1.00 32.92 ? 115 ARG A CG  1 
ATOM   854  C  CD  . ARG A 1 117 ? 5.584   -5.646  8.524   1.00 36.37 ? 115 ARG A CD  1 
ATOM   855  N  NE  . ARG A 1 117 ? 5.710   -4.177  8.557   1.00 45.66 ? 115 ARG A NE  1 
ATOM   856  C  CZ  . ARG A 1 117 ? 6.665   -3.465  7.928   1.00 40.51 ? 115 ARG A CZ  1 
ATOM   857  N  NH1 . ARG A 1 117 ? 7.609   -4.075  7.246   1.00 41.67 ? 115 ARG A NH1 1 
ATOM   858  N  NH2 . ARG A 1 117 ? 6.696   -2.141  7.996   1.00 46.30 ? 115 ARG A NH2 1 
ATOM   859  N  N   . CYS A 1 118 ? 3.148   -10.082 6.288   1.00 29.58 ? 116 CYS A N   1 
ATOM   860  C  CA  . CYS A 1 118 ? 2.831   -11.486 6.689   1.00 28.39 ? 116 CYS A CA  1 
ATOM   861  C  C   . CYS A 1 118 ? 4.216   -12.067 7.110   1.00 24.69 ? 116 CYS A C   1 
ATOM   862  O  O   . CYS A 1 118 ? 5.225   -11.372 7.180   1.00 28.36 ? 116 CYS A O   1 
ATOM   863  C  CB  . CYS A 1 118 ? 2.170   -12.238 5.492   1.00 26.24 ? 116 CYS A CB  1 
ATOM   864  S  SG  . CYS A 1 118 ? 3.405   -12.384 4.127   1.00 30.80 ? 116 CYS A SG  1 
ATOM   865  N  N   . GLN A 1 119 ? 4.287   -13.312 7.441   1.00 30.71 ? 117 GLN A N   1 
ATOM   866  C  CA  . GLN A 1 119 ? 5.584   -13.865 7.829   1.00 31.93 ? 117 GLN A CA  1 
ATOM   867  C  C   . GLN A 1 119 ? 6.667   -13.740 6.741   1.00 38.53 ? 117 GLN A C   1 
ATOM   868  O  O   . GLN A 1 119 ? 7.842   -13.685 7.050   1.00 37.21 ? 117 GLN A O   1 
ATOM   869  C  CB  . GLN A 1 119 ? 5.367   -15.334 8.155   1.00 34.67 ? 117 GLN A CB  1 
ATOM   870  C  CG  . GLN A 1 119 ? 4.587   -16.043 7.081   1.00 38.51 ? 117 GLN A CG  1 
ATOM   871  C  CD  . GLN A 1 119 ? 4.425   -17.510 7.346   1.00 53.01 ? 117 GLN A CD  1 
ATOM   872  O  OE1 . GLN A 1 119 ? 5.399   -18.175 7.739   1.00 58.51 ? 117 GLN A OE1 1 
ATOM   873  N  NE2 . GLN A 1 119 ? 3.203   -18.051 7.105   1.00 47.73 ? 117 GLN A NE2 1 
ATOM   874  N  N   . HIS A 1 120 ? 6.284   -13.725 5.459   1.00 36.14 ? 118 HIS A N   1 
ATOM   875  C  CA  . HIS A 1 120 ? 7.259   -13.552 4.385   1.00 31.93 ? 118 HIS A CA  1 
ATOM   876  C  C   . HIS A 1 120 ? 7.772   -12.143 4.121   1.00 34.39 ? 118 HIS A C   1 
ATOM   877  O  O   . HIS A 1 120 ? 8.734   -12.003 3.349   1.00 40.24 ? 118 HIS A O   1 
ATOM   878  C  CB  . HIS A 1 120 ? 6.774   -14.190 3.087   1.00 32.62 ? 118 HIS A CB  1 
ATOM   879  C  CG  . HIS A 1 120 ? 6.230   -15.584 3.255   1.00 41.27 ? 118 HIS A CG  1 
ATOM   880  N  ND1 . HIS A 1 120 ? 4.908   -15.853 3.219   1.00 40.36 ? 118 HIS A ND1 1 
ATOM   881  C  CD2 . HIS A 1 120 ? 6.867   -16.802 3.447   1.00 41.36 ? 118 HIS A CD2 1 
ATOM   882  C  CE1 . HIS A 1 120 ? 4.684   -17.148 3.377   1.00 38.43 ? 118 HIS A CE1 1 
ATOM   883  N  NE2 . HIS A 1 120 ? 5.887   -17.743 3.561   1.00 46.45 ? 118 HIS A NE2 1 
ATOM   884  N  N   . GLY A 1 121 ? 7.211   -11.104 4.766   1.00 29.75 ? 119 GLY A N   1 
ATOM   885  C  CA  . GLY A 1 121 ? 7.682   -9.694  4.585   1.00 27.97 ? 119 GLY A CA  1 
ATOM   886  C  C   . GLY A 1 121 ? 6.496   -8.796  4.218   1.00 27.59 ? 119 GLY A C   1 
ATOM   887  O  O   . GLY A 1 121 ? 5.305   -9.121  4.535   1.00 31.83 ? 119 GLY A O   1 
ATOM   888  N  N   . VAL A 1 122 ? 6.771   -7.756  3.434   1.00 26.06 ? 120 VAL A N   1 
ATOM   889  C  CA  . VAL A 1 122 ? 5.731   -6.742  3.168   1.00 26.50 ? 120 VAL A CA  1 
ATOM   890  C  C   . VAL A 1 122 ? 4.782   -7.260  2.064   1.00 27.43 ? 120 VAL A C   1 
ATOM   891  O  O   . VAL A 1 122 ? 5.237   -7.751  0.988   1.00 27.35 ? 120 VAL A O   1 
ATOM   892  C  CB  . VAL A 1 122 ? 6.355   -5.401  2.681   1.00 29.27 ? 120 VAL A CB  1 
ATOM   893  C  CG1 . VAL A 1 122 ? 5.269   -4.465  2.061   1.00 28.46 ? 120 VAL A CG1 1 
ATOM   894  C  CG2 . VAL A 1 122 ? 7.137   -4.707  3.792   1.00 25.49 ? 120 VAL A CG2 1 
ATOM   895  N  N   . VAL A 1 123 ? 3.482   -7.135  2.327   1.00 23.75 ? 121 VAL A N   1 
ATOM   896  C  CA  . VAL A 1 123 ? 2.441   -7.592  1.407   1.00 25.81 ? 121 VAL A CA  1 
ATOM   897  C  C   . VAL A 1 123 ? 1.858   -6.392  0.617   1.00 26.71 ? 121 VAL A C   1 
ATOM   898  O  O   . VAL A 1 123 ? 1.624   -6.480  -0.593  1.00 25.23 ? 121 VAL A O   1 
ATOM   899  C  CB  . VAL A 1 123 ? 1.359   -8.374  2.159   1.00 23.73 ? 121 VAL A CB  1 
ATOM   900  C  CG1 . VAL A 1 123 ? 0.094   -8.598  1.299   1.00 22.28 ? 121 VAL A CG1 1 
ATOM   901  C  CG2 . VAL A 1 123 ? 1.911   -9.742  2.673   1.00 24.29 ? 121 VAL A CG2 1 
ATOM   902  N  N   . GLY A 1 124 ? 1.548   -5.303  1.307   1.00 21.95 ? 122 GLY A N   1 
ATOM   903  C  CA  . GLY A 1 124 ? 0.827   -4.220  0.681   1.00 22.69 ? 122 GLY A CA  1 
ATOM   904  C  C   . GLY A 1 124 ? 0.794   -2.986  1.574   1.00 24.27 ? 122 GLY A C   1 
ATOM   905  O  O   . GLY A 1 124 ? 1.514   -2.920  2.561   1.00 24.17 ? 122 GLY A O   1 
ATOM   906  N  N   . ILE A 1 125 ? 0.024   -1.988  1.157   1.00 19.24 ? 123 ILE A N   1 
ATOM   907  C  CA  . ILE A 1 125 ? -0.011  -0.738  1.863   1.00 21.28 ? 123 ILE A CA  1 
ATOM   908  C  C   . ILE A 1 125 ? -1.484  -0.254  1.790   1.00 21.63 ? 123 ILE A C   1 
ATOM   909  O  O   . ILE A 1 125 ? -2.163  -0.409  0.736   1.00 21.69 ? 123 ILE A O   1 
ATOM   910  C  CB  . ILE A 1 125 ? 1.027   0.264   1.252   1.00 21.64 ? 123 ILE A CB  1 
ATOM   911  C  CG1 . ILE A 1 125 ? 1.057   1.569   2.053   1.00 23.97 ? 123 ILE A CG1 1 
ATOM   912  C  CG2 . ILE A 1 125 ? 0.670   0.598   -0.202  1.00 21.29 ? 123 ILE A CG2 1 
ATOM   913  C  CD1 . ILE A 1 125 ? 2.251   2.443   1.682   1.00 30.54 ? 123 ILE A CD1 1 
ATOM   914  N  N   . VAL A 1 126 ? -1.980  0.340   2.889   1.00 20.94 ? 124 VAL A N   1 
ATOM   915  C  CA  . VAL A 1 126 ? -3.331  0.794   2.952   1.00 19.96 ? 124 VAL A CA  1 
ATOM   916  C  C   . VAL A 1 126 ? -3.502  1.893   1.869   1.00 20.42 ? 124 VAL A C   1 
ATOM   917  O  O   . VAL A 1 126 ? -2.664  2.826   1.768   1.00 18.85 ? 124 VAL A O   1 
ATOM   918  C  CB  . VAL A 1 126 ? -3.716  1.370   4.373   1.00 21.55 ? 124 VAL A CB  1 
ATOM   919  C  CG1 . VAL A 1 126 ? -5.129  1.890   4.340   1.00 23.85 ? 124 VAL A CG1 1 
ATOM   920  C  CG2 . VAL A 1 126 ? -3.638  0.309   5.502   1.00 23.61 ? 124 VAL A CG2 1 
ATOM   921  N  N   . SER A 1 127 ? -4.611  1.823   1.130   1.00 19.75 ? 125 SER A N   1 
ATOM   922  C  CA  . SER A 1 127 ? -4.782  2.756   0.058   1.00 21.78 ? 125 SER A CA  1 
ATOM   923  C  C   . SER A 1 127 ? -6.182  3.264   0.163   1.00 21.79 ? 125 SER A C   1 
ATOM   924  O  O   . SER A 1 127 ? -6.397  4.464   -0.022  1.00 22.91 ? 125 SER A O   1 
ATOM   925  C  CB  . SER A 1 127 ? -4.512  2.061   -1.308  1.00 21.85 ? 125 SER A CB  1 
ATOM   926  O  OG  . SER A 1 127 ? -4.918  2.890   -2.403  1.00 22.02 ? 125 SER A OG  1 
ATOM   927  N  N   . THR A 1 128 ? -7.123  2.408   0.536   1.00 18.92 ? 126 THR A N   1 
ATOM   928  C  CA  . THR A 1 128 ? -8.522  2.811   0.506   1.00 25.29 ? 126 THR A CA  1 
ATOM   929  C  C   . THR A 1 128 ? -9.202  2.370   1.797   1.00 26.87 ? 126 THR A C   1 
ATOM   930  O  O   . THR A 1 128 ? -8.648  1.573   2.606   1.00 23.26 ? 126 THR A O   1 
ATOM   931  C  CB  . THR A 1 128 ? -9.394  2.214   -0.668  1.00 30.39 ? 126 THR A CB  1 
ATOM   932  O  OG1 . THR A 1 128 ? -9.590  0.804   -0.503  1.00 27.54 ? 126 THR A OG1 1 
ATOM   933  C  CG2 . THR A 1 128 ? -8.876  2.457   -2.045  1.00 24.91 ? 126 THR A CG2 1 
ATOM   934  N  N   . GLY A 1 129 ? -10.417 2.879   1.971   1.00 27.75 ? 127 GLY A N   1 
ATOM   935  C  CA  . GLY A 1 129 ? -11.199 2.586   3.182   1.00 35.54 ? 127 GLY A CA  1 
ATOM   936  C  C   . GLY A 1 129 ? -12.643 3.074   3.074   1.00 36.59 ? 127 GLY A C   1 
ATOM   937  O  O   . GLY A 1 129 ? -12.968 3.853   2.172   1.00 31.50 ? 127 GLY A O   1 
ATOM   938  N  N   . GLY A 1 130 ? -13.518 2.563   3.943   1.00 35.44 ? 128 GLY A N   1 
ATOM   939  C  CA  . GLY A 1 130 ? -14.926 2.945   3.884   1.00 33.92 ? 128 GLY A CA  1 
ATOM   940  C  C   . GLY A 1 130 ? -15.866 1.770   3.958   1.00 33.70 ? 128 GLY A C   1 
ATOM   941  O  O   . GLY A 1 130 ? -15.520 0.615   3.615   1.00 28.63 ? 128 GLY A O   1 
ATOM   942  N  N   . ASN A 1 131 ? -17.051 2.052   4.499   1.00 28.27 ? 129 ASN A N   1 
ATOM   943  C  CA  . ASN A 1 131 ? -18.087 1.072   4.600   1.00 27.73 ? 129 ASN A CA  1 
ATOM   944  C  C   . ASN A 1 131 ? -17.600 -0.161  5.341   1.00 26.20 ? 129 ASN A C   1 
ATOM   945  O  O   . ASN A 1 131 ? -18.082 -1.251  5.062   1.00 29.52 ? 129 ASN A O   1 
ATOM   946  C  CB  . ASN A 1 131 ? -18.611 0.743   3.188   1.00 35.22 ? 129 ASN A CB  1 
ATOM   947  C  CG  . ASN A 1 131 ? -19.933 -0.025  3.218   1.00 47.72 ? 129 ASN A CG  1 
ATOM   948  O  OD1 . ASN A 1 131 ? -20.662 -0.041  4.235   1.00 50.67 ? 129 ASN A OD1 1 
ATOM   949  N  ND2 . ASN A 1 131 ? -20.257 -0.675  2.104   1.00 55.47 ? 129 ASN A ND2 1 
ATOM   950  N  N   . GLY A 1 132 ? -16.697 0.009   6.318   1.00 24.73 ? 130 GLY A N   1 
ATOM   951  C  CA  . GLY A 1 132 ? -16.278 -1.125  7.135   1.00 27.58 ? 130 GLY A CA  1 
ATOM   952  C  C   . GLY A 1 132 ? -15.249 -2.053  6.473   1.00 27.66 ? 130 GLY A C   1 
ATOM   953  O  O   . GLY A 1 132 ? -15.044 -3.158  6.926   1.00 22.42 ? 130 GLY A O   1 
ATOM   954  N  N   . LEU A 1 133 ? -14.580 -1.555  5.417   1.00 24.50 ? 131 LEU A N   1 
ATOM   955  C  CA  . LEU A 1 133 ? -13.560 -2.296  4.676   1.00 25.45 ? 131 LEU A CA  1 
ATOM   956  C  C   . LEU A 1 133 ? -12.262 -1.488  4.655   1.00 25.31 ? 131 LEU A C   1 
ATOM   957  O  O   . LEU A 1 133 ? -12.318 -0.256  4.697   1.00 26.34 ? 131 LEU A O   1 
ATOM   958  C  CB  . LEU A 1 133 ? -14.030 -2.562  3.222   1.00 24.70 ? 131 LEU A CB  1 
ATOM   959  C  CG  . LEU A 1 133 ? -15.317 -3.425  3.110   1.00 26.32 ? 131 LEU A CG  1 
ATOM   960  C  CD1 . LEU A 1 133 ? -15.908 -3.417  1.688   1.00 30.02 ? 131 LEU A CD1 1 
ATOM   961  C  CD2 . LEU A 1 133 ? -15.071 -4.842  3.541   1.00 27.17 ? 131 LEU A CD2 1 
ATOM   962  N  N   . VAL A 1 134 ? -11.108 -2.170  4.646   1.00 24.43 ? 132 VAL A N   1 
ATOM   963  C  CA  . VAL A 1 134 ? -9.829  -1.514  4.492   1.00 21.59 ? 132 VAL A CA  1 
ATOM   964  C  C   . VAL A 1 134 ? -9.281  -2.112  3.209   1.00 19.72 ? 132 VAL A C   1 
ATOM   965  O  O   . VAL A 1 134 ? -9.312  -3.359  3.038   1.00 21.43 ? 132 VAL A O   1 
ATOM   966  C  CB  . VAL A 1 134 ? -8.867  -1.911  5.616   1.00 23.15 ? 132 VAL A CB  1 
ATOM   967  C  CG1 . VAL A 1 134 ? -7.526  -1.180  5.475   1.00 20.62 ? 132 VAL A CG1 1 
ATOM   968  C  CG2 . VAL A 1 134 ? -9.432  -1.591  6.970   1.00 27.00 ? 132 VAL A CG2 1 
ATOM   969  N  N   . GLY A 1 135 ? -8.889  -1.286  2.257   1.00 20.75 ? 133 GLY A N   1 
ATOM   970  C  CA  . GLY A 1 135 ? -8.346  -1.800  0.962   1.00 20.21 ? 133 GLY A CA  1 
ATOM   971  C  C   . GLY A 1 135 ? -6.814  -1.612  0.920   1.00 20.41 ? 133 GLY A C   1 
ATOM   972  O  O   . GLY A 1 135 ? -6.301  -0.497  1.125   1.00 18.80 ? 133 GLY A O   1 
ATOM   973  N  N   . PHE A 1 136 ? -6.075  -2.695  0.649   1.00 18.36 ? 134 PHE A N   1 
ATOM   974  C  CA  . PHE A 1 136 ? -4.668  -2.569  0.628   1.00 17.92 ? 134 PHE A CA  1 
ATOM   975  C  C   . PHE A 1 136 ? -4.251  -2.745  -0.842  1.00 18.90 ? 134 PHE A C   1 
ATOM   976  O  O   . PHE A 1 136 ? -4.749  -3.661  -1.550  1.00 22.11 ? 134 PHE A O   1 
ATOM   977  C  CB  . PHE A 1 136 ? -4.031  -3.754  1.405   1.00 19.41 ? 134 PHE A CB  1 
ATOM   978  C  CG  . PHE A 1 136 ? -4.502  -3.857  2.849   1.00 18.19 ? 134 PHE A CG  1 
ATOM   979  C  CD1 . PHE A 1 136 ? -3.887  -3.115  3.830   1.00 20.81 ? 134 PHE A CD1 1 
ATOM   980  C  CD2 . PHE A 1 136 ? -5.533  -4.710  3.192   1.00 19.14 ? 134 PHE A CD2 1 
ATOM   981  C  CE1 . PHE A 1 136 ? -4.282  -3.210  5.176   1.00 20.73 ? 134 PHE A CE1 1 
ATOM   982  C  CE2 . PHE A 1 136 ? -5.973  -4.806  4.542   1.00 23.92 ? 134 PHE A CE2 1 
ATOM   983  C  CZ  . PHE A 1 136 ? -5.323  -4.063  5.518   1.00 23.72 ? 134 PHE A CZ  1 
ATOM   984  N  N   . ALA A 1 137 ? -3.305  -1.954  -1.259  1.00 18.16 ? 135 ALA A N   1 
ATOM   985  C  CA  . ALA A 1 137 ? -2.718  -2.068  -2.623  1.00 18.61 ? 135 ALA A CA  1 
ATOM   986  C  C   . ALA A 1 137 ? -1.611  -3.135  -2.524  1.00 17.37 ? 135 ALA A C   1 
ATOM   987  O  O   . ALA A 1 137 ? -0.653  -3.001  -1.681  1.00 19.61 ? 135 ALA A O   1 
ATOM   988  C  CB  . ALA A 1 137 ? -2.102  -0.717  -3.007  1.00 18.44 ? 135 ALA A CB  1 
ATOM   989  N  N   . ASP A 1 138 ? -1.793  -4.237  -3.237  1.00 18.09 ? 136 ASP A N   1 
ATOM   990  C  CA  . ASP A 1 138 ? -0.841  -5.362  -3.194  1.00 19.42 ? 136 ASP A CA  1 
ATOM   991  C  C   . ASP A 1 138 ? 0.497   -4.897  -3.877  1.00 19.30 ? 136 ASP A C   1 
ATOM   992  O  O   . ASP A 1 138 ? 0.475   -4.142  -4.857  1.00 17.50 ? 136 ASP A O   1 
ATOM   993  C  CB  . ASP A 1 138 ? -1.489  -6.569  -3.887  1.00 18.30 ? 136 ASP A CB  1 
ATOM   994  C  CG  . ASP A 1 138 ? -0.647  -7.809  -3.854  1.00 20.39 ? 136 ASP A CG  1 
ATOM   995  O  OD1 . ASP A 1 138 ? -0.920  -8.719  -4.623  1.00 24.30 ? 136 ASP A OD1 1 
ATOM   996  O  OD2 . ASP A 1 138 ? 0.294   -7.918  -3.091  1.00 21.17 ? 136 ASP A OD2 1 
ATOM   997  N  N   . VAL A 1 139 ? 1.657   -5.271  -3.297  1.00 21.35 ? 137 VAL A N   1 
ATOM   998  C  CA  . VAL A 1 139 ? 2.968   -4.921  -3.962  1.00 19.97 ? 137 VAL A CA  1 
ATOM   999  C  C   . VAL A 1 139 ? 3.736   -6.204  -4.321  1.00 22.00 ? 137 VAL A C   1 
ATOM   1000 O  O   . VAL A 1 139 ? 4.856   -6.128  -4.853  1.00 21.27 ? 137 VAL A O   1 
ATOM   1001 C  CB  . VAL A 1 139 ? 3.845   -3.977  -3.086  1.00 20.39 ? 137 VAL A CB  1 
ATOM   1002 C  CG1 . VAL A 1 139 ? 3.112   -2.590  -2.872  1.00 19.26 ? 137 VAL A CG1 1 
ATOM   1003 C  CG2 . VAL A 1 139 ? 4.183   -4.648  -1.732  1.00 18.92 ? 137 VAL A CG2 1 
ATOM   1004 N  N   . ARG A 1 140 ? 3.128   -7.380  -4.120  1.00 19.63 ? 138 ARG A N   1 
ATOM   1005 C  CA  . ARG A 1 140 ? 3.933   -8.606  -4.256  1.00 22.28 ? 138 ARG A CA  1 
ATOM   1006 C  C   . ARG A 1 140 ? 4.380   -8.979  -5.673  1.00 21.13 ? 138 ARG A C   1 
ATOM   1007 O  O   . ARG A 1 140 ? 5.248   -9.833  -5.854  1.00 19.44 ? 138 ARG A O   1 
ATOM   1008 C  CB  . ARG A 1 140 ? 3.302   -9.816  -3.560  1.00 21.81 ? 138 ARG A CB  1 
ATOM   1009 C  CG  . ARG A 1 140 ? 3.110   -9.535  -2.041  1.00 22.74 ? 138 ARG A CG  1 
ATOM   1010 C  CD  . ARG A 1 140 ? 2.236   -10.663 -1.508  1.00 20.67 ? 138 ARG A CD  1 
ATOM   1011 N  NE  . ARG A 1 140 ? 0.839   -10.442 -1.847  1.00 23.51 ? 138 ARG A NE  1 
ATOM   1012 C  CZ  . ARG A 1 140 ? -0.130  -11.227 -1.411  1.00 21.71 ? 138 ARG A CZ  1 
ATOM   1013 N  NH1 . ARG A 1 140 ? 0.196   -12.272 -0.624  1.00 22.72 ? 138 ARG A NH1 1 
ATOM   1014 N  NH2 . ARG A 1 140 ? -1.394  -11.010 -1.765  1.00 19.81 ? 138 ARG A NH2 1 
ATOM   1015 N  N   . ASP A 1 141 ? 3.777   -8.374  -6.664  1.00 20.38 ? 139 ASP A N   1 
ATOM   1016 C  CA  . ASP A 1 141 ? 4.171   -8.674  -8.028  1.00 21.56 ? 139 ASP A CA  1 
ATOM   1017 C  C   . ASP A 1 141 ? 5.304   -7.812  -8.482  1.00 21.70 ? 139 ASP A C   1 
ATOM   1018 O  O   . ASP A 1 141 ? 5.877   -8.024  -9.566  1.00 23.58 ? 139 ASP A O   1 
ATOM   1019 C  CB  . ASP A 1 141 ? 2.947   -8.525  -8.966  1.00 22.71 ? 139 ASP A CB  1 
ATOM   1020 C  CG  . ASP A 1 141 ? 2.325   -7.145  -8.856  1.00 20.56 ? 139 ASP A CG  1 
ATOM   1021 O  OD1 . ASP A 1 141 ? 1.879   -6.794  -7.757  1.00 21.22 ? 139 ASP A OD1 1 
ATOM   1022 O  OD2 . ASP A 1 141 ? 2.401   -6.387  -9.826  1.00 22.11 ? 139 ASP A OD2 1 
ATOM   1023 N  N   . LEU A 1 142 ? 5.673   -6.836  -7.650  1.00 20.81 ? 140 LEU A N   1 
ATOM   1024 C  CA  . LEU A 1 142 ? 6.717   -5.889  -7.981  1.00 21.02 ? 140 LEU A CA  1 
ATOM   1025 C  C   . LEU A 1 142 ? 8.097   -6.488  -7.629  1.00 21.29 ? 140 LEU A C   1 
ATOM   1026 O  O   . LEU A 1 142 ? 8.775   -6.039  -6.718  1.00 20.27 ? 140 LEU A O   1 
ATOM   1027 C  CB  . LEU A 1 142 ? 6.489   -4.534  -7.287  1.00 23.98 ? 140 LEU A CB  1 
ATOM   1028 C  CG  . LEU A 1 142 ? 5.103   -3.899  -7.598  1.00 25.98 ? 140 LEU A CG  1 
ATOM   1029 C  CD1 . LEU A 1 142 ? 4.967   -2.556  -6.848  1.00 23.53 ? 140 LEU A CD1 1 
ATOM   1030 C  CD2 . LEU A 1 142 ? 4.897   -3.702  -9.098  1.00 22.33 ? 140 LEU A CD2 1 
ATOM   1031 N  N   . LEU A 1 143 ? 8.493   -7.520  -8.372  1.00 23.03 ? 141 LEU A N   1 
ATOM   1032 C  CA  . LEU A 1 143 ? 9.667   -8.363  -8.023  1.00 19.51 ? 141 LEU A CA  1 
ATOM   1033 C  C   . LEU A 1 143 ? 10.931  -7.545  -8.263  1.00 24.66 ? 141 LEU A C   1 
ATOM   1034 O  O   . LEU A 1 143 ? 11.925  -7.781  -7.597  1.00 23.69 ? 141 LEU A O   1 
ATOM   1035 C  CB  . LEU A 1 143 ? 9.718   -9.688  -8.847  1.00 21.54 ? 141 LEU A CB  1 
ATOM   1036 C  CG  . LEU A 1 143 ? 8.412   -10.483 -8.889  1.00 22.91 ? 141 LEU A CG  1 
ATOM   1037 C  CD1 . LEU A 1 143 ? 8.569   -11.582 -9.921  1.00 25.34 ? 141 LEU A CD1 1 
ATOM   1038 C  CD2 . LEU A 1 143 ? 8.099   -11.070 -7.497  1.00 24.65 ? 141 LEU A CD2 1 
ATOM   1039 N  N   . TRP A 1 144 ? 10.862  -6.534  -9.155  1.00 26.55 ? 142 TRP A N   1 
ATOM   1040 C  CA  . TRP A 1 144 ? 12.000  -5.641  -9.386  1.00 28.18 ? 142 TRP A CA  1 
ATOM   1041 C  C   . TRP A 1 144 ? 12.381  -4.859  -8.164  1.00 28.76 ? 142 TRP A C   1 
ATOM   1042 O  O   . TRP A 1 144 ? 13.495  -4.414  -8.044  1.00 27.58 ? 142 TRP A O   1 
ATOM   1043 C  CB  . TRP A 1 144 ? 11.770  -4.724  -10.594 1.00 27.94 ? 142 TRP A CB  1 
ATOM   1044 C  CG  . TRP A 1 144 ? 10.500  -3.911  -10.493 1.00 25.19 ? 142 TRP A CG  1 
ATOM   1045 C  CD1 . TRP A 1 144 ? 9.220   -4.272  -10.914 1.00 26.33 ? 142 TRP A CD1 1 
ATOM   1046 C  CD2 . TRP A 1 144 ? 10.365  -2.571  -9.897  1.00 25.25 ? 142 TRP A CD2 1 
ATOM   1047 N  NE1 . TRP A 1 144 ? 8.286   -3.259  -10.648 1.00 25.90 ? 142 TRP A NE1 1 
ATOM   1048 C  CE2 . TRP A 1 144 ? 8.939   -2.182  -10.046 1.00 25.22 ? 142 TRP A CE2 1 
ATOM   1049 C  CE3 . TRP A 1 144 ? 11.238  -1.683  -9.308  1.00 25.10 ? 142 TRP A CE3 1 
ATOM   1050 C  CZ2 . TRP A 1 144 ? 8.462   -0.963  -9.567  1.00 25.47 ? 142 TRP A CZ2 1 
ATOM   1051 C  CZ3 . TRP A 1 144 ? 10.748  -0.459  -8.820  1.00 22.67 ? 142 TRP A CZ3 1 
ATOM   1052 C  CH2 . TRP A 1 144 ? 9.404   -0.083  -8.996  1.00 24.71 ? 142 TRP A CH2 1 
ATOM   1053 N  N   . LEU A 1 145 ? 11.485  -4.732  -7.205  1.00 28.80 ? 143 LEU A N   1 
ATOM   1054 C  CA  . LEU A 1 145 ? 11.815  -3.997  -5.992  1.00 28.84 ? 143 LEU A CA  1 
ATOM   1055 C  C   . LEU A 1 145 ? 12.916  -4.668  -5.139  1.00 34.12 ? 143 LEU A C   1 
ATOM   1056 O  O   . LEU A 1 145 ? 13.714  -3.979  -4.502  1.00 34.07 ? 143 LEU A O   1 
ATOM   1057 C  CB  . LEU A 1 145 ? 10.562  -3.881  -5.097  1.00 27.83 ? 143 LEU A CB  1 
ATOM   1058 C  CG  . LEU A 1 145 ? 9.534   -2.852  -5.524  1.00 25.87 ? 143 LEU A CG  1 
ATOM   1059 C  CD1 . LEU A 1 145 ? 8.341   -3.071  -4.591  1.00 26.87 ? 143 LEU A CD1 1 
ATOM   1060 C  CD2 . LEU A 1 145 ? 10.142  -1.442  -5.406  1.00 26.04 ? 143 LEU A CD2 1 
ATOM   1061 N  N   . ASP A 1 146 ? 12.920  -6.005  -5.099  1.00 39.16 ? 144 ASP A N   1 
ATOM   1062 C  CA  . ASP A 1 146 ? 13.841  -6.776  -4.212  1.00 42.62 ? 144 ASP A CA  1 
ATOM   1063 C  C   . ASP A 1 146 ? 14.907  -7.514  -5.106  1.00 52.48 ? 144 ASP A C   1 
ATOM   1064 O  O   . ASP A 1 146 ? 16.157  -7.464  -4.911  1.00 52.31 ? 144 ASP A O   1 
ATOM   1065 C  CB  . ASP A 1 146 ? 13.019  -7.683  -3.232  1.00 40.73 ? 144 ASP A CB  1 
ATOM   1066 C  CG  . ASP A 1 146 ? 13.528  -7.631  -1.738  1.00 45.10 ? 144 ASP A CG  1 
ATOM   1067 O  OD1 . ASP A 1 146 ? 14.645  -7.128  -1.487  1.00 42.77 ? 144 ASP A OD1 1 
ATOM   1068 O  OD2 . ASP A 1 146 ? 12.832  -8.122  -0.794  1.00 35.70 ? 144 ASP A OD2 1 
HETATM 1069 ZN ZN  . ZN  B 2 .   ? 3.291   -14.405 3.168   1.00 38.01 ? 201 ZN  A ZN  1 
HETATM 1070 O  O   . HOH C 3 .   ? -15.581 11.034  -10.345 1.00 24.69 ? 301 HOH A O   1 
HETATM 1071 O  O   . HOH C 3 .   ? 3.255   1.105   9.019   1.00 35.81 ? 302 HOH A O   1 
HETATM 1072 O  O   . HOH C 3 .   ? -6.177  -6.495  -10.067 1.00 24.23 ? 303 HOH A O   1 
HETATM 1073 O  O   . HOH C 3 .   ? 6.098   -3.830  -12.462 1.00 30.24 ? 304 HOH A O   1 
HETATM 1074 O  O   . HOH C 3 .   ? -3.738  -1.102  -5.570  1.00 18.23 ? 305 HOH A O   1 
HETATM 1075 O  O   . HOH C 3 .   ? -0.090  6.639   -13.469 1.00 28.84 ? 306 HOH A O   1 
HETATM 1076 O  O   . HOH C 3 .   ? 5.992   5.162   -14.351 1.00 25.80 ? 307 HOH A O   1 
HETATM 1077 O  O   . HOH C 3 .   ? -3.997  11.854  -6.140  1.00 20.60 ? 308 HOH A O   1 
HETATM 1078 O  O   . HOH C 3 .   ? 1.123   12.688  -5.848  1.00 33.42 ? 309 HOH A O   1 
HETATM 1079 O  O   . HOH C 3 .   ? 1.231   -12.921 -4.619  1.00 23.57 ? 310 HOH A O   1 
HETATM 1080 O  O   . HOH C 3 .   ? -3.475  -1.334  -13.109 1.00 25.45 ? 311 HOH A O   1 
HETATM 1081 O  O   . HOH C 3 .   ? -2.623  -13.752 -3.903  1.00 33.36 ? 312 HOH A O   1 
HETATM 1082 O  O   . HOH C 3 .   ? -1.394  -2.236  -5.983  1.00 20.72 ? 313 HOH A O   1 
HETATM 1083 O  O   . HOH C 3 .   ? -11.338 6.518   -7.175  1.00 22.16 ? 314 HOH A O   1 
HETATM 1084 O  O   . HOH C 3 .   ? -10.033 -7.749  -3.901  1.00 29.45 ? 315 HOH A O   1 
HETATM 1085 O  O   . HOH C 3 .   ? 10.336  -6.769  5.843   1.00 36.91 ? 316 HOH A O   1 
HETATM 1086 O  O   . HOH C 3 .   ? -0.903  -11.306 -4.861  1.00 21.18 ? 317 HOH A O   1 
HETATM 1087 O  O   . HOH C 3 .   ? -2.135  10.120  -6.970  1.00 21.46 ? 318 HOH A O   1 
HETATM 1088 O  O   . HOH C 3 .   ? -12.154 14.019  -7.091  1.00 41.01 ? 319 HOH A O   1 
HETATM 1089 O  O   . HOH C 3 .   ? -11.700 -9.677  6.542   1.00 25.06 ? 320 HOH A O   1 
HETATM 1090 O  O   . HOH C 3 .   ? 4.516   10.662  1.496   1.00 33.55 ? 321 HOH A O   1 
HETATM 1091 O  O   . HOH C 3 .   ? -3.414  0.752   -15.888 1.00 22.86 ? 322 HOH A O   1 
HETATM 1092 O  O   . HOH C 3 .   ? -11.003 5.648   16.178  1.00 44.74 ? 323 HOH A O   1 
HETATM 1093 O  O   . HOH C 3 .   ? 4.900   9.220   -14.980 1.00 45.90 ? 324 HOH A O   1 
HETATM 1094 O  O   . HOH C 3 .   ? 4.067   -6.410  -12.063 1.00 27.93 ? 325 HOH A O   1 
HETATM 1095 O  O   . HOH C 3 .   ? 0.668   14.627  -2.429  1.00 28.60 ? 326 HOH A O   1 
HETATM 1096 O  O   . HOH C 3 .   ? -0.082  -8.687  -7.093  1.00 24.24 ? 327 HOH A O   1 
HETATM 1097 O  O   . HOH C 3 .   ? -4.963  9.516   2.367   1.00 25.24 ? 328 HOH A O   1 
HETATM 1098 O  O   . HOH C 3 .   ? 2.104   6.295   1.692   1.00 22.78 ? 329 HOH A O   1 
HETATM 1099 O  O   . HOH C 3 .   ? 16.076  3.813   2.353   1.00 32.53 ? 330 HOH A O   1 
HETATM 1100 O  O   . HOH C 3 .   ? -8.215  8.164   -2.144  1.00 40.10 ? 331 HOH A O   1 
HETATM 1101 O  O   . HOH C 3 .   ? 1.141   -2.050  -12.555 1.00 26.36 ? 332 HOH A O   1 
HETATM 1102 O  O   . HOH C 3 .   ? -3.836  -8.719  -10.234 1.00 27.85 ? 333 HOH A O   1 
HETATM 1103 O  O   . HOH C 3 .   ? -6.297  5.894   -11.969 1.00 28.50 ? 334 HOH A O   1 
HETATM 1104 O  O   . HOH C 3 .   ? -3.158  2.908   8.767   1.00 26.74 ? 335 HOH A O   1 
HETATM 1105 O  O   . HOH C 3 .   ? -16.283 -3.135  -7.948  1.00 42.95 ? 336 HOH A O   1 
HETATM 1106 O  O   . HOH C 3 .   ? 9.923   12.675  0.787   1.00 36.28 ? 337 HOH A O   1 
HETATM 1107 O  O   . HOH C 3 .   ? -10.445 7.698   -4.722  1.00 29.00 ? 338 HOH A O   1 
HETATM 1108 O  O   . HOH C 3 .   ? -2.166  8.519   -14.765 1.00 50.57 ? 339 HOH A O   1 
HETATM 1109 O  O   . HOH C 3 .   ? -7.770  6.208   1.592   1.00 32.77 ? 340 HOH A O   1 
HETATM 1110 O  O   . HOH C 3 .   ? -3.101  -17.213 3.489   1.00 33.91 ? 341 HOH A O   1 
HETATM 1111 O  O   . HOH C 3 .   ? -12.267 -10.297 2.809   1.00 45.94 ? 342 HOH A O   1 
HETATM 1112 O  O   . HOH C 3 .   ? -15.528 3.315   -2.988  1.00 38.95 ? 343 HOH A O   1 
HETATM 1113 O  O   . HOH C 3 .   ? -5.954  3.139   20.105  1.00 41.70 ? 344 HOH A O   1 
HETATM 1114 O  O   . HOH C 3 .   ? -7.478  4.847   -4.602  1.00 28.46 ? 345 HOH A O   1 
HETATM 1115 O  O   . HOH C 3 .   ? 17.168  3.178   -6.834  1.00 36.18 ? 346 HOH A O   1 
HETATM 1116 O  O   . HOH C 3 .   ? 10.762  19.070  -1.588  1.00 32.19 ? 347 HOH A O   1 
HETATM 1117 O  O   . HOH C 3 .   ? 14.958  2.062   0.587   1.00 29.31 ? 348 HOH A O   1 
HETATM 1118 O  O   . HOH C 3 .   ? 11.517  -10.539 -1.507  1.00 32.23 ? 349 HOH A O   1 
HETATM 1119 O  O   . HOH C 3 .   ? -16.947 5.090   -0.719  1.00 41.59 ? 350 HOH A O   1 
HETATM 1120 O  O   . HOH C 3 .   ? 5.991   8.431   4.147   1.00 37.54 ? 351 HOH A O   1 
HETATM 1121 O  O   . HOH C 3 .   ? -5.868  -12.522 -7.374  0.50 28.06 ? 352 HOH A O   1 
HETATM 1122 O  O   . HOH C 3 .   ? 2.019   3.509   -15.035 1.00 40.14 ? 353 HOH A O   1 
HETATM 1123 O  O   . HOH C 3 .   ? -11.220 3.414   -14.330 1.00 40.18 ? 354 HOH A O   1 
HETATM 1124 O  O   . HOH C 3 .   ? -14.289 1.164   9.585   1.00 31.79 ? 355 HOH A O   1 
HETATM 1125 O  O   . HOH C 3 .   ? 6.148   17.623  -0.807  1.00 36.25 ? 356 HOH A O   1 
HETATM 1126 O  O   . HOH C 3 .   ? -6.306  7.945   4.302   1.00 37.20 ? 357 HOH A O   1 
HETATM 1127 O  O   . HOH C 3 .   ? 1.467   9.906   -14.488 1.00 39.01 ? 358 HOH A O   1 
HETATM 1128 O  O   . HOH C 3 .   ? -10.313 -13.606 -2.400  1.00 33.00 ? 359 HOH A O   1 
HETATM 1129 O  O   . HOH C 3 .   ? -2.718  9.030   5.080   1.00 38.95 ? 360 HOH A O   1 
HETATM 1130 O  O   . HOH C 3 .   ? -8.157  3.416   -13.189 1.00 32.06 ? 361 HOH A O   1 
HETATM 1131 O  O   . HOH C 3 .   ? -19.165 2.960   0.288   1.00 45.62 ? 362 HOH A O   1 
HETATM 1132 O  O   . HOH C 3 .   ? -18.370 -2.611  -9.987  1.00 36.38 ? 363 HOH A O   1 
HETATM 1133 O  O   . HOH C 3 .   ? -8.230  2.538   5.425   1.00 30.26 ? 364 HOH A O   1 
HETATM 1134 O  O   . HOH C 3 .   ? -17.985 8.566   -6.889  1.00 31.32 ? 365 HOH A O   1 
HETATM 1135 O  O   . HOH C 3 .   ? 6.999   -10.892 -4.126  1.00 26.00 ? 366 HOH A O   1 
HETATM 1136 O  O   . HOH C 3 .   ? -8.822  -6.996  13.027  1.00 44.58 ? 367 HOH A O   1 
HETATM 1137 O  O   . HOH C 3 .   ? -13.855 14.334  -3.661  1.00 44.10 ? 368 HOH A O   1 
HETATM 1138 O  O   . HOH C 3 .   ? -5.733  8.442   10.209  1.00 39.83 ? 369 HOH A O   1 
HETATM 1139 O  O   . HOH C 3 .   ? -13.378 6.683   -2.353  1.00 39.60 ? 370 HOH A O   1 
HETATM 1140 O  O   . HOH C 3 .   ? -6.267  5.941   -2.511  1.00 42.95 ? 371 HOH A O   1 
HETATM 1141 O  O   . HOH C 3 .   ? 9.150   -13.569 0.838   1.00 37.91 ? 372 HOH A O   1 
HETATM 1142 O  O   . HOH C 3 .   ? -2.460  4.399   -14.201 1.00 28.87 ? 373 HOH A O   1 
HETATM 1143 O  O   . HOH C 3 .   ? 7.116   -9.590  8.002   1.00 47.39 ? 374 HOH A O   1 
HETATM 1144 O  O   . HOH C 3 .   ? 18.000  0.213   -7.074  1.00 45.53 ? 375 HOH A O   1 
HETATM 1145 O  O   . HOH C 3 .   ? -4.520  7.142   -15.670 1.00 53.33 ? 376 HOH A O   1 
HETATM 1146 O  O   . HOH C 3 .   ? -0.944  0.326   -15.074 1.00 33.13 ? 377 HOH A O   1 
HETATM 1147 O  O   . HOH C 3 .   ? -7.457  1.342   8.282   1.00 34.89 ? 378 HOH A O   1 
HETATM 1148 O  O   . HOH C 3 .   ? 9.475   16.905  -0.555  1.00 31.17 ? 379 HOH A O   1 
HETATM 1149 O  O   . HOH C 3 .   ? 19.137  4.608   -6.664  1.00 41.34 ? 380 HOH A O   1 
HETATM 1150 O  O   . HOH C 3 .   ? 3.285   8.519   3.100   1.00 35.00 ? 381 HOH A O   1 
HETATM 1151 O  O   . HOH C 3 .   ? 1.009   -18.242 1.932   1.00 38.40 ? 382 HOH A O   1 
HETATM 1152 O  O   . HOH C 3 .   ? -7.604  8.411   -12.220 1.00 39.21 ? 383 HOH A O   1 
HETATM 1153 O  O   . HOH C 3 .   ? -5.976  -13.177 14.359  1.00 50.02 ? 384 HOH A O   1 
HETATM 1154 O  O   . HOH C 3 .   ? -9.325  7.840   -13.997 1.00 44.11 ? 385 HOH A O   1 
HETATM 1155 O  O   . HOH C 3 .   ? -5.847  -17.787 0.198   1.00 41.24 ? 386 HOH A O   1 
HETATM 1156 O  O   . HOH C 3 .   ? -3.480  -21.566 -3.682  1.00 42.59 ? 387 HOH A O   1 
HETATM 1157 O  O   . HOH C 3 .   ? -8.219  -15.860 -0.442  1.00 45.55 ? 388 HOH A O   1 
HETATM 1158 O  O   . HOH C 3 .   ? 1.868   -11.182 -6.986  1.00 27.52 ? 389 HOH A O   1 
HETATM 1159 O  O   . HOH C 3 .   ? 10.222  -7.786  -4.756  1.00 34.14 ? 390 HOH A O   1 
HETATM 1160 O  O   . HOH C 3 .   ? 15.679  -7.763  -8.825  1.00 43.77 ? 391 HOH A O   1 
HETATM 1161 O  O   . HOH C 3 .   ? -14.151 0.518   0.830   1.00 43.81 ? 392 HOH A O   1 
HETATM 1162 O  O   . HOH C 3 .   ? 8.800   0.423   6.250   1.00 36.87 ? 393 HOH A O   1 
HETATM 1163 O  O   . HOH C 3 .   ? 3.312   1.388   -14.537 1.00 53.26 ? 394 HOH A O   1 
HETATM 1164 O  O   . HOH C 3 .   ? -12.784 4.341   17.652  1.00 41.36 ? 395 HOH A O   1 
HETATM 1165 O  O   . HOH C 3 .   ? -3.426  -17.486 -1.446  1.00 40.66 ? 396 HOH A O   1 
HETATM 1166 O  O   . HOH C 3 .   ? -4.983  11.987  3.037   1.00 36.44 ? 397 HOH A O   1 
HETATM 1167 O  O   . HOH C 3 .   ? 12.242  -12.986 -7.348  1.00 51.37 ? 398 HOH A O   1 
HETATM 1168 O  O   . HOH C 3 .   ? -10.101 -8.902  8.579   1.00 45.37 ? 399 HOH A O   1 
HETATM 1169 O  O   . HOH C 3 .   ? -11.707 10.770  0.824   1.00 48.31 ? 400 HOH A O   1 
HETATM 1170 O  O   . HOH C 3 .   ? -7.507  8.559   0.736   1.00 45.47 ? 401 HOH A O   1 
HETATM 1171 O  O   . HOH C 3 .   ? 17.566  -1.445  -5.105  1.00 42.21 ? 402 HOH A O   1 
HETATM 1172 O  O   . HOH C 3 .   ? -14.621 -1.391  -1.955  1.00 38.26 ? 403 HOH A O   1 
HETATM 1173 O  O   . HOH C 3 .   ? 2.079   9.469   5.305   1.00 44.03 ? 404 HOH A O   1 
HETATM 1174 O  O   . HOH C 3 .   ? 2.221   -14.687 7.940   1.00 41.51 ? 405 HOH A O   1 
HETATM 1175 O  O   . HOH C 3 .   ? 16.367  -4.057  -4.700  1.00 46.15 ? 406 HOH A O   1 
HETATM 1176 O  O   . HOH C 3 .   ? 1.681   -12.485 10.085  1.00 43.85 ? 407 HOH A O   1 
HETATM 1177 O  O   . HOH C 3 .   ? -3.224  -12.573 11.031  1.00 43.34 ? 408 HOH A O   1 
HETATM 1178 O  O   . HOH C 3 .   ? -9.820  6.236   -2.596  1.00 32.87 ? 409 HOH A O   1 
HETATM 1179 O  O   . HOH C 3 .   ? 5.495   -18.896 -2.629  1.00 47.81 ? 410 HOH A O   1 
HETATM 1180 O  O   . HOH C 3 .   ? -12.235 0.211   -1.585  1.00 47.00 ? 411 HOH A O   1 
HETATM 1181 O  O   . HOH C 3 .   ? -13.264 2.784   -1.149  1.00 48.75 ? 412 HOH A O   1 
HETATM 1182 O  O   . HOH C 3 .   ? 16.198  15.105  -10.936 1.00 42.88 ? 413 HOH A O   1 
HETATM 1183 O  O   . HOH C 3 .   ? -17.378 -0.256  -0.416  1.00 48.79 ? 414 HOH A O   1 
HETATM 1184 O  O   . HOH C 3 .   ? -15.204 -7.448  -4.180  1.00 43.22 ? 415 HOH A O   1 
# 
